data_2Q82
# 
_entry.id   2Q82 
# 
_audit_conform.dict_name       mmcif_pdbx.dic 
_audit_conform.dict_version    5.397 
_audit_conform.dict_location   http://mmcif.pdb.org/dictionaries/ascii/mmcif_pdbx.dic 
# 
loop_
_database_2.database_id 
_database_2.database_code 
_database_2.pdbx_database_accession 
_database_2.pdbx_DOI 
PDB   2Q82         pdb_00002q82 10.2210/pdb2q82/pdb 
RCSB  RCSB043266   ?            ?                   
WWPDB D_1000043266 ?            ?                   
# 
loop_
_pdbx_audit_revision_history.ordinal 
_pdbx_audit_revision_history.data_content_type 
_pdbx_audit_revision_history.major_revision 
_pdbx_audit_revision_history.minor_revision 
_pdbx_audit_revision_history.revision_date 
1 'Structure model' 1 0 2007-08-07 
2 'Structure model' 1 1 2011-07-13 
3 'Structure model' 1 2 2017-10-18 
4 'Structure model' 1 3 2024-10-30 
# 
_pdbx_audit_revision_details.ordinal             1 
_pdbx_audit_revision_details.revision_ordinal    1 
_pdbx_audit_revision_details.data_content_type   'Structure model' 
_pdbx_audit_revision_details.provider            repository 
_pdbx_audit_revision_details.type                'Initial release' 
_pdbx_audit_revision_details.description         ? 
_pdbx_audit_revision_details.details             ? 
# 
loop_
_pdbx_audit_revision_group.ordinal 
_pdbx_audit_revision_group.revision_ordinal 
_pdbx_audit_revision_group.data_content_type 
_pdbx_audit_revision_group.group 
1 2 'Structure model' 'Version format compliance' 
2 3 'Structure model' 'Refinement description'    
3 4 'Structure model' 'Data collection'           
4 4 'Structure model' 'Database references'       
5 4 'Structure model' 'Derived calculations'      
6 4 'Structure model' 'Structure summary'         
# 
loop_
_pdbx_audit_revision_category.ordinal 
_pdbx_audit_revision_category.revision_ordinal 
_pdbx_audit_revision_category.data_content_type 
_pdbx_audit_revision_category.category 
1 3 'Structure model' software                  
2 4 'Structure model' chem_comp_atom            
3 4 'Structure model' chem_comp_bond            
4 4 'Structure model' database_2                
5 4 'Structure model' pdbx_entry_details        
6 4 'Structure model' pdbx_modification_feature 
7 4 'Structure model' struct_conn               
8 4 'Structure model' struct_ref_seq_dif        
# 
loop_
_pdbx_audit_revision_item.ordinal 
_pdbx_audit_revision_item.revision_ordinal 
_pdbx_audit_revision_item.data_content_type 
_pdbx_audit_revision_item.item 
1  3 'Structure model' '_software.classification'            
2  3 'Structure model' '_software.contact_author'            
3  3 'Structure model' '_software.contact_author_email'      
4  3 'Structure model' '_software.date'                      
5  3 'Structure model' '_software.language'                  
6  3 'Structure model' '_software.location'                  
7  3 'Structure model' '_software.name'                      
8  3 'Structure model' '_software.type'                      
9  3 'Structure model' '_software.version'                   
10 4 'Structure model' '_database_2.pdbx_DOI'                
11 4 'Structure model' '_database_2.pdbx_database_accession' 
12 4 'Structure model' '_struct_conn.pdbx_leaving_atom_flag' 
13 4 'Structure model' '_struct_ref_seq_dif.details'         
# 
_pdbx_database_status.entry_id                        2Q82 
_pdbx_database_status.deposit_site                    RCSB 
_pdbx_database_status.process_site                    RCSB 
_pdbx_database_status.recvd_initial_deposition_date   2007-06-08 
_pdbx_database_status.status_code                     REL 
_pdbx_database_status.status_code_sf                  REL 
_pdbx_database_status.status_code_mr                  ? 
_pdbx_database_status.SG_entry                        Y 
_pdbx_database_status.pdb_format_compatible           Y 
_pdbx_database_status.status_code_cs                  ? 
_pdbx_database_status.methods_development_category    ? 
_pdbx_database_status.status_code_nmr_data            ? 
# 
_pdbx_database_related.db_name        TargetDB 
_pdbx_database_related.db_id          OC1 
_pdbx_database_related.details        . 
_pdbx_database_related.content_type   unspecified 
# 
loop_
_audit_author.name 
_audit_author.pdbx_ordinal 
'Benach, J.'                                      1 
'Eryilmaz, E.'                                    2 
'Su, M.'                                          3 
'Seetharaman, J.'                                 4 
'Wei, H.'                                         5 
'Gottlieb, P.'                                    6 
'Hunt, J.F.'                                      7 
'Ghose, R.'                                       8 
'Northeast Structural Genomics Consortium (NESG)' 9 
# 
_citation.id                        primary 
_citation.title                     'Structure and dynamics of the P7 protein from the bacteriophage phi 12.' 
_citation.journal_abbrev            J.Mol.Biol. 
_citation.journal_volume            382 
_citation.page_first                402 
_citation.page_last                 422 
_citation.year                      2008 
_citation.journal_id_ASTM           JMOBAK 
_citation.country                   UK 
_citation.journal_id_ISSN           0022-2836 
_citation.journal_id_CSD            0070 
_citation.book_publisher            ? 
_citation.pdbx_database_id_PubMed   18647606 
_citation.pdbx_database_id_DOI      10.1016/j.jmb.2008.07.006 
# 
loop_
_citation_author.citation_id 
_citation_author.name 
_citation_author.ordinal 
_citation_author.identifier_ORCID 
primary 'Eryilmaz, E.'    1 ? 
primary 'Benach, J.'      2 ? 
primary 'Su, M.'          3 ? 
primary 'Seetharaman, J.' 4 ? 
primary 'Dutta, K.'       5 ? 
primary 'Wei, H.'         6 ? 
primary 'Gottlieb, P.'    7 ? 
primary 'Hunt, J.F.'      8 ? 
primary 'Ghose, R.'       9 ? 
# 
loop_
_entity.id 
_entity.type 
_entity.src_method 
_entity.pdbx_description 
_entity.formula_weight 
_entity.pdbx_number_of_molecules 
_entity.pdbx_ec 
_entity.pdbx_mutation 
_entity.pdbx_fragment 
_entity.details 
1 polymer man 'Core protein P7' 14450.371 1   ? ? 'Residues 1-129' ? 
2 water   nat water             18.015    188 ? ? ?                ? 
# 
_entity_poly.entity_id                      1 
_entity_poly.type                           'polypeptide(L)' 
_entity_poly.nstd_linkage                   no 
_entity_poly.nstd_monomer                   yes 
_entity_poly.pdbx_seq_one_letter_code       
;(MSE)DFITD(MSE)SKNQRLELQNRLAQYETSL(MSE)V(MSE)SHNGDVPVITGFNV(MSE)RVTT(MSE)LDALKVE
LPAVAVLGDDAQDLAYVFGARPLAVGVNIIRVVDVPGQQPSALVDAELGALHEVS(MSE)VRVLNDIADEQLVKAN
(MSE)
;
_entity_poly.pdbx_seq_one_letter_code_can   
;MDFITDMSKNQRLELQNRLAQYETSLMVMSHNGDVPVITGFNVMRVTTMLDALKVELPAVAVLGDDAQDLAYVFGARPLA
VGVNIIRVVDVPGQQPSALVDAELGALHEVSMVRVLNDIADEQLVKANM
;
_entity_poly.pdbx_strand_id                 A 
_entity_poly.pdbx_target_identifier         OC1 
# 
_pdbx_entity_nonpoly.entity_id   2 
_pdbx_entity_nonpoly.name        water 
_pdbx_entity_nonpoly.comp_id     HOH 
# 
loop_
_entity_poly_seq.entity_id 
_entity_poly_seq.num 
_entity_poly_seq.mon_id 
_entity_poly_seq.hetero 
1 1   MSE n 
1 2   ASP n 
1 3   PHE n 
1 4   ILE n 
1 5   THR n 
1 6   ASP n 
1 7   MSE n 
1 8   SER n 
1 9   LYS n 
1 10  ASN n 
1 11  GLN n 
1 12  ARG n 
1 13  LEU n 
1 14  GLU n 
1 15  LEU n 
1 16  GLN n 
1 17  ASN n 
1 18  ARG n 
1 19  LEU n 
1 20  ALA n 
1 21  GLN n 
1 22  TYR n 
1 23  GLU n 
1 24  THR n 
1 25  SER n 
1 26  LEU n 
1 27  MSE n 
1 28  VAL n 
1 29  MSE n 
1 30  SER n 
1 31  HIS n 
1 32  ASN n 
1 33  GLY n 
1 34  ASP n 
1 35  VAL n 
1 36  PRO n 
1 37  VAL n 
1 38  ILE n 
1 39  THR n 
1 40  GLY n 
1 41  PHE n 
1 42  ASN n 
1 43  VAL n 
1 44  MSE n 
1 45  ARG n 
1 46  VAL n 
1 47  THR n 
1 48  THR n 
1 49  MSE n 
1 50  LEU n 
1 51  ASP n 
1 52  ALA n 
1 53  LEU n 
1 54  LYS n 
1 55  VAL n 
1 56  GLU n 
1 57  LEU n 
1 58  PRO n 
1 59  ALA n 
1 60  VAL n 
1 61  ALA n 
1 62  VAL n 
1 63  LEU n 
1 64  GLY n 
1 65  ASP n 
1 66  ASP n 
1 67  ALA n 
1 68  GLN n 
1 69  ASP n 
1 70  LEU n 
1 71  ALA n 
1 72  TYR n 
1 73  VAL n 
1 74  PHE n 
1 75  GLY n 
1 76  ALA n 
1 77  ARG n 
1 78  PRO n 
1 79  LEU n 
1 80  ALA n 
1 81  VAL n 
1 82  GLY n 
1 83  VAL n 
1 84  ASN n 
1 85  ILE n 
1 86  ILE n 
1 87  ARG n 
1 88  VAL n 
1 89  VAL n 
1 90  ASP n 
1 91  VAL n 
1 92  PRO n 
1 93  GLY n 
1 94  GLN n 
1 95  GLN n 
1 96  PRO n 
1 97  SER n 
1 98  ALA n 
1 99  LEU n 
1 100 VAL n 
1 101 ASP n 
1 102 ALA n 
1 103 GLU n 
1 104 LEU n 
1 105 GLY n 
1 106 ALA n 
1 107 LEU n 
1 108 HIS n 
1 109 GLU n 
1 110 VAL n 
1 111 SER n 
1 112 MSE n 
1 113 VAL n 
1 114 ARG n 
1 115 VAL n 
1 116 LEU n 
1 117 ASN n 
1 118 ASP n 
1 119 ILE n 
1 120 ALA n 
1 121 ASP n 
1 122 GLU n 
1 123 GLN n 
1 124 LEU n 
1 125 VAL n 
1 126 LYS n 
1 127 ALA n 
1 128 ASN n 
1 129 MSE n 
# 
_entity_src_gen.entity_id                          1 
_entity_src_gen.pdbx_src_id                        1 
_entity_src_gen.pdbx_alt_source_flag               sample 
_entity_src_gen.pdbx_seq_type                      ? 
_entity_src_gen.pdbx_beg_seq_num                   ? 
_entity_src_gen.pdbx_end_seq_num                   ? 
_entity_src_gen.gene_src_common_name               ? 
_entity_src_gen.gene_src_genus                     Cystovirus 
_entity_src_gen.pdbx_gene_src_gene                 ? 
_entity_src_gen.gene_src_species                   ? 
_entity_src_gen.gene_src_strain                    ? 
_entity_src_gen.gene_src_tissue                    ? 
_entity_src_gen.gene_src_tissue_fraction           ? 
_entity_src_gen.gene_src_details                   ? 
_entity_src_gen.pdbx_gene_src_fragment             ? 
_entity_src_gen.pdbx_gene_src_scientific_name      'Pseudomonas phage phi12' 
_entity_src_gen.pdbx_gene_src_ncbi_taxonomy_id     161736 
_entity_src_gen.pdbx_gene_src_variant              ? 
_entity_src_gen.pdbx_gene_src_cell_line            ? 
_entity_src_gen.pdbx_gene_src_atcc                 ? 
_entity_src_gen.pdbx_gene_src_organ                ? 
_entity_src_gen.pdbx_gene_src_organelle            ? 
_entity_src_gen.pdbx_gene_src_cell                 ? 
_entity_src_gen.pdbx_gene_src_cellular_location    ? 
_entity_src_gen.host_org_common_name               ? 
_entity_src_gen.pdbx_host_org_scientific_name      'Escherichia coli' 
_entity_src_gen.pdbx_host_org_ncbi_taxonomy_id     562 
_entity_src_gen.host_org_genus                     Escherichia 
_entity_src_gen.pdbx_host_org_gene                 ? 
_entity_src_gen.pdbx_host_org_organ                ? 
_entity_src_gen.host_org_species                   ? 
_entity_src_gen.pdbx_host_org_tissue               ? 
_entity_src_gen.pdbx_host_org_tissue_fraction      ? 
_entity_src_gen.pdbx_host_org_strain               'B834(DE3)' 
_entity_src_gen.pdbx_host_org_variant              ? 
_entity_src_gen.pdbx_host_org_cell_line            ? 
_entity_src_gen.pdbx_host_org_atcc                 ? 
_entity_src_gen.pdbx_host_org_culture_collection   ? 
_entity_src_gen.pdbx_host_org_cell                 ? 
_entity_src_gen.pdbx_host_org_organelle            ? 
_entity_src_gen.pdbx_host_org_cellular_location    ? 
_entity_src_gen.pdbx_host_org_vector_type          Plasmid 
_entity_src_gen.pdbx_host_org_vector               ? 
_entity_src_gen.host_org_details                   ? 
_entity_src_gen.expression_system_id               ? 
_entity_src_gen.plasmid_name                       pET21D 
_entity_src_gen.plasmid_details                    ? 
_entity_src_gen.pdbx_description                   ? 
# 
loop_
_chem_comp.id 
_chem_comp.type 
_chem_comp.mon_nstd_flag 
_chem_comp.name 
_chem_comp.pdbx_synonyms 
_chem_comp.formula 
_chem_comp.formula_weight 
ALA 'L-peptide linking' y ALANINE          ? 'C3 H7 N O2'     89.093  
ARG 'L-peptide linking' y ARGININE         ? 'C6 H15 N4 O2 1' 175.209 
ASN 'L-peptide linking' y ASPARAGINE       ? 'C4 H8 N2 O3'    132.118 
ASP 'L-peptide linking' y 'ASPARTIC ACID'  ? 'C4 H7 N O4'     133.103 
GLN 'L-peptide linking' y GLUTAMINE        ? 'C5 H10 N2 O3'   146.144 
GLU 'L-peptide linking' y 'GLUTAMIC ACID'  ? 'C5 H9 N O4'     147.129 
GLY 'peptide linking'   y GLYCINE          ? 'C2 H5 N O2'     75.067  
HIS 'L-peptide linking' y HISTIDINE        ? 'C6 H10 N3 O2 1' 156.162 
HOH non-polymer         . WATER            ? 'H2 O'           18.015  
ILE 'L-peptide linking' y ISOLEUCINE       ? 'C6 H13 N O2'    131.173 
LEU 'L-peptide linking' y LEUCINE          ? 'C6 H13 N O2'    131.173 
LYS 'L-peptide linking' y LYSINE           ? 'C6 H15 N2 O2 1' 147.195 
MET 'L-peptide linking' y METHIONINE       ? 'C5 H11 N O2 S'  149.211 
MSE 'L-peptide linking' n SELENOMETHIONINE ? 'C5 H11 N O2 Se' 196.106 
PHE 'L-peptide linking' y PHENYLALANINE    ? 'C9 H11 N O2'    165.189 
PRO 'L-peptide linking' y PROLINE          ? 'C5 H9 N O2'     115.130 
SER 'L-peptide linking' y SERINE           ? 'C3 H7 N O3'     105.093 
THR 'L-peptide linking' y THREONINE        ? 'C4 H9 N O3'     119.119 
TYR 'L-peptide linking' y TYROSINE         ? 'C9 H11 N O3'    181.189 
VAL 'L-peptide linking' y VALINE           ? 'C5 H11 N O2'    117.146 
# 
loop_
_pdbx_poly_seq_scheme.asym_id 
_pdbx_poly_seq_scheme.entity_id 
_pdbx_poly_seq_scheme.seq_id 
_pdbx_poly_seq_scheme.mon_id 
_pdbx_poly_seq_scheme.ndb_seq_num 
_pdbx_poly_seq_scheme.pdb_seq_num 
_pdbx_poly_seq_scheme.auth_seq_num 
_pdbx_poly_seq_scheme.pdb_mon_id 
_pdbx_poly_seq_scheme.auth_mon_id 
_pdbx_poly_seq_scheme.pdb_strand_id 
_pdbx_poly_seq_scheme.pdb_ins_code 
_pdbx_poly_seq_scheme.hetero 
A 1 1   MSE 1   1   ?   ?   ?   A . n 
A 1 2   ASP 2   2   ?   ?   ?   A . n 
A 1 3   PHE 3   3   ?   ?   ?   A . n 
A 1 4   ILE 4   4   ?   ?   ?   A . n 
A 1 5   THR 5   5   ?   ?   ?   A . n 
A 1 6   ASP 6   6   ?   ?   ?   A . n 
A 1 7   MSE 7   7   ?   ?   ?   A . n 
A 1 8   SER 8   8   ?   ?   ?   A . n 
A 1 9   LYS 9   9   ?   ?   ?   A . n 
A 1 10  ASN 10  10  ?   ?   ?   A . n 
A 1 11  GLN 11  11  ?   ?   ?   A . n 
A 1 12  ARG 12  12  ?   ?   ?   A . n 
A 1 13  LEU 13  13  ?   ?   ?   A . n 
A 1 14  GLU 14  14  14  GLU GLU A . n 
A 1 15  LEU 15  15  15  LEU LEU A . n 
A 1 16  GLN 16  16  16  GLN GLN A . n 
A 1 17  ASN 17  17  17  ASN ASN A . n 
A 1 18  ARG 18  18  18  ARG ARG A . n 
A 1 19  LEU 19  19  19  LEU LEU A . n 
A 1 20  ALA 20  20  20  ALA ALA A . n 
A 1 21  GLN 21  21  21  GLN GLN A . n 
A 1 22  TYR 22  22  22  TYR TYR A . n 
A 1 23  GLU 23  23  23  GLU GLU A . n 
A 1 24  THR 24  24  24  THR THR A . n 
A 1 25  SER 25  25  25  SER SER A . n 
A 1 26  LEU 26  26  26  LEU LEU A . n 
A 1 27  MSE 27  27  27  MSE MSE A . n 
A 1 28  VAL 28  28  28  VAL VAL A . n 
A 1 29  MSE 29  29  29  MSE MSE A . n 
A 1 30  SER 30  30  30  SER SER A . n 
A 1 31  HIS 31  31  31  HIS HIS A . n 
A 1 32  ASN 32  32  32  ASN ASN A . n 
A 1 33  GLY 33  33  33  GLY GLY A . n 
A 1 34  ASP 34  34  34  ASP ASP A . n 
A 1 35  VAL 35  35  35  VAL VAL A . n 
A 1 36  PRO 36  36  36  PRO PRO A . n 
A 1 37  VAL 37  37  37  VAL VAL A . n 
A 1 38  ILE 38  38  38  ILE ILE A . n 
A 1 39  THR 39  39  39  THR THR A . n 
A 1 40  GLY 40  40  40  GLY GLY A . n 
A 1 41  PHE 41  41  41  PHE PHE A . n 
A 1 42  ASN 42  42  42  ASN ASN A . n 
A 1 43  VAL 43  43  43  VAL VAL A . n 
A 1 44  MSE 44  44  44  MSE MSE A . n 
A 1 45  ARG 45  45  45  ARG ARG A . n 
A 1 46  VAL 46  46  46  VAL VAL A . n 
A 1 47  THR 47  47  47  THR THR A . n 
A 1 48  THR 48  48  48  THR THR A . n 
A 1 49  MSE 49  49  49  MSE MSE A . n 
A 1 50  LEU 50  50  50  LEU LEU A . n 
A 1 51  ASP 51  51  51  ASP ASP A . n 
A 1 52  ALA 52  52  52  ALA ALA A . n 
A 1 53  LEU 53  53  53  LEU LEU A . n 
A 1 54  LYS 54  54  54  LYS LYS A . n 
A 1 55  VAL 55  55  55  VAL VAL A . n 
A 1 56  GLU 56  56  ?   ?   ?   A . n 
A 1 57  LEU 57  57  ?   ?   ?   A . n 
A 1 58  PRO 58  58  58  PRO PRO A . n 
A 1 59  ALA 59  59  59  ALA ALA A . n 
A 1 60  VAL 60  60  60  VAL VAL A . n 
A 1 61  ALA 61  61  61  ALA ALA A . n 
A 1 62  VAL 62  62  62  VAL VAL A . n 
A 1 63  LEU 63  63  63  LEU LEU A . n 
A 1 64  GLY 64  64  64  GLY GLY A . n 
A 1 65  ASP 65  65  65  ASP ASP A . n 
A 1 66  ASP 66  66  66  ASP ASP A . n 
A 1 67  ALA 67  67  67  ALA ALA A . n 
A 1 68  GLN 68  68  68  GLN GLN A . n 
A 1 69  ASP 69  69  69  ASP ASP A . n 
A 1 70  LEU 70  70  70  LEU LEU A . n 
A 1 71  ALA 71  71  71  ALA ALA A . n 
A 1 72  TYR 72  72  72  TYR TYR A . n 
A 1 73  VAL 73  73  73  VAL VAL A . n 
A 1 74  PHE 74  74  74  PHE PHE A . n 
A 1 75  GLY 75  75  75  GLY GLY A . n 
A 1 76  ALA 76  76  76  ALA ALA A . n 
A 1 77  ARG 77  77  77  ARG ARG A . n 
A 1 78  PRO 78  78  78  PRO PRO A . n 
A 1 79  LEU 79  79  79  LEU LEU A . n 
A 1 80  ALA 80  80  80  ALA ALA A . n 
A 1 81  VAL 81  81  81  VAL VAL A . n 
A 1 82  GLY 82  82  82  GLY GLY A . n 
A 1 83  VAL 83  83  83  VAL VAL A . n 
A 1 84  ASN 84  84  84  ASN ASN A . n 
A 1 85  ILE 85  85  85  ILE ILE A . n 
A 1 86  ILE 86  86  86  ILE ILE A . n 
A 1 87  ARG 87  87  87  ARG ARG A . n 
A 1 88  VAL 88  88  88  VAL VAL A . n 
A 1 89  VAL 89  89  89  VAL VAL A . n 
A 1 90  ASP 90  90  90  ASP ASP A . n 
A 1 91  VAL 91  91  91  VAL VAL A . n 
A 1 92  PRO 92  92  92  PRO PRO A . n 
A 1 93  GLY 93  93  93  GLY GLY A . n 
A 1 94  GLN 94  94  94  GLN GLN A . n 
A 1 95  GLN 95  95  95  GLN GLN A . n 
A 1 96  PRO 96  96  96  PRO PRO A . n 
A 1 97  SER 97  97  97  SER SER A . n 
A 1 98  ALA 98  98  98  ALA ALA A . n 
A 1 99  LEU 99  99  99  LEU LEU A . n 
A 1 100 VAL 100 100 100 VAL VAL A . n 
A 1 101 ASP 101 101 101 ASP ASP A . n 
A 1 102 ALA 102 102 102 ALA ALA A . n 
A 1 103 GLU 103 103 103 GLU GLU A . n 
A 1 104 LEU 104 104 104 LEU LEU A . n 
A 1 105 GLY 105 105 105 GLY GLY A . n 
A 1 106 ALA 106 106 106 ALA ALA A . n 
A 1 107 LEU 107 107 107 LEU LEU A . n 
A 1 108 HIS 108 108 108 HIS HIS A . n 
A 1 109 GLU 109 109 109 GLU GLU A . n 
A 1 110 VAL 110 110 110 VAL VAL A . n 
A 1 111 SER 111 111 111 SER SER A . n 
A 1 112 MSE 112 112 112 MSE MSE A . n 
A 1 113 VAL 113 113 113 VAL VAL A . n 
A 1 114 ARG 114 114 114 ARG ARG A . n 
A 1 115 VAL 115 115 115 VAL VAL A . n 
A 1 116 LEU 116 116 116 LEU LEU A . n 
A 1 117 ASN 117 117 117 ASN ASN A . n 
A 1 118 ASP 118 118 118 ASP ASP A . n 
A 1 119 ILE 119 119 119 ILE ILE A . n 
A 1 120 ALA 120 120 120 ALA ALA A . n 
A 1 121 ASP 121 121 121 ASP ASP A . n 
A 1 122 GLU 122 122 122 GLU GLU A . n 
A 1 123 GLN 123 123 123 GLN GLN A . n 
A 1 124 LEU 124 124 124 LEU LEU A . n 
A 1 125 VAL 125 125 125 VAL VAL A . n 
A 1 126 LYS 126 126 126 LYS LYS A . n 
A 1 127 ALA 127 127 127 ALA ALA A . n 
A 1 128 ASN 128 128 128 ASN ASN A . n 
A 1 129 MSE 129 129 129 MSE MSE A . n 
# 
loop_
_pdbx_nonpoly_scheme.asym_id 
_pdbx_nonpoly_scheme.entity_id 
_pdbx_nonpoly_scheme.mon_id 
_pdbx_nonpoly_scheme.ndb_seq_num 
_pdbx_nonpoly_scheme.pdb_seq_num 
_pdbx_nonpoly_scheme.auth_seq_num 
_pdbx_nonpoly_scheme.pdb_mon_id 
_pdbx_nonpoly_scheme.auth_mon_id 
_pdbx_nonpoly_scheme.pdb_strand_id 
_pdbx_nonpoly_scheme.pdb_ins_code 
B 2 HOH 1   3001 3001 HOH HOH A . 
B 2 HOH 2   3002 3002 HOH HOH A . 
B 2 HOH 3   3003 3003 HOH HOH A . 
B 2 HOH 4   3004 3004 HOH HOH A . 
B 2 HOH 5   3005 3005 HOH HOH A . 
B 2 HOH 6   3006 3006 HOH HOH A . 
B 2 HOH 7   3007 3007 HOH HOH A . 
B 2 HOH 8   3008 3008 HOH HOH A . 
B 2 HOH 9   3009 3009 HOH HOH A . 
B 2 HOH 10  3010 3010 HOH HOH A . 
B 2 HOH 11  3011 3011 HOH HOH A . 
B 2 HOH 12  3012 3012 HOH HOH A . 
B 2 HOH 13  3013 3013 HOH HOH A . 
B 2 HOH 14  3014 3014 HOH HOH A . 
B 2 HOH 15  3015 3015 HOH HOH A . 
B 2 HOH 16  3016 3016 HOH HOH A . 
B 2 HOH 17  3017 3017 HOH HOH A . 
B 2 HOH 18  3018 3018 HOH HOH A . 
B 2 HOH 19  3019 3019 HOH HOH A . 
B 2 HOH 20  3020 3020 HOH HOH A . 
B 2 HOH 21  3021 3021 HOH HOH A . 
B 2 HOH 22  3022 3022 HOH HOH A . 
B 2 HOH 23  3023 3023 HOH HOH A . 
B 2 HOH 24  3024 3024 HOH HOH A . 
B 2 HOH 25  3025 3025 HOH HOH A . 
B 2 HOH 26  3026 3026 HOH HOH A . 
B 2 HOH 27  3027 3027 HOH HOH A . 
B 2 HOH 28  3028 3028 HOH HOH A . 
B 2 HOH 29  3029 3029 HOH HOH A . 
B 2 HOH 30  3030 3030 HOH HOH A . 
B 2 HOH 31  3031 3031 HOH HOH A . 
B 2 HOH 32  3032 3032 HOH HOH A . 
B 2 HOH 33  3033 3033 HOH HOH A . 
B 2 HOH 34  3034 3034 HOH HOH A . 
B 2 HOH 35  3035 3035 HOH HOH A . 
B 2 HOH 36  3036 3036 HOH HOH A . 
B 2 HOH 37  3038 3038 HOH HOH A . 
B 2 HOH 38  3040 3040 HOH HOH A . 
B 2 HOH 39  3041 3041 HOH HOH A . 
B 2 HOH 40  3042 3042 HOH HOH A . 
B 2 HOH 41  3043 3043 HOH HOH A . 
B 2 HOH 42  3044 3044 HOH HOH A . 
B 2 HOH 43  3045 3045 HOH HOH A . 
B 2 HOH 44  3046 3046 HOH HOH A . 
B 2 HOH 45  3047 3047 HOH HOH A . 
B 2 HOH 46  3048 3048 HOH HOH A . 
B 2 HOH 47  3049 3049 HOH HOH A . 
B 2 HOH 48  3050 3050 HOH HOH A . 
B 2 HOH 49  3051 3051 HOH HOH A . 
B 2 HOH 50  3052 3052 HOH HOH A . 
B 2 HOH 51  3053 3053 HOH HOH A . 
B 2 HOH 52  3054 3054 HOH HOH A . 
B 2 HOH 53  3055 3055 HOH HOH A . 
B 2 HOH 54  3056 3056 HOH HOH A . 
B 2 HOH 55  3057 3057 HOH HOH A . 
B 2 HOH 56  3058 3058 HOH HOH A . 
B 2 HOH 57  3059 3059 HOH HOH A . 
B 2 HOH 58  3060 3060 HOH HOH A . 
B 2 HOH 59  3061 3061 HOH HOH A . 
B 2 HOH 60  3062 3062 HOH HOH A . 
B 2 HOH 61  3063 3063 HOH HOH A . 
B 2 HOH 62  3064 3064 HOH HOH A . 
B 2 HOH 63  3065 3065 HOH HOH A . 
B 2 HOH 64  3068 3068 HOH HOH A . 
B 2 HOH 65  3069 3069 HOH HOH A . 
B 2 HOH 66  3070 3070 HOH HOH A . 
B 2 HOH 67  3071 3071 HOH HOH A . 
B 2 HOH 68  3074 3074 HOH HOH A . 
B 2 HOH 69  3076 3076 HOH HOH A . 
B 2 HOH 70  3077 3077 HOH HOH A . 
B 2 HOH 71  3078 3078 HOH HOH A . 
B 2 HOH 72  3080 3080 HOH HOH A . 
B 2 HOH 73  3082 3082 HOH HOH A . 
B 2 HOH 74  3083 3083 HOH HOH A . 
B 2 HOH 75  3085 3085 HOH HOH A . 
B 2 HOH 76  3086 3086 HOH HOH A . 
B 2 HOH 77  3087 3087 HOH HOH A . 
B 2 HOH 78  3088 3088 HOH HOH A . 
B 2 HOH 79  3089 3089 HOH HOH A . 
B 2 HOH 80  3090 3090 HOH HOH A . 
B 2 HOH 81  3091 3091 HOH HOH A . 
B 2 HOH 82  3092 3092 HOH HOH A . 
B 2 HOH 83  3093 3093 HOH HOH A . 
B 2 HOH 84  3094 3094 HOH HOH A . 
B 2 HOH 85  3095 3095 HOH HOH A . 
B 2 HOH 86  3096 3096 HOH HOH A . 
B 2 HOH 87  3097 3097 HOH HOH A . 
B 2 HOH 88  3098 3098 HOH HOH A . 
B 2 HOH 89  3099 3099 HOH HOH A . 
B 2 HOH 90  3100 3100 HOH HOH A . 
B 2 HOH 91  3101 3101 HOH HOH A . 
B 2 HOH 92  3102 3102 HOH HOH A . 
B 2 HOH 93  3103 3103 HOH HOH A . 
B 2 HOH 94  3104 3104 HOH HOH A . 
B 2 HOH 95  3105 3105 HOH HOH A . 
B 2 HOH 96  3106 3106 HOH HOH A . 
B 2 HOH 97  3107 3107 HOH HOH A . 
B 2 HOH 98  3108 3108 HOH HOH A . 
B 2 HOH 99  3109 3109 HOH HOH A . 
B 2 HOH 100 3110 3110 HOH HOH A . 
B 2 HOH 101 3111 3111 HOH HOH A . 
B 2 HOH 102 3112 3112 HOH HOH A . 
B 2 HOH 103 3113 3113 HOH HOH A . 
B 2 HOH 104 3114 3114 HOH HOH A . 
B 2 HOH 105 3115 3115 HOH HOH A . 
B 2 HOH 106 3116 3116 HOH HOH A . 
B 2 HOH 107 3117 3117 HOH HOH A . 
B 2 HOH 108 3118 3118 HOH HOH A . 
B 2 HOH 109 3119 3119 HOH HOH A . 
B 2 HOH 110 3120 3120 HOH HOH A . 
B 2 HOH 111 3121 3121 HOH HOH A . 
B 2 HOH 112 3122 3122 HOH HOH A . 
B 2 HOH 113 3123 3123 HOH HOH A . 
B 2 HOH 114 3124 3124 HOH HOH A . 
B 2 HOH 115 3125 3125 HOH HOH A . 
B 2 HOH 116 3126 3126 HOH HOH A . 
B 2 HOH 117 3127 3127 HOH HOH A . 
B 2 HOH 118 3128 3128 HOH HOH A . 
B 2 HOH 119 3129 3129 HOH HOH A . 
B 2 HOH 120 3130 3130 HOH HOH A . 
B 2 HOH 121 3131 3131 HOH HOH A . 
B 2 HOH 122 3132 3132 HOH HOH A . 
B 2 HOH 123 3133 3133 HOH HOH A . 
B 2 HOH 124 3134 3134 HOH HOH A . 
B 2 HOH 125 3135 3135 HOH HOH A . 
B 2 HOH 126 3136 3136 HOH HOH A . 
B 2 HOH 127 3137 3137 HOH HOH A . 
B 2 HOH 128 3138 3138 HOH HOH A . 
B 2 HOH 129 3139 3139 HOH HOH A . 
B 2 HOH 130 3140 3140 HOH HOH A . 
B 2 HOH 131 3141 3141 HOH HOH A . 
B 2 HOH 132 3142 3142 HOH HOH A . 
B 2 HOH 133 3143 3143 HOH HOH A . 
B 2 HOH 134 3144 3144 HOH HOH A . 
B 2 HOH 135 3145 3145 HOH HOH A . 
B 2 HOH 136 3146 3146 HOH HOH A . 
B 2 HOH 137 3147 3147 HOH HOH A . 
B 2 HOH 138 3149 3149 HOH HOH A . 
B 2 HOH 139 3150 3150 HOH HOH A . 
B 2 HOH 140 3151 3151 HOH HOH A . 
B 2 HOH 141 3152 3152 HOH HOH A . 
B 2 HOH 142 3153 3153 HOH HOH A . 
B 2 HOH 143 3154 3154 HOH HOH A . 
B 2 HOH 144 3155 3155 HOH HOH A . 
B 2 HOH 145 3156 3156 HOH HOH A . 
B 2 HOH 146 3157 3157 HOH HOH A . 
B 2 HOH 147 3158 3158 HOH HOH A . 
B 2 HOH 148 3159 3159 HOH HOH A . 
B 2 HOH 149 3160 3160 HOH HOH A . 
B 2 HOH 150 3161 3161 HOH HOH A . 
B 2 HOH 151 3162 3162 HOH HOH A . 
B 2 HOH 152 3163 3163 HOH HOH A . 
B 2 HOH 153 3164 3164 HOH HOH A . 
B 2 HOH 154 3165 3165 HOH HOH A . 
B 2 HOH 155 3166 3166 HOH HOH A . 
B 2 HOH 156 3167 3167 HOH HOH A . 
B 2 HOH 157 3168 3168 HOH HOH A . 
B 2 HOH 158 3169 3169 HOH HOH A . 
B 2 HOH 159 3170 3170 HOH HOH A . 
B 2 HOH 160 3171 3171 HOH HOH A . 
B 2 HOH 161 3172 3172 HOH HOH A . 
B 2 HOH 162 3173 3173 HOH HOH A . 
B 2 HOH 163 3174 3174 HOH HOH A . 
B 2 HOH 164 3175 3175 HOH HOH A . 
B 2 HOH 165 3176 3176 HOH HOH A . 
B 2 HOH 166 3177 3177 HOH HOH A . 
B 2 HOH 167 3178 3178 HOH HOH A . 
B 2 HOH 168 3179 3179 HOH HOH A . 
B 2 HOH 169 3180 3180 HOH HOH A . 
B 2 HOH 170 3181 3181 HOH HOH A . 
B 2 HOH 171 3182 3182 HOH HOH A . 
B 2 HOH 172 3183 3183 HOH HOH A . 
B 2 HOH 173 3184 3184 HOH HOH A . 
B 2 HOH 174 3185 3185 HOH HOH A . 
B 2 HOH 175 3186 3186 HOH HOH A . 
B 2 HOH 176 3187 3187 HOH HOH A . 
B 2 HOH 177 3188 3188 HOH HOH A . 
B 2 HOH 178 3189 3189 HOH HOH A . 
B 2 HOH 179 3190 3190 HOH HOH A . 
B 2 HOH 180 3191 3191 HOH HOH A . 
B 2 HOH 181 3192 3192 HOH HOH A . 
B 2 HOH 182 3193 3193 HOH HOH A . 
B 2 HOH 183 3194 3194 HOH HOH A . 
B 2 HOH 184 3195 3195 HOH HOH A . 
B 2 HOH 185 3196 3196 HOH HOH A . 
B 2 HOH 186 3197 3197 HOH HOH A . 
B 2 HOH 187 3198 3198 HOH HOH A . 
B 2 HOH 188 3199 3199 HOH HOH A . 
# 
loop_
_software.name 
_software.version 
_software.date 
_software.type 
_software.contact_author 
_software.contact_author_email 
_software.classification 
_software.location 
_software.language 
_software.citation_id 
_software.pdbx_ordinal 
DENZO       .     ?                package 'Zbyszek Otwinowski' zbyszek@mix.swmed.edu    'data reduction'  
http://www.lnls.br/infra/linhasluz/denzo-hkl.htm ?          ? 1 
SCALEPACK   .     ?                package 'Zbyszek Otwinowski' zbyszek@mix.swmed.edu    'data scaling'    
http://www.lnls.br/infra/linhasluz/denzo-hkl.htm ?          ? 2 
SnB         .     ?                package 'Weeks, C.M'         bnp-help@hwi.buffalo.edu phasing           
http://www.hwi.buffalo.edu/BnP/                  Fortran    ? 3 
RESOLVE     2.08  14-Sept-2004     package 'Terwilliger, T. C'  terwilliger@LANL.gov     phasing           
http://www.solve.lanl.gov/                       ?          ? 4 
CNS         1.1   ?                package 'Axel T. Brunger'    axel.brunger@yale.edu    refinement        
http://cns.csb.yale.edu/v1.1/                    Fortran_77 ? 5 
PDB_EXTRACT 2.000 'April. 3, 2006' package PDB                  sw-help@rcsb.rutgers.edu 'data extraction' 
http://pdb.rutgers.edu/software/                 C++        ? 6 
CBASS       .     ?                ?       ?                    ?                        'data collection' ? ?          ? 7 
HKL-2000    .     ?                ?       ?                    ?                        'data reduction'  ? ?          ? 8 
# 
_cell.entry_id           2Q82 
_cell.length_a           75.499 
_cell.length_b           75.499 
_cell.length_c           46.486 
_cell.angle_alpha        90.00 
_cell.angle_beta         90.00 
_cell.angle_gamma        120.00 
_cell.Z_PDB              6 
_cell.pdbx_unique_axis   ? 
_cell.length_a_esd       ? 
_cell.length_b_esd       ? 
_cell.length_c_esd       ? 
_cell.angle_alpha_esd    ? 
_cell.angle_beta_esd     ? 
_cell.angle_gamma_esd    ? 
# 
_symmetry.entry_id                         2Q82 
_symmetry.space_group_name_H-M             'P 32 2 1' 
_symmetry.pdbx_full_space_group_name_H-M   ? 
_symmetry.cell_setting                     ? 
_symmetry.Int_Tables_number                154 
_symmetry.space_group_name_Hall            ? 
# 
_exptl.entry_id          2Q82 
_exptl.method            'X-RAY DIFFRACTION' 
_exptl.crystals_number   1 
# 
_exptl_crystal.id                    1 
_exptl_crystal.density_meas          ? 
_exptl_crystal.density_Matthews      2.65 
_exptl_crystal.density_percent_sol   53.56 
_exptl_crystal.description           'THE STRUCTURE FACTOR FILE CONTAINS FRIEDEL PAIRS' 
_exptl_crystal.F_000                 ? 
_exptl_crystal.preparation           ? 
# 
_exptl_crystal_grow.crystal_id      1 
_exptl_crystal_grow.method          'VAPOR DIFFUSION, HANGING DROP' 
_exptl_crystal_grow.temp            293 
_exptl_crystal_grow.temp_details    ? 
_exptl_crystal_grow.pH              ? 
_exptl_crystal_grow.pdbx_details    
'23% PEG10000, 100mM Sodium acetate, 10% n-Hexyl-D-glucoside, VAPOR DIFFUSION, HANGING DROP, temperature 293K' 
_exptl_crystal_grow.pdbx_pH_range   . 
# 
_diffrn.id                     1 
_diffrn.ambient_temp           100 
_diffrn.ambient_temp_details   ? 
_diffrn.crystal_id             1 
# 
_diffrn_detector.diffrn_id              1 
_diffrn_detector.detector               CCD 
_diffrn_detector.type                   'MAR CCD 165 mm' 
_diffrn_detector.pdbx_collection_date   2007-05-08 
_diffrn_detector.details                mirrors 
# 
_diffrn_radiation.diffrn_id                        1 
_diffrn_radiation.wavelength_id                    1 
_diffrn_radiation.pdbx_monochromatic_or_laue_m_l   M 
_diffrn_radiation.monochromator                    'SI(111)' 
_diffrn_radiation.pdbx_diffrn_protocol             'SINGLE WAVELENGTH' 
_diffrn_radiation.pdbx_scattering_type             x-ray 
# 
_diffrn_radiation_wavelength.id           1 
_diffrn_radiation_wavelength.wavelength   0.97947 
_diffrn_radiation_wavelength.wt           1.0 
# 
_diffrn_source.diffrn_id                   1 
_diffrn_source.source                      SYNCHROTRON 
_diffrn_source.type                        'NSLS BEAMLINE X12B' 
_diffrn_source.pdbx_synchrotron_site       NSLS 
_diffrn_source.pdbx_synchrotron_beamline   X12B 
_diffrn_source.pdbx_wavelength             ? 
_diffrn_source.pdbx_wavelength_list        0.97947 
# 
_reflns.entry_id                     2Q82 
_reflns.observed_criterion_sigma_I   -3 
_reflns.observed_criterion_sigma_F   ? 
_reflns.d_resolution_low             50.000 
_reflns.d_resolution_high            1.700 
_reflns.number_obs                   29155 
_reflns.number_all                   ? 
_reflns.percent_possible_obs         89.400 
_reflns.pdbx_Rmerge_I_obs            0.050 
_reflns.pdbx_Rsym_value              ? 
_reflns.pdbx_netI_over_sigmaI        12.000 
_reflns.B_iso_Wilson_estimate        ? 
_reflns.pdbx_redundancy              10.500 
_reflns.R_free_details               ? 
_reflns.limit_h_max                  ? 
_reflns.limit_h_min                  ? 
_reflns.limit_k_max                  ? 
_reflns.limit_k_min                  ? 
_reflns.limit_l_max                  ? 
_reflns.limit_l_min                  ? 
_reflns.observed_criterion_F_max     ? 
_reflns.observed_criterion_F_min     ? 
_reflns.pdbx_chi_squared             ? 
_reflns.pdbx_scaling_rejects         ? 
_reflns.pdbx_diffrn_id               1 
_reflns.pdbx_ordinal                 1 
# 
loop_
_reflns_shell.d_res_high 
_reflns_shell.d_res_low 
_reflns_shell.percent_possible_all 
_reflns_shell.Rmerge_I_obs 
_reflns_shell.pdbx_Rsym_value 
_reflns_shell.meanI_over_sigI_obs 
_reflns_shell.pdbx_redundancy 
_reflns_shell.percent_possible_obs 
_reflns_shell.number_unique_all 
_reflns_shell.number_measured_all 
_reflns_shell.number_measured_obs 
_reflns_shell.number_unique_obs 
_reflns_shell.pdbx_chi_squared 
_reflns_shell.pdbx_diffrn_id 
_reflns_shell.pdbx_ordinal 
1.70 1.76  48.60  0.674 ? ? 5.70  ? ? ? ? ? ? ? 1  
1.76 1.83  69.00  0.472 ? ? 7.50  ? ? ? ? ? ? ? 2  
1.83 1.91  82.80  0.388 ? ? 9.20  ? ? ? ? ? ? ? 3  
1.91 2.02  95.70  0.288 ? ? 10.30 ? ? ? ? ? ? ? 4  
2.02 2.14  99.80  0.190 ? ? 11.10 ? ? ? ? ? ? ? 5  
2.14 2.31  100.00 0.125 ? ? 11.40 ? ? ? ? ? ? ? 6  
2.31 2.54  100.00 0.090 ? ? 11.50 ? ? ? ? ? ? ? 7  
2.54 2.91  100.00 0.056 ? ? 11.60 ? ? ? ? ? ? ? 8  
2.91 3.66  100.00 0.035 ? ? 11.60 ? ? ? ? ? ? ? 9  
3.66 50.00 98.40  0.031 ? ? 11.60 ? ? ? ? ? ? ? 10 
# 
_refine.entry_id                                 2Q82 
_refine.ls_number_reflns_obs                     21894 
_refine.ls_number_reflns_all                     ? 
_refine.pdbx_ls_sigma_I                          ? 
_refine.pdbx_ls_sigma_F                          2.0 
_refine.pdbx_data_cutoff_high_absF               ? 
_refine.pdbx_data_cutoff_low_absF                ? 
_refine.pdbx_data_cutoff_high_rms_absF           ? 
_refine.ls_d_res_low                             20.000 
_refine.ls_d_res_high                            1.830 
_refine.ls_percent_reflns_obs                    83.600 
_refine.ls_R_factor_obs                          0.210 
_refine.ls_R_factor_all                          ? 
_refine.ls_R_factor_R_work                       0.210 
_refine.ls_R_factor_R_free                       0.226 
_refine.ls_R_factor_R_free_error                 ? 
_refine.ls_R_factor_R_free_error_details         ? 
_refine.ls_percent_reflns_R_free                 7.900 
_refine.ls_number_reflns_R_free                  2070 
_refine.ls_number_parameters                     ? 
_refine.ls_number_restraints                     ? 
_refine.occupancy_min                            ? 
_refine.occupancy_max                            ? 
_refine.correlation_coeff_Fo_to_Fc               ? 
_refine.correlation_coeff_Fo_to_Fc_free          ? 
_refine.B_iso_mean                               39.389 
_refine.aniso_B[1][1]                            6.207 
_refine.aniso_B[2][2]                            6.913 
_refine.aniso_B[3][3]                            -13.120 
_refine.aniso_B[1][2]                            2.497 
_refine.aniso_B[1][3]                            0.000 
_refine.aniso_B[2][3]                            0.000 
_refine.solvent_model_details                    ? 
_refine.solvent_model_param_ksol                 ? 
_refine.solvent_model_param_bsol                 52.745 
_refine.pdbx_solvent_vdw_probe_radii             ? 
_refine.pdbx_solvent_ion_probe_radii             ? 
_refine.pdbx_solvent_shrinkage_radii             ? 
_refine.pdbx_ls_cross_valid_method               ? 
_refine.details                                  'THE FRIEDEL PAIRS WERE USED FOR PHASING' 
_refine.pdbx_starting_model                      ? 
_refine.pdbx_method_to_determine_struct          SAD 
_refine.pdbx_isotropic_thermal_model             ? 
_refine.pdbx_stereochemistry_target_values       'Engh & Huber' 
_refine.pdbx_stereochem_target_val_spec_case     ? 
_refine.pdbx_R_Free_selection_details            ? 
_refine.pdbx_overall_ESU_R                       ? 
_refine.pdbx_overall_ESU_R_Free                  ? 
_refine.overall_SU_ML                            ? 
_refine.overall_SU_B                             ? 
_refine.ls_redundancy_reflns_obs                 ? 
_refine.B_iso_min                                ? 
_refine.B_iso_max                                ? 
_refine.overall_SU_R_Cruickshank_DPI             ? 
_refine.overall_SU_R_free                        ? 
_refine.ls_wR_factor_R_free                      ? 
_refine.ls_wR_factor_R_work                      ? 
_refine.overall_FOM_free_R_set                   ? 
_refine.overall_FOM_work_R_set                   ? 
_refine.pdbx_refine_id                           'X-RAY DIFFRACTION' 
_refine.pdbx_diffrn_id                           1 
_refine.pdbx_TLS_residual_ADP_flag               ? 
_refine.pdbx_overall_phase_error                 ? 
_refine.pdbx_overall_SU_R_free_Cruickshank_DPI   ? 
_refine.pdbx_overall_SU_R_Blow_DPI               ? 
_refine.pdbx_overall_SU_R_free_Blow_DPI          ? 
# 
_refine_hist.pdbx_refine_id                   'X-RAY DIFFRACTION' 
_refine_hist.cycle_id                         LAST 
_refine_hist.pdbx_number_atoms_protein        856 
_refine_hist.pdbx_number_atoms_nucleic_acid   0 
_refine_hist.pdbx_number_atoms_ligand         0 
_refine_hist.number_atoms_solvent             188 
_refine_hist.number_atoms_total               1044 
_refine_hist.d_res_high                       1.830 
_refine_hist.d_res_low                        20.000 
# 
loop_
_refine_ls_shell.pdbx_total_number_of_bins_used 
_refine_ls_shell.d_res_high 
_refine_ls_shell.d_res_low 
_refine_ls_shell.number_reflns_R_work 
_refine_ls_shell.R_factor_R_work 
_refine_ls_shell.percent_reflns_obs 
_refine_ls_shell.R_factor_R_free 
_refine_ls_shell.R_factor_R_free_error 
_refine_ls_shell.percent_reflns_R_free 
_refine_ls_shell.number_reflns_R_free 
_refine_ls_shell.number_reflns_all 
_refine_ls_shell.R_factor_all 
_refine_ls_shell.redundancy_reflns_obs 
_refine_ls_shell.number_reflns_obs 
_refine_ls_shell.pdbx_refine_id 
41 1.830 1.850  270 0.255 . 0.214 . . 32 . . . . 'X-RAY DIFFRACTION' 
41 1.850 1.860  254 0.269 . 0.320 . . 14 . . . . 'X-RAY DIFFRACTION' 
41 1.860 1.880  280 0.287 . 0.359 . . 32 . . . . 'X-RAY DIFFRACTION' 
41 1.880 1.890  308 0.240 . 0.278 . . 30 . . . . 'X-RAY DIFFRACTION' 
41 1.890 1.910  310 0.267 . 0.236 . . 32 . . . . 'X-RAY DIFFRACTION' 
41 1.910 1.930  374 0.255 . 0.235 . . 40 . . . . 'X-RAY DIFFRACTION' 
41 1.930 1.950  342 0.246 . 0.318 . . 33 . . . . 'X-RAY DIFFRACTION' 
41 1.950 1.970  395 0.268 . 0.314 . . 48 . . . . 'X-RAY DIFFRACTION' 
41 1.970 1.990  404 0.246 . 0.198 . . 39 . . . . 'X-RAY DIFFRACTION' 
41 1.990 2.010  387 0.266 . 0.312 . . 42 . . . . 'X-RAY DIFFRACTION' 
41 2.010 2.030  456 0.273 . 0.252 . . 54 . . . . 'X-RAY DIFFRACTION' 
41 2.030 2.050  464 0.251 . 0.296 . . 50 . . . . 'X-RAY DIFFRACTION' 
41 2.050 2.080  474 0.281 . 0.298 . . 63 . . . . 'X-RAY DIFFRACTION' 
41 2.080 2.100  490 0.256 . 0.253 . . 56 . . . . 'X-RAY DIFFRACTION' 
41 2.100 2.130  464 0.249 . 0.279 . . 40 . . . . 'X-RAY DIFFRACTION' 
41 2.130 2.160  526 0.244 . 0.195 . . 60 . . . . 'X-RAY DIFFRACTION' 
41 2.160 2.190  479 0.257 . 0.309 . . 55 . . . . 'X-RAY DIFFRACTION' 
41 2.190 2.220  569 0.217 . 0.191 . . 56 . . . . 'X-RAY DIFFRACTION' 
41 2.220 2.250  500 0.210 . 0.242 . . 49 . . . . 'X-RAY DIFFRACTION' 
41 2.250 2.290  525 0.224 . 0.227 . . 55 . . . . 'X-RAY DIFFRACTION' 
41 2.290 2.320  502 0.229 . 0.286 . . 42 . . . . 'X-RAY DIFFRACTION' 
41 2.320 2.360  518 0.223 . 0.213 . . 49 . . . . 'X-RAY DIFFRACTION' 
41 2.360 2.410  520 0.202 . 0.243 . . 64 . . . . 'X-RAY DIFFRACTION' 
41 2.410 2.450  540 0.230 . 0.314 . . 54 . . . . 'X-RAY DIFFRACTION' 
41 2.450 2.500  532 0.241 . 0.336 . . 58 . . . . 'X-RAY DIFFRACTION' 
41 2.500 2.560  507 0.250 . 0.278 . . 58 . . . . 'X-RAY DIFFRACTION' 
41 2.560 2.620  563 0.211 . 0.199 . . 56 . . . . 'X-RAY DIFFRACTION' 
41 2.620 2.680  547 0.223 . 0.226 . . 47 . . . . 'X-RAY DIFFRACTION' 
41 2.680 2.750  532 0.207 . 0.278 . . 53 . . . . 'X-RAY DIFFRACTION' 
41 2.750 2.840  545 0.203 . 0.284 . . 68 . . . . 'X-RAY DIFFRACTION' 
41 2.840 2.930  534 0.216 . 0.203 . . 72 . . . . 'X-RAY DIFFRACTION' 
41 2.930 3.030  555 0.224 . 0.237 . . 76 . . . . 'X-RAY DIFFRACTION' 
41 3.030 3.150  580 0.219 . 0.280 . . 53 . . . . 'X-RAY DIFFRACTION' 
41 3.150 3.290  578 0.213 . 0.238 . . 56 . . . . 'X-RAY DIFFRACTION' 
41 3.290 3.470  558 0.193 . 0.184 . . 47 . . . . 'X-RAY DIFFRACTION' 
41 3.470 3.680  570 0.195 . 0.147 . . 70 . . . . 'X-RAY DIFFRACTION' 
41 3.680 3.970  592 0.182 . 0.180 . . 52 . . . . 'X-RAY DIFFRACTION' 
41 3.970 4.360  562 0.176 . 0.190 . . 62 . . . . 'X-RAY DIFFRACTION' 
41 4.360 4.980  585 0.164 . 0.172 . . 46 . . . . 'X-RAY DIFFRACTION' 
41 4.980 6.250  570 0.237 . 0.260 . . 58 . . . . 'X-RAY DIFFRACTION' 
41 6.250 20.000 563 0.223 . 0.211 . . 49 . . . . 'X-RAY DIFFRACTION' 
# 
loop_
_pdbx_xplor_file.serial_no 
_pdbx_xplor_file.param_file 
_pdbx_xplor_file.topol_file 
_pdbx_xplor_file.pdbx_refine_id 
1 protein_rep.par ? 'X-RAY DIFFRACTION' 
2 water_rep.param ? 'X-RAY DIFFRACTION' 
# 
_struct.entry_id                  2Q82 
_struct.title                     
'Crystal structure of core protein P7 from Pseudomonas phage phi12. Northeast Structural Genomics Target OC1' 
_struct.pdbx_model_details        ? 
_struct.pdbx_CASP_flag            ? 
_struct.pdbx_model_type_details   ? 
# 
_struct_keywords.entry_id        2Q82 
_struct_keywords.text            
;P7, core protein, NESG, OC1, structural genomics, PSI-2, Protein Structure Initiative, Northeast Structural Genomics Consortium, STRUCTURAL PROTEIN
;
_struct_keywords.pdbx_keywords   'STRUCTURAL PROTEIN' 
# 
loop_
_struct_asym.id 
_struct_asym.pdbx_blank_PDB_chainid_flag 
_struct_asym.pdbx_modified 
_struct_asym.entity_id 
_struct_asym.details 
A N N 1 ? 
B N N 2 ? 
# 
_struct_ref.id                         1 
_struct_ref.db_name                    UNP 
_struct_ref.db_code                    Q94M07_9VIRU 
_struct_ref.pdbx_db_accession          Q94M07 
_struct_ref.entity_id                  1 
_struct_ref.pdbx_seq_one_letter_code   
;MDFITDMSKNQRLELQNRLAQYETSLMVMSHNGDVPVITGFNVMRVTTMLDALKVELPAVAVLGDDAQDLAYVFGARPLA
VGVNIIRVVDVPGQQPSALVDAELGALHEVSMVRVLNDIADEQLVKANM
;
_struct_ref.pdbx_align_begin           1 
_struct_ref.pdbx_db_isoform            ? 
# 
_struct_ref_seq.align_id                      1 
_struct_ref_seq.ref_id                        1 
_struct_ref_seq.pdbx_PDB_id_code              2Q82 
_struct_ref_seq.pdbx_strand_id                A 
_struct_ref_seq.seq_align_beg                 1 
_struct_ref_seq.pdbx_seq_align_beg_ins_code   ? 
_struct_ref_seq.seq_align_end                 129 
_struct_ref_seq.pdbx_seq_align_end_ins_code   ? 
_struct_ref_seq.pdbx_db_accession             Q94M07 
_struct_ref_seq.db_align_beg                  1 
_struct_ref_seq.pdbx_db_align_beg_ins_code    ? 
_struct_ref_seq.db_align_end                  129 
_struct_ref_seq.pdbx_db_align_end_ins_code    ? 
_struct_ref_seq.pdbx_auth_seq_align_beg       1 
_struct_ref_seq.pdbx_auth_seq_align_end       129 
# 
loop_
_struct_ref_seq_dif.align_id 
_struct_ref_seq_dif.pdbx_pdb_id_code 
_struct_ref_seq_dif.mon_id 
_struct_ref_seq_dif.pdbx_pdb_strand_id 
_struct_ref_seq_dif.seq_num 
_struct_ref_seq_dif.pdbx_pdb_ins_code 
_struct_ref_seq_dif.pdbx_seq_db_name 
_struct_ref_seq_dif.pdbx_seq_db_accession_code 
_struct_ref_seq_dif.db_mon_id 
_struct_ref_seq_dif.pdbx_seq_db_seq_num 
_struct_ref_seq_dif.details 
_struct_ref_seq_dif.pdbx_auth_seq_num 
_struct_ref_seq_dif.pdbx_ordinal 
1 2Q82 MSE A 1   ? UNP Q94M07 MET 1   'modified residue' 1   1 
1 2Q82 MSE A 7   ? UNP Q94M07 MET 7   'modified residue' 7   2 
1 2Q82 MSE A 27  ? UNP Q94M07 MET 27  'modified residue' 27  3 
1 2Q82 MSE A 29  ? UNP Q94M07 MET 29  'modified residue' 29  4 
1 2Q82 MSE A 44  ? UNP Q94M07 MET 44  'modified residue' 44  5 
1 2Q82 MSE A 49  ? UNP Q94M07 MET 49  'modified residue' 49  6 
1 2Q82 MSE A 112 ? UNP Q94M07 MET 112 'modified residue' 112 7 
1 2Q82 MSE A 129 ? UNP Q94M07 MET 129 'modified residue' 129 8 
# 
_pdbx_struct_assembly.id                   1 
_pdbx_struct_assembly.details              author_and_software_defined_assembly 
_pdbx_struct_assembly.method_details       PISA 
_pdbx_struct_assembly.oligomeric_details   dimeric 
_pdbx_struct_assembly.oligomeric_count     2 
# 
_pdbx_struct_assembly_prop.biol_id   1 
_pdbx_struct_assembly_prop.type      'ABSA (A^2)' 
_pdbx_struct_assembly_prop.value     1350/11910 
_pdbx_struct_assembly_prop.details   ? 
# 
_pdbx_struct_assembly_gen.assembly_id       1 
_pdbx_struct_assembly_gen.oper_expression   1,2 
_pdbx_struct_assembly_gen.asym_id_list      A,B 
# 
loop_
_pdbx_struct_oper_list.id 
_pdbx_struct_oper_list.type 
_pdbx_struct_oper_list.name 
_pdbx_struct_oper_list.symmetry_operation 
_pdbx_struct_oper_list.matrix[1][1] 
_pdbx_struct_oper_list.matrix[1][2] 
_pdbx_struct_oper_list.matrix[1][3] 
_pdbx_struct_oper_list.vector[1] 
_pdbx_struct_oper_list.matrix[2][1] 
_pdbx_struct_oper_list.matrix[2][2] 
_pdbx_struct_oper_list.matrix[2][3] 
_pdbx_struct_oper_list.vector[2] 
_pdbx_struct_oper_list.matrix[3][1] 
_pdbx_struct_oper_list.matrix[3][2] 
_pdbx_struct_oper_list.matrix[3][3] 
_pdbx_struct_oper_list.vector[3] 
1 'identity operation'         1_555 x,y,z              1.0000000000  0.0000000000  0.0000000000 0.0000000000  0.0000000000  1.0000000000  0.0000000000  0.0000000000  0.0000000000 0.0000000000  1.0000000000 0.0000000000   
2 'crystal symmetry operation' 6_765 -x+2,-x+y+1,-z+2/3 -0.3647561088 -0.3721911950 0.8534791711 23.7937993089 -0.3721911950 -0.7819321248 -0.5000558635 -3.0846483559 0.8534791711 -0.5000558635 0.1466882335 -19.0548816761 
# 
_struct_biol.id        1 
_struct_biol.details   'The putative biological unit is a dimer, created by -x, -x+y, -z+2/3 + (1 1 0) symmetry operation' 
# 
loop_
_struct_conf.conf_type_id 
_struct_conf.id 
_struct_conf.pdbx_PDB_helix_id 
_struct_conf.beg_label_comp_id 
_struct_conf.beg_label_asym_id 
_struct_conf.beg_label_seq_id 
_struct_conf.pdbx_beg_PDB_ins_code 
_struct_conf.end_label_comp_id 
_struct_conf.end_label_asym_id 
_struct_conf.end_label_seq_id 
_struct_conf.pdbx_end_PDB_ins_code 
_struct_conf.beg_auth_comp_id 
_struct_conf.beg_auth_asym_id 
_struct_conf.beg_auth_seq_id 
_struct_conf.end_auth_comp_id 
_struct_conf.end_auth_asym_id 
_struct_conf.end_auth_seq_id 
_struct_conf.pdbx_PDB_helix_class 
_struct_conf.details 
_struct_conf.pdbx_PDB_helix_length 
HELX_P HELX_P1 1 GLU A 14  ? THR A 24  ? GLU A 14  THR A 24  1 ? 11 
HELX_P HELX_P2 2 THR A 48  ? LEU A 53  ? THR A 48  LEU A 53  1 ? 6  
HELX_P HELX_P3 3 GLY A 64  ? ASP A 66  ? GLY A 64  ASP A 66  5 ? 3  
HELX_P HELX_P4 4 ALA A 67  ? ARG A 77  ? ALA A 67  ARG A 77  1 ? 11 
HELX_P HELX_P5 5 PRO A 78  ? VAL A 81  ? PRO A 78  VAL A 81  5 ? 4  
HELX_P HELX_P6 6 SER A 97  ? LEU A 104 ? SER A 97  LEU A 104 1 ? 8  
HELX_P HELX_P7 7 MSE A 112 ? ASN A 128 ? MSE A 112 ASN A 128 1 ? 17 
# 
_struct_conf_type.id          HELX_P 
_struct_conf_type.criteria    ? 
_struct_conf_type.reference   ? 
# 
loop_
_struct_conn.id 
_struct_conn.conn_type_id 
_struct_conn.pdbx_leaving_atom_flag 
_struct_conn.pdbx_PDB_id 
_struct_conn.ptnr1_label_asym_id 
_struct_conn.ptnr1_label_comp_id 
_struct_conn.ptnr1_label_seq_id 
_struct_conn.ptnr1_label_atom_id 
_struct_conn.pdbx_ptnr1_label_alt_id 
_struct_conn.pdbx_ptnr1_PDB_ins_code 
_struct_conn.pdbx_ptnr1_standard_comp_id 
_struct_conn.ptnr1_symmetry 
_struct_conn.ptnr2_label_asym_id 
_struct_conn.ptnr2_label_comp_id 
_struct_conn.ptnr2_label_seq_id 
_struct_conn.ptnr2_label_atom_id 
_struct_conn.pdbx_ptnr2_label_alt_id 
_struct_conn.pdbx_ptnr2_PDB_ins_code 
_struct_conn.ptnr1_auth_asym_id 
_struct_conn.ptnr1_auth_comp_id 
_struct_conn.ptnr1_auth_seq_id 
_struct_conn.ptnr2_auth_asym_id 
_struct_conn.ptnr2_auth_comp_id 
_struct_conn.ptnr2_auth_seq_id 
_struct_conn.ptnr2_symmetry 
_struct_conn.pdbx_ptnr3_label_atom_id 
_struct_conn.pdbx_ptnr3_label_seq_id 
_struct_conn.pdbx_ptnr3_label_comp_id 
_struct_conn.pdbx_ptnr3_label_asym_id 
_struct_conn.pdbx_ptnr3_label_alt_id 
_struct_conn.pdbx_ptnr3_PDB_ins_code 
_struct_conn.details 
_struct_conn.pdbx_dist_value 
_struct_conn.pdbx_value_order 
_struct_conn.pdbx_role 
covale1  covale both ? A LEU 26  C ? ? ? 1_555 A MSE 27  N ? ? A LEU 26  A MSE 27  1_555 ? ? ? ? ? ? ? 1.333 ? ? 
covale2  covale both ? A MSE 27  C ? ? ? 1_555 A VAL 28  N ? ? A MSE 27  A VAL 28  1_555 ? ? ? ? ? ? ? 1.319 ? ? 
covale3  covale both ? A VAL 28  C ? ? ? 1_555 A MSE 29  N ? ? A VAL 28  A MSE 29  1_555 ? ? ? ? ? ? ? 1.323 ? ? 
covale4  covale both ? A MSE 29  C ? ? ? 1_555 A SER 30  N ? ? A MSE 29  A SER 30  1_555 ? ? ? ? ? ? ? 1.335 ? ? 
covale5  covale both ? A VAL 43  C ? ? ? 1_555 A MSE 44  N ? ? A VAL 43  A MSE 44  1_555 ? ? ? ? ? ? ? 1.322 ? ? 
covale6  covale both ? A MSE 44  C ? ? ? 1_555 A ARG 45  N ? ? A MSE 44  A ARG 45  1_555 ? ? ? ? ? ? ? 1.327 ? ? 
covale7  covale both ? A THR 48  C ? ? ? 1_555 A MSE 49  N ? ? A THR 48  A MSE 49  1_555 ? ? ? ? ? ? ? 1.325 ? ? 
covale8  covale both ? A MSE 49  C ? ? ? 1_555 A LEU 50  N ? ? A MSE 49  A LEU 50  1_555 ? ? ? ? ? ? ? 1.327 ? ? 
covale9  covale both ? A SER 111 C ? ? ? 1_555 A MSE 112 N ? ? A SER 111 A MSE 112 1_555 ? ? ? ? ? ? ? 1.326 ? ? 
covale10 covale both ? A MSE 112 C ? ? ? 1_555 A VAL 113 N ? ? A MSE 112 A VAL 113 1_555 ? ? ? ? ? ? ? 1.325 ? ? 
covale11 covale both ? A ASN 128 C ? ? ? 1_555 A MSE 129 N ? ? A ASN 128 A MSE 129 1_555 ? ? ? ? ? ? ? 1.330 ? ? 
# 
_struct_conn_type.id          covale 
_struct_conn_type.criteria    ? 
_struct_conn_type.reference   ? 
# 
loop_
_pdbx_modification_feature.ordinal 
_pdbx_modification_feature.label_comp_id 
_pdbx_modification_feature.label_asym_id 
_pdbx_modification_feature.label_seq_id 
_pdbx_modification_feature.label_alt_id 
_pdbx_modification_feature.modified_residue_label_comp_id 
_pdbx_modification_feature.modified_residue_label_asym_id 
_pdbx_modification_feature.modified_residue_label_seq_id 
_pdbx_modification_feature.modified_residue_label_alt_id 
_pdbx_modification_feature.auth_comp_id 
_pdbx_modification_feature.auth_asym_id 
_pdbx_modification_feature.auth_seq_id 
_pdbx_modification_feature.PDB_ins_code 
_pdbx_modification_feature.symmetry 
_pdbx_modification_feature.modified_residue_auth_comp_id 
_pdbx_modification_feature.modified_residue_auth_asym_id 
_pdbx_modification_feature.modified_residue_auth_seq_id 
_pdbx_modification_feature.modified_residue_PDB_ins_code 
_pdbx_modification_feature.modified_residue_symmetry 
_pdbx_modification_feature.comp_id_linking_atom 
_pdbx_modification_feature.modified_residue_id_linking_atom 
_pdbx_modification_feature.modified_residue_id 
_pdbx_modification_feature.ref_pcm_id 
_pdbx_modification_feature.ref_comp_id 
_pdbx_modification_feature.type 
_pdbx_modification_feature.category 
1 MSE A 27  ? . . . . MSE A 27  ? 1_555 . . . . . . . MET 1 MSE Selenomethionine 'Named protein modification' 
2 MSE A 29  ? . . . . MSE A 29  ? 1_555 . . . . . . . MET 1 MSE Selenomethionine 'Named protein modification' 
3 MSE A 44  ? . . . . MSE A 44  ? 1_555 . . . . . . . MET 1 MSE Selenomethionine 'Named protein modification' 
4 MSE A 49  ? . . . . MSE A 49  ? 1_555 . . . . . . . MET 1 MSE Selenomethionine 'Named protein modification' 
5 MSE A 112 ? . . . . MSE A 112 ? 1_555 . . . . . . . MET 1 MSE Selenomethionine 'Named protein modification' 
6 MSE A 129 ? . . . . MSE A 129 ? 1_555 . . . . . . . MET 1 MSE Selenomethionine 'Named protein modification' 
# 
_struct_sheet.id               A 
_struct_sheet.type             ? 
_struct_sheet.number_strands   5 
_struct_sheet.details          ? 
# 
loop_
_struct_sheet_order.sheet_id 
_struct_sheet_order.range_id_1 
_struct_sheet_order.range_id_2 
_struct_sheet_order.offset 
_struct_sheet_order.sense 
A 1 2 ? parallel 
A 2 3 ? parallel 
A 3 4 ? parallel 
A 4 5 ? parallel 
# 
loop_
_struct_sheet_range.sheet_id 
_struct_sheet_range.id 
_struct_sheet_range.beg_label_comp_id 
_struct_sheet_range.beg_label_asym_id 
_struct_sheet_range.beg_label_seq_id 
_struct_sheet_range.pdbx_beg_PDB_ins_code 
_struct_sheet_range.end_label_comp_id 
_struct_sheet_range.end_label_asym_id 
_struct_sheet_range.end_label_seq_id 
_struct_sheet_range.pdbx_end_PDB_ins_code 
_struct_sheet_range.beg_auth_comp_id 
_struct_sheet_range.beg_auth_asym_id 
_struct_sheet_range.beg_auth_seq_id 
_struct_sheet_range.end_auth_comp_id 
_struct_sheet_range.end_auth_asym_id 
_struct_sheet_range.end_auth_seq_id 
A 1 ASN A 42  ? ARG A 45  ? ASN A 42  ARG A 45  
A 2 ALA A 59  ? LEU A 63  ? ALA A 59  LEU A 63  
A 3 SER A 25  ? SER A 30  ? SER A 25  SER A 30  
A 4 ASN A 84  ? VAL A 89  ? ASN A 84  VAL A 89  
A 5 GLU A 109 ? SER A 111 ? GLU A 109 SER A 111 
# 
loop_
_pdbx_struct_sheet_hbond.sheet_id 
_pdbx_struct_sheet_hbond.range_id_1 
_pdbx_struct_sheet_hbond.range_id_2 
_pdbx_struct_sheet_hbond.range_1_label_atom_id 
_pdbx_struct_sheet_hbond.range_1_label_comp_id 
_pdbx_struct_sheet_hbond.range_1_label_asym_id 
_pdbx_struct_sheet_hbond.range_1_label_seq_id 
_pdbx_struct_sheet_hbond.range_1_PDB_ins_code 
_pdbx_struct_sheet_hbond.range_1_auth_atom_id 
_pdbx_struct_sheet_hbond.range_1_auth_comp_id 
_pdbx_struct_sheet_hbond.range_1_auth_asym_id 
_pdbx_struct_sheet_hbond.range_1_auth_seq_id 
_pdbx_struct_sheet_hbond.range_2_label_atom_id 
_pdbx_struct_sheet_hbond.range_2_label_comp_id 
_pdbx_struct_sheet_hbond.range_2_label_asym_id 
_pdbx_struct_sheet_hbond.range_2_label_seq_id 
_pdbx_struct_sheet_hbond.range_2_PDB_ins_code 
_pdbx_struct_sheet_hbond.range_2_auth_atom_id 
_pdbx_struct_sheet_hbond.range_2_auth_comp_id 
_pdbx_struct_sheet_hbond.range_2_auth_asym_id 
_pdbx_struct_sheet_hbond.range_2_auth_seq_id 
A 1 2 N ASN A 42 ? N ASN A 42 O VAL A 60  ? O VAL A 60  
A 2 3 O ALA A 61 ? O ALA A 61 N MSE A 27  ? N MSE A 27  
A 3 4 N LEU A 26 ? N LEU A 26 O ASN A 84  ? O ASN A 84  
A 4 5 N ARG A 87 ? N ARG A 87 O VAL A 110 ? O VAL A 110 
# 
_pdbx_entry_details.entry_id                   2Q82 
_pdbx_entry_details.compound_details           ? 
_pdbx_entry_details.source_details             ? 
_pdbx_entry_details.nonpolymer_details         ? 
_pdbx_entry_details.sequence_details           ? 
_pdbx_entry_details.has_ligand_of_interest     ? 
_pdbx_entry_details.has_protein_modification   Y 
# 
_pdbx_validate_close_contact.id               1 
_pdbx_validate_close_contact.PDB_model_num    1 
_pdbx_validate_close_contact.auth_atom_id_1   NE2 
_pdbx_validate_close_contact.auth_asym_id_1   A 
_pdbx_validate_close_contact.auth_comp_id_1   GLN 
_pdbx_validate_close_contact.auth_seq_id_1    21 
_pdbx_validate_close_contact.PDB_ins_code_1   ? 
_pdbx_validate_close_contact.label_alt_id_1   ? 
_pdbx_validate_close_contact.auth_atom_id_2   O 
_pdbx_validate_close_contact.auth_asym_id_2   A 
_pdbx_validate_close_contact.auth_comp_id_2   HOH 
_pdbx_validate_close_contact.auth_seq_id_2    3158 
_pdbx_validate_close_contact.PDB_ins_code_2   ? 
_pdbx_validate_close_contact.label_alt_id_2   ? 
_pdbx_validate_close_contact.dist             2.15 
# 
loop_
_pdbx_validate_torsion.id 
_pdbx_validate_torsion.PDB_model_num 
_pdbx_validate_torsion.auth_comp_id 
_pdbx_validate_torsion.auth_asym_id 
_pdbx_validate_torsion.auth_seq_id 
_pdbx_validate_torsion.PDB_ins_code 
_pdbx_validate_torsion.label_alt_id 
_pdbx_validate_torsion.phi 
_pdbx_validate_torsion.psi 
1 1 HIS A 31 ? ? -172.60 133.23 
2 1 LEU A 53 ? ? -67.53  2.25   
# 
_pdbx_SG_project.id                    1 
_pdbx_SG_project.project_name          'PSI, Protein Structure Initiative' 
_pdbx_SG_project.full_name_of_center   'Northeast Structural Genomics Consortium' 
_pdbx_SG_project.initial_of_center     NESG 
# 
loop_
_pdbx_struct_mod_residue.id 
_pdbx_struct_mod_residue.label_asym_id 
_pdbx_struct_mod_residue.label_comp_id 
_pdbx_struct_mod_residue.label_seq_id 
_pdbx_struct_mod_residue.auth_asym_id 
_pdbx_struct_mod_residue.auth_comp_id 
_pdbx_struct_mod_residue.auth_seq_id 
_pdbx_struct_mod_residue.PDB_ins_code 
_pdbx_struct_mod_residue.parent_comp_id 
_pdbx_struct_mod_residue.details 
1 A MSE 27  A MSE 27  ? MET SELENOMETHIONINE 
2 A MSE 29  A MSE 29  ? MET SELENOMETHIONINE 
3 A MSE 44  A MSE 44  ? MET SELENOMETHIONINE 
4 A MSE 49  A MSE 49  ? MET SELENOMETHIONINE 
5 A MSE 112 A MSE 112 ? MET SELENOMETHIONINE 
6 A MSE 129 A MSE 129 ? MET SELENOMETHIONINE 
# 
_diffrn_reflns.diffrn_id                   1 
_diffrn_reflns.pdbx_d_res_high             1.700 
_diffrn_reflns.pdbx_d_res_low              50.000 
_diffrn_reflns.pdbx_number_obs             29155 
_diffrn_reflns.pdbx_Rmerge_I_obs           0.050 
_diffrn_reflns.pdbx_Rsym_value             ? 
_diffrn_reflns.pdbx_chi_squared            0.78 
_diffrn_reflns.av_sigmaI_over_netI         12.00 
_diffrn_reflns.pdbx_redundancy             10.50 
_diffrn_reflns.pdbx_percent_possible_obs   89.40 
_diffrn_reflns.number                      305699 
_diffrn_reflns.pdbx_observed_criterion     ? 
_diffrn_reflns.limit_h_max                 ? 
_diffrn_reflns.limit_h_min                 ? 
_diffrn_reflns.limit_k_max                 ? 
_diffrn_reflns.limit_k_min                 ? 
_diffrn_reflns.limit_l_max                 ? 
_diffrn_reflns.limit_l_min                 ? 
# 
loop_
_pdbx_diffrn_reflns_shell.diffrn_id 
_pdbx_diffrn_reflns_shell.d_res_high 
_pdbx_diffrn_reflns_shell.d_res_low 
_pdbx_diffrn_reflns_shell.number_obs 
_pdbx_diffrn_reflns_shell.rejects 
_pdbx_diffrn_reflns_shell.Rmerge_I_obs 
_pdbx_diffrn_reflns_shell.Rsym_value 
_pdbx_diffrn_reflns_shell.chi_squared 
_pdbx_diffrn_reflns_shell.redundancy 
_pdbx_diffrn_reflns_shell.percent_possible_obs 
1 3.66 50.00 ? ? 0.031 ? 0.921 11.60 98.40  
1 2.91 3.66  ? ? 0.035 ? 0.886 11.60 100.00 
1 2.54 2.91  ? ? 0.056 ? 0.847 11.60 100.00 
1 2.31 2.54  ? ? 0.090 ? 0.808 11.50 100.00 
1 2.14 2.31  ? ? 0.125 ? 0.779 11.40 100.00 
1 2.02 2.14  ? ? 0.190 ? 0.711 11.10 99.80  
1 1.91 2.02  ? ? 0.288 ? 0.679 10.30 95.70  
1 1.83 1.91  ? ? 0.388 ? 0.631 9.20  82.80  
1 1.76 1.83  ? ? 0.472 ? 0.604 7.50  69.00  
1 1.70 1.76  ? ? 0.674 ? 0.645 5.70  48.60  
# 
_pdbx_phasing_MAD_set.id                 PK_ano 
_pdbx_phasing_MAD_set.d_res_low          1.88 
_pdbx_phasing_MAD_set.d_res_high         5.83 
_pdbx_phasing_MAD_set.fom_centric        ? 
_pdbx_phasing_MAD_set.fom_acentric       ? 
_pdbx_phasing_MAD_set.fom                0.297 
_pdbx_phasing_MAD_set.R_cullis_centric   ? 
_pdbx_phasing_MAD_set.R_kraut_acentric   0.037 
_pdbx_phasing_MAD_set.power              0.710 
# 
_pdbx_phasing_dm.entry_id          2Q82 
_pdbx_phasing_dm.fom_acentric      0.520 
_pdbx_phasing_dm.fom_centric       0.500 
_pdbx_phasing_dm.fom               0.520 
_pdbx_phasing_dm.reflns_acentric   11383 
_pdbx_phasing_dm.reflns_centric    1230 
_pdbx_phasing_dm.reflns            12613 
# 
loop_
_pdbx_phasing_dm_shell.d_res_high 
_pdbx_phasing_dm_shell.d_res_low 
_pdbx_phasing_dm_shell.delta_phi_final 
_pdbx_phasing_dm_shell.delta_phi_initial 
_pdbx_phasing_dm_shell.fom_acentric 
_pdbx_phasing_dm_shell.fom_centric 
_pdbx_phasing_dm_shell.fom 
_pdbx_phasing_dm_shell.reflns_acentric 
_pdbx_phasing_dm_shell.reflns_centric 
_pdbx_phasing_dm_shell.reflns 
5.100 37.889 ? ? 0.950 0.840 0.920 494  167 661  
3.200 5.100  ? ? 0.910 0.790 0.900 1697 271 1968 
2.600 3.200  ? ? 0.730 0.580 0.720 2108 226 2334 
2.200 2.600  ? ? 0.530 0.360 0.520 2090 186 2276 
1.900 2.200  ? ? 0.290 0.200 0.280 3519 279 3798 
1.800 1.900  ? ? 0.130 0.080 0.130 1475 101 1576 
# 
_phasing.method   SAD 
# 
_phasing_MAD.entry_id          2Q82 
_phasing_MAD.pdbx_d_res_high   1.88 
_phasing_MAD.pdbx_d_res_low    5.83 
_phasing_MAD.pdbx_fom          0.295 
_phasing_MAD.pdbx_reflns       9638 
# 
loop_
_pdbx_unobs_or_zero_occ_residues.id 
_pdbx_unobs_or_zero_occ_residues.PDB_model_num 
_pdbx_unobs_or_zero_occ_residues.polymer_flag 
_pdbx_unobs_or_zero_occ_residues.occupancy_flag 
_pdbx_unobs_or_zero_occ_residues.auth_asym_id 
_pdbx_unobs_or_zero_occ_residues.auth_comp_id 
_pdbx_unobs_or_zero_occ_residues.auth_seq_id 
_pdbx_unobs_or_zero_occ_residues.PDB_ins_code 
_pdbx_unobs_or_zero_occ_residues.label_asym_id 
_pdbx_unobs_or_zero_occ_residues.label_comp_id 
_pdbx_unobs_or_zero_occ_residues.label_seq_id 
1  1 Y 1 A MSE 1  ? A MSE 1  
2  1 Y 1 A ASP 2  ? A ASP 2  
3  1 Y 1 A PHE 3  ? A PHE 3  
4  1 Y 1 A ILE 4  ? A ILE 4  
5  1 Y 1 A THR 5  ? A THR 5  
6  1 Y 1 A ASP 6  ? A ASP 6  
7  1 Y 1 A MSE 7  ? A MSE 7  
8  1 Y 1 A SER 8  ? A SER 8  
9  1 Y 1 A LYS 9  ? A LYS 9  
10 1 Y 1 A ASN 10 ? A ASN 10 
11 1 Y 1 A GLN 11 ? A GLN 11 
12 1 Y 1 A ARG 12 ? A ARG 12 
13 1 Y 1 A LEU 13 ? A LEU 13 
14 1 Y 1 A GLU 56 ? A GLU 56 
15 1 Y 1 A LEU 57 ? A LEU 57 
# 
loop_
_chem_comp_atom.comp_id 
_chem_comp_atom.atom_id 
_chem_comp_atom.type_symbol 
_chem_comp_atom.pdbx_aromatic_flag 
_chem_comp_atom.pdbx_stereo_config 
_chem_comp_atom.pdbx_ordinal 
ALA N    N  N N 1   
ALA CA   C  N S 2   
ALA C    C  N N 3   
ALA O    O  N N 4   
ALA CB   C  N N 5   
ALA OXT  O  N N 6   
ALA H    H  N N 7   
ALA H2   H  N N 8   
ALA HA   H  N N 9   
ALA HB1  H  N N 10  
ALA HB2  H  N N 11  
ALA HB3  H  N N 12  
ALA HXT  H  N N 13  
ARG N    N  N N 14  
ARG CA   C  N S 15  
ARG C    C  N N 16  
ARG O    O  N N 17  
ARG CB   C  N N 18  
ARG CG   C  N N 19  
ARG CD   C  N N 20  
ARG NE   N  N N 21  
ARG CZ   C  N N 22  
ARG NH1  N  N N 23  
ARG NH2  N  N N 24  
ARG OXT  O  N N 25  
ARG H    H  N N 26  
ARG H2   H  N N 27  
ARG HA   H  N N 28  
ARG HB2  H  N N 29  
ARG HB3  H  N N 30  
ARG HG2  H  N N 31  
ARG HG3  H  N N 32  
ARG HD2  H  N N 33  
ARG HD3  H  N N 34  
ARG HE   H  N N 35  
ARG HH11 H  N N 36  
ARG HH12 H  N N 37  
ARG HH21 H  N N 38  
ARG HH22 H  N N 39  
ARG HXT  H  N N 40  
ASN N    N  N N 41  
ASN CA   C  N S 42  
ASN C    C  N N 43  
ASN O    O  N N 44  
ASN CB   C  N N 45  
ASN CG   C  N N 46  
ASN OD1  O  N N 47  
ASN ND2  N  N N 48  
ASN OXT  O  N N 49  
ASN H    H  N N 50  
ASN H2   H  N N 51  
ASN HA   H  N N 52  
ASN HB2  H  N N 53  
ASN HB3  H  N N 54  
ASN HD21 H  N N 55  
ASN HD22 H  N N 56  
ASN HXT  H  N N 57  
ASP N    N  N N 58  
ASP CA   C  N S 59  
ASP C    C  N N 60  
ASP O    O  N N 61  
ASP CB   C  N N 62  
ASP CG   C  N N 63  
ASP OD1  O  N N 64  
ASP OD2  O  N N 65  
ASP OXT  O  N N 66  
ASP H    H  N N 67  
ASP H2   H  N N 68  
ASP HA   H  N N 69  
ASP HB2  H  N N 70  
ASP HB3  H  N N 71  
ASP HD2  H  N N 72  
ASP HXT  H  N N 73  
GLN N    N  N N 74  
GLN CA   C  N S 75  
GLN C    C  N N 76  
GLN O    O  N N 77  
GLN CB   C  N N 78  
GLN CG   C  N N 79  
GLN CD   C  N N 80  
GLN OE1  O  N N 81  
GLN NE2  N  N N 82  
GLN OXT  O  N N 83  
GLN H    H  N N 84  
GLN H2   H  N N 85  
GLN HA   H  N N 86  
GLN HB2  H  N N 87  
GLN HB3  H  N N 88  
GLN HG2  H  N N 89  
GLN HG3  H  N N 90  
GLN HE21 H  N N 91  
GLN HE22 H  N N 92  
GLN HXT  H  N N 93  
GLU N    N  N N 94  
GLU CA   C  N S 95  
GLU C    C  N N 96  
GLU O    O  N N 97  
GLU CB   C  N N 98  
GLU CG   C  N N 99  
GLU CD   C  N N 100 
GLU OE1  O  N N 101 
GLU OE2  O  N N 102 
GLU OXT  O  N N 103 
GLU H    H  N N 104 
GLU H2   H  N N 105 
GLU HA   H  N N 106 
GLU HB2  H  N N 107 
GLU HB3  H  N N 108 
GLU HG2  H  N N 109 
GLU HG3  H  N N 110 
GLU HE2  H  N N 111 
GLU HXT  H  N N 112 
GLY N    N  N N 113 
GLY CA   C  N N 114 
GLY C    C  N N 115 
GLY O    O  N N 116 
GLY OXT  O  N N 117 
GLY H    H  N N 118 
GLY H2   H  N N 119 
GLY HA2  H  N N 120 
GLY HA3  H  N N 121 
GLY HXT  H  N N 122 
HIS N    N  N N 123 
HIS CA   C  N S 124 
HIS C    C  N N 125 
HIS O    O  N N 126 
HIS CB   C  N N 127 
HIS CG   C  Y N 128 
HIS ND1  N  Y N 129 
HIS CD2  C  Y N 130 
HIS CE1  C  Y N 131 
HIS NE2  N  Y N 132 
HIS OXT  O  N N 133 
HIS H    H  N N 134 
HIS H2   H  N N 135 
HIS HA   H  N N 136 
HIS HB2  H  N N 137 
HIS HB3  H  N N 138 
HIS HD1  H  N N 139 
HIS HD2  H  N N 140 
HIS HE1  H  N N 141 
HIS HE2  H  N N 142 
HIS HXT  H  N N 143 
HOH O    O  N N 144 
HOH H1   H  N N 145 
HOH H2   H  N N 146 
ILE N    N  N N 147 
ILE CA   C  N S 148 
ILE C    C  N N 149 
ILE O    O  N N 150 
ILE CB   C  N S 151 
ILE CG1  C  N N 152 
ILE CG2  C  N N 153 
ILE CD1  C  N N 154 
ILE OXT  O  N N 155 
ILE H    H  N N 156 
ILE H2   H  N N 157 
ILE HA   H  N N 158 
ILE HB   H  N N 159 
ILE HG12 H  N N 160 
ILE HG13 H  N N 161 
ILE HG21 H  N N 162 
ILE HG22 H  N N 163 
ILE HG23 H  N N 164 
ILE HD11 H  N N 165 
ILE HD12 H  N N 166 
ILE HD13 H  N N 167 
ILE HXT  H  N N 168 
LEU N    N  N N 169 
LEU CA   C  N S 170 
LEU C    C  N N 171 
LEU O    O  N N 172 
LEU CB   C  N N 173 
LEU CG   C  N N 174 
LEU CD1  C  N N 175 
LEU CD2  C  N N 176 
LEU OXT  O  N N 177 
LEU H    H  N N 178 
LEU H2   H  N N 179 
LEU HA   H  N N 180 
LEU HB2  H  N N 181 
LEU HB3  H  N N 182 
LEU HG   H  N N 183 
LEU HD11 H  N N 184 
LEU HD12 H  N N 185 
LEU HD13 H  N N 186 
LEU HD21 H  N N 187 
LEU HD22 H  N N 188 
LEU HD23 H  N N 189 
LEU HXT  H  N N 190 
LYS N    N  N N 191 
LYS CA   C  N S 192 
LYS C    C  N N 193 
LYS O    O  N N 194 
LYS CB   C  N N 195 
LYS CG   C  N N 196 
LYS CD   C  N N 197 
LYS CE   C  N N 198 
LYS NZ   N  N N 199 
LYS OXT  O  N N 200 
LYS H    H  N N 201 
LYS H2   H  N N 202 
LYS HA   H  N N 203 
LYS HB2  H  N N 204 
LYS HB3  H  N N 205 
LYS HG2  H  N N 206 
LYS HG3  H  N N 207 
LYS HD2  H  N N 208 
LYS HD3  H  N N 209 
LYS HE2  H  N N 210 
LYS HE3  H  N N 211 
LYS HZ1  H  N N 212 
LYS HZ2  H  N N 213 
LYS HZ3  H  N N 214 
LYS HXT  H  N N 215 
MET N    N  N N 216 
MET CA   C  N S 217 
MET C    C  N N 218 
MET O    O  N N 219 
MET CB   C  N N 220 
MET CG   C  N N 221 
MET SD   S  N N 222 
MET CE   C  N N 223 
MET OXT  O  N N 224 
MET H    H  N N 225 
MET H2   H  N N 226 
MET HA   H  N N 227 
MET HB2  H  N N 228 
MET HB3  H  N N 229 
MET HG2  H  N N 230 
MET HG3  H  N N 231 
MET HE1  H  N N 232 
MET HE2  H  N N 233 
MET HE3  H  N N 234 
MET HXT  H  N N 235 
MSE N    N  N N 236 
MSE CA   C  N S 237 
MSE C    C  N N 238 
MSE O    O  N N 239 
MSE OXT  O  N N 240 
MSE CB   C  N N 241 
MSE CG   C  N N 242 
MSE SE   SE N N 243 
MSE CE   C  N N 244 
MSE H    H  N N 245 
MSE H2   H  N N 246 
MSE HA   H  N N 247 
MSE HXT  H  N N 248 
MSE HB2  H  N N 249 
MSE HB3  H  N N 250 
MSE HG2  H  N N 251 
MSE HG3  H  N N 252 
MSE HE1  H  N N 253 
MSE HE2  H  N N 254 
MSE HE3  H  N N 255 
PHE N    N  N N 256 
PHE CA   C  N S 257 
PHE C    C  N N 258 
PHE O    O  N N 259 
PHE CB   C  N N 260 
PHE CG   C  Y N 261 
PHE CD1  C  Y N 262 
PHE CD2  C  Y N 263 
PHE CE1  C  Y N 264 
PHE CE2  C  Y N 265 
PHE CZ   C  Y N 266 
PHE OXT  O  N N 267 
PHE H    H  N N 268 
PHE H2   H  N N 269 
PHE HA   H  N N 270 
PHE HB2  H  N N 271 
PHE HB3  H  N N 272 
PHE HD1  H  N N 273 
PHE HD2  H  N N 274 
PHE HE1  H  N N 275 
PHE HE2  H  N N 276 
PHE HZ   H  N N 277 
PHE HXT  H  N N 278 
PRO N    N  N N 279 
PRO CA   C  N S 280 
PRO C    C  N N 281 
PRO O    O  N N 282 
PRO CB   C  N N 283 
PRO CG   C  N N 284 
PRO CD   C  N N 285 
PRO OXT  O  N N 286 
PRO H    H  N N 287 
PRO HA   H  N N 288 
PRO HB2  H  N N 289 
PRO HB3  H  N N 290 
PRO HG2  H  N N 291 
PRO HG3  H  N N 292 
PRO HD2  H  N N 293 
PRO HD3  H  N N 294 
PRO HXT  H  N N 295 
SER N    N  N N 296 
SER CA   C  N S 297 
SER C    C  N N 298 
SER O    O  N N 299 
SER CB   C  N N 300 
SER OG   O  N N 301 
SER OXT  O  N N 302 
SER H    H  N N 303 
SER H2   H  N N 304 
SER HA   H  N N 305 
SER HB2  H  N N 306 
SER HB3  H  N N 307 
SER HG   H  N N 308 
SER HXT  H  N N 309 
THR N    N  N N 310 
THR CA   C  N S 311 
THR C    C  N N 312 
THR O    O  N N 313 
THR CB   C  N R 314 
THR OG1  O  N N 315 
THR CG2  C  N N 316 
THR OXT  O  N N 317 
THR H    H  N N 318 
THR H2   H  N N 319 
THR HA   H  N N 320 
THR HB   H  N N 321 
THR HG1  H  N N 322 
THR HG21 H  N N 323 
THR HG22 H  N N 324 
THR HG23 H  N N 325 
THR HXT  H  N N 326 
TYR N    N  N N 327 
TYR CA   C  N S 328 
TYR C    C  N N 329 
TYR O    O  N N 330 
TYR CB   C  N N 331 
TYR CG   C  Y N 332 
TYR CD1  C  Y N 333 
TYR CD2  C  Y N 334 
TYR CE1  C  Y N 335 
TYR CE2  C  Y N 336 
TYR CZ   C  Y N 337 
TYR OH   O  N N 338 
TYR OXT  O  N N 339 
TYR H    H  N N 340 
TYR H2   H  N N 341 
TYR HA   H  N N 342 
TYR HB2  H  N N 343 
TYR HB3  H  N N 344 
TYR HD1  H  N N 345 
TYR HD2  H  N N 346 
TYR HE1  H  N N 347 
TYR HE2  H  N N 348 
TYR HH   H  N N 349 
TYR HXT  H  N N 350 
VAL N    N  N N 351 
VAL CA   C  N S 352 
VAL C    C  N N 353 
VAL O    O  N N 354 
VAL CB   C  N N 355 
VAL CG1  C  N N 356 
VAL CG2  C  N N 357 
VAL OXT  O  N N 358 
VAL H    H  N N 359 
VAL H2   H  N N 360 
VAL HA   H  N N 361 
VAL HB   H  N N 362 
VAL HG11 H  N N 363 
VAL HG12 H  N N 364 
VAL HG13 H  N N 365 
VAL HG21 H  N N 366 
VAL HG22 H  N N 367 
VAL HG23 H  N N 368 
VAL HXT  H  N N 369 
# 
loop_
_chem_comp_bond.comp_id 
_chem_comp_bond.atom_id_1 
_chem_comp_bond.atom_id_2 
_chem_comp_bond.value_order 
_chem_comp_bond.pdbx_aromatic_flag 
_chem_comp_bond.pdbx_stereo_config 
_chem_comp_bond.pdbx_ordinal 
ALA N   CA   sing N N 1   
ALA N   H    sing N N 2   
ALA N   H2   sing N N 3   
ALA CA  C    sing N N 4   
ALA CA  CB   sing N N 5   
ALA CA  HA   sing N N 6   
ALA C   O    doub N N 7   
ALA C   OXT  sing N N 8   
ALA CB  HB1  sing N N 9   
ALA CB  HB2  sing N N 10  
ALA CB  HB3  sing N N 11  
ALA OXT HXT  sing N N 12  
ARG N   CA   sing N N 13  
ARG N   H    sing N N 14  
ARG N   H2   sing N N 15  
ARG CA  C    sing N N 16  
ARG CA  CB   sing N N 17  
ARG CA  HA   sing N N 18  
ARG C   O    doub N N 19  
ARG C   OXT  sing N N 20  
ARG CB  CG   sing N N 21  
ARG CB  HB2  sing N N 22  
ARG CB  HB3  sing N N 23  
ARG CG  CD   sing N N 24  
ARG CG  HG2  sing N N 25  
ARG CG  HG3  sing N N 26  
ARG CD  NE   sing N N 27  
ARG CD  HD2  sing N N 28  
ARG CD  HD3  sing N N 29  
ARG NE  CZ   sing N N 30  
ARG NE  HE   sing N N 31  
ARG CZ  NH1  sing N N 32  
ARG CZ  NH2  doub N N 33  
ARG NH1 HH11 sing N N 34  
ARG NH1 HH12 sing N N 35  
ARG NH2 HH21 sing N N 36  
ARG NH2 HH22 sing N N 37  
ARG OXT HXT  sing N N 38  
ASN N   CA   sing N N 39  
ASN N   H    sing N N 40  
ASN N   H2   sing N N 41  
ASN CA  C    sing N N 42  
ASN CA  CB   sing N N 43  
ASN CA  HA   sing N N 44  
ASN C   O    doub N N 45  
ASN C   OXT  sing N N 46  
ASN CB  CG   sing N N 47  
ASN CB  HB2  sing N N 48  
ASN CB  HB3  sing N N 49  
ASN CG  OD1  doub N N 50  
ASN CG  ND2  sing N N 51  
ASN ND2 HD21 sing N N 52  
ASN ND2 HD22 sing N N 53  
ASN OXT HXT  sing N N 54  
ASP N   CA   sing N N 55  
ASP N   H    sing N N 56  
ASP N   H2   sing N N 57  
ASP CA  C    sing N N 58  
ASP CA  CB   sing N N 59  
ASP CA  HA   sing N N 60  
ASP C   O    doub N N 61  
ASP C   OXT  sing N N 62  
ASP CB  CG   sing N N 63  
ASP CB  HB2  sing N N 64  
ASP CB  HB3  sing N N 65  
ASP CG  OD1  doub N N 66  
ASP CG  OD2  sing N N 67  
ASP OD2 HD2  sing N N 68  
ASP OXT HXT  sing N N 69  
GLN N   CA   sing N N 70  
GLN N   H    sing N N 71  
GLN N   H2   sing N N 72  
GLN CA  C    sing N N 73  
GLN CA  CB   sing N N 74  
GLN CA  HA   sing N N 75  
GLN C   O    doub N N 76  
GLN C   OXT  sing N N 77  
GLN CB  CG   sing N N 78  
GLN CB  HB2  sing N N 79  
GLN CB  HB3  sing N N 80  
GLN CG  CD   sing N N 81  
GLN CG  HG2  sing N N 82  
GLN CG  HG3  sing N N 83  
GLN CD  OE1  doub N N 84  
GLN CD  NE2  sing N N 85  
GLN NE2 HE21 sing N N 86  
GLN NE2 HE22 sing N N 87  
GLN OXT HXT  sing N N 88  
GLU N   CA   sing N N 89  
GLU N   H    sing N N 90  
GLU N   H2   sing N N 91  
GLU CA  C    sing N N 92  
GLU CA  CB   sing N N 93  
GLU CA  HA   sing N N 94  
GLU C   O    doub N N 95  
GLU C   OXT  sing N N 96  
GLU CB  CG   sing N N 97  
GLU CB  HB2  sing N N 98  
GLU CB  HB3  sing N N 99  
GLU CG  CD   sing N N 100 
GLU CG  HG2  sing N N 101 
GLU CG  HG3  sing N N 102 
GLU CD  OE1  doub N N 103 
GLU CD  OE2  sing N N 104 
GLU OE2 HE2  sing N N 105 
GLU OXT HXT  sing N N 106 
GLY N   CA   sing N N 107 
GLY N   H    sing N N 108 
GLY N   H2   sing N N 109 
GLY CA  C    sing N N 110 
GLY CA  HA2  sing N N 111 
GLY CA  HA3  sing N N 112 
GLY C   O    doub N N 113 
GLY C   OXT  sing N N 114 
GLY OXT HXT  sing N N 115 
HIS N   CA   sing N N 116 
HIS N   H    sing N N 117 
HIS N   H2   sing N N 118 
HIS CA  C    sing N N 119 
HIS CA  CB   sing N N 120 
HIS CA  HA   sing N N 121 
HIS C   O    doub N N 122 
HIS C   OXT  sing N N 123 
HIS CB  CG   sing N N 124 
HIS CB  HB2  sing N N 125 
HIS CB  HB3  sing N N 126 
HIS CG  ND1  sing Y N 127 
HIS CG  CD2  doub Y N 128 
HIS ND1 CE1  doub Y N 129 
HIS ND1 HD1  sing N N 130 
HIS CD2 NE2  sing Y N 131 
HIS CD2 HD2  sing N N 132 
HIS CE1 NE2  sing Y N 133 
HIS CE1 HE1  sing N N 134 
HIS NE2 HE2  sing N N 135 
HIS OXT HXT  sing N N 136 
HOH O   H1   sing N N 137 
HOH O   H2   sing N N 138 
ILE N   CA   sing N N 139 
ILE N   H    sing N N 140 
ILE N   H2   sing N N 141 
ILE CA  C    sing N N 142 
ILE CA  CB   sing N N 143 
ILE CA  HA   sing N N 144 
ILE C   O    doub N N 145 
ILE C   OXT  sing N N 146 
ILE CB  CG1  sing N N 147 
ILE CB  CG2  sing N N 148 
ILE CB  HB   sing N N 149 
ILE CG1 CD1  sing N N 150 
ILE CG1 HG12 sing N N 151 
ILE CG1 HG13 sing N N 152 
ILE CG2 HG21 sing N N 153 
ILE CG2 HG22 sing N N 154 
ILE CG2 HG23 sing N N 155 
ILE CD1 HD11 sing N N 156 
ILE CD1 HD12 sing N N 157 
ILE CD1 HD13 sing N N 158 
ILE OXT HXT  sing N N 159 
LEU N   CA   sing N N 160 
LEU N   H    sing N N 161 
LEU N   H2   sing N N 162 
LEU CA  C    sing N N 163 
LEU CA  CB   sing N N 164 
LEU CA  HA   sing N N 165 
LEU C   O    doub N N 166 
LEU C   OXT  sing N N 167 
LEU CB  CG   sing N N 168 
LEU CB  HB2  sing N N 169 
LEU CB  HB3  sing N N 170 
LEU CG  CD1  sing N N 171 
LEU CG  CD2  sing N N 172 
LEU CG  HG   sing N N 173 
LEU CD1 HD11 sing N N 174 
LEU CD1 HD12 sing N N 175 
LEU CD1 HD13 sing N N 176 
LEU CD2 HD21 sing N N 177 
LEU CD2 HD22 sing N N 178 
LEU CD2 HD23 sing N N 179 
LEU OXT HXT  sing N N 180 
LYS N   CA   sing N N 181 
LYS N   H    sing N N 182 
LYS N   H2   sing N N 183 
LYS CA  C    sing N N 184 
LYS CA  CB   sing N N 185 
LYS CA  HA   sing N N 186 
LYS C   O    doub N N 187 
LYS C   OXT  sing N N 188 
LYS CB  CG   sing N N 189 
LYS CB  HB2  sing N N 190 
LYS CB  HB3  sing N N 191 
LYS CG  CD   sing N N 192 
LYS CG  HG2  sing N N 193 
LYS CG  HG3  sing N N 194 
LYS CD  CE   sing N N 195 
LYS CD  HD2  sing N N 196 
LYS CD  HD3  sing N N 197 
LYS CE  NZ   sing N N 198 
LYS CE  HE2  sing N N 199 
LYS CE  HE3  sing N N 200 
LYS NZ  HZ1  sing N N 201 
LYS NZ  HZ2  sing N N 202 
LYS NZ  HZ3  sing N N 203 
LYS OXT HXT  sing N N 204 
MET N   CA   sing N N 205 
MET N   H    sing N N 206 
MET N   H2   sing N N 207 
MET CA  C    sing N N 208 
MET CA  CB   sing N N 209 
MET CA  HA   sing N N 210 
MET C   O    doub N N 211 
MET C   OXT  sing N N 212 
MET CB  CG   sing N N 213 
MET CB  HB2  sing N N 214 
MET CB  HB3  sing N N 215 
MET CG  SD   sing N N 216 
MET CG  HG2  sing N N 217 
MET CG  HG3  sing N N 218 
MET SD  CE   sing N N 219 
MET CE  HE1  sing N N 220 
MET CE  HE2  sing N N 221 
MET CE  HE3  sing N N 222 
MET OXT HXT  sing N N 223 
MSE N   CA   sing N N 224 
MSE N   H    sing N N 225 
MSE N   H2   sing N N 226 
MSE CA  C    sing N N 227 
MSE CA  CB   sing N N 228 
MSE CA  HA   sing N N 229 
MSE C   O    doub N N 230 
MSE C   OXT  sing N N 231 
MSE OXT HXT  sing N N 232 
MSE CB  CG   sing N N 233 
MSE CB  HB2  sing N N 234 
MSE CB  HB3  sing N N 235 
MSE CG  SE   sing N N 236 
MSE CG  HG2  sing N N 237 
MSE CG  HG3  sing N N 238 
MSE SE  CE   sing N N 239 
MSE CE  HE1  sing N N 240 
MSE CE  HE2  sing N N 241 
MSE CE  HE3  sing N N 242 
PHE N   CA   sing N N 243 
PHE N   H    sing N N 244 
PHE N   H2   sing N N 245 
PHE CA  C    sing N N 246 
PHE CA  CB   sing N N 247 
PHE CA  HA   sing N N 248 
PHE C   O    doub N N 249 
PHE C   OXT  sing N N 250 
PHE CB  CG   sing N N 251 
PHE CB  HB2  sing N N 252 
PHE CB  HB3  sing N N 253 
PHE CG  CD1  doub Y N 254 
PHE CG  CD2  sing Y N 255 
PHE CD1 CE1  sing Y N 256 
PHE CD1 HD1  sing N N 257 
PHE CD2 CE2  doub Y N 258 
PHE CD2 HD2  sing N N 259 
PHE CE1 CZ   doub Y N 260 
PHE CE1 HE1  sing N N 261 
PHE CE2 CZ   sing Y N 262 
PHE CE2 HE2  sing N N 263 
PHE CZ  HZ   sing N N 264 
PHE OXT HXT  sing N N 265 
PRO N   CA   sing N N 266 
PRO N   CD   sing N N 267 
PRO N   H    sing N N 268 
PRO CA  C    sing N N 269 
PRO CA  CB   sing N N 270 
PRO CA  HA   sing N N 271 
PRO C   O    doub N N 272 
PRO C   OXT  sing N N 273 
PRO CB  CG   sing N N 274 
PRO CB  HB2  sing N N 275 
PRO CB  HB3  sing N N 276 
PRO CG  CD   sing N N 277 
PRO CG  HG2  sing N N 278 
PRO CG  HG3  sing N N 279 
PRO CD  HD2  sing N N 280 
PRO CD  HD3  sing N N 281 
PRO OXT HXT  sing N N 282 
SER N   CA   sing N N 283 
SER N   H    sing N N 284 
SER N   H2   sing N N 285 
SER CA  C    sing N N 286 
SER CA  CB   sing N N 287 
SER CA  HA   sing N N 288 
SER C   O    doub N N 289 
SER C   OXT  sing N N 290 
SER CB  OG   sing N N 291 
SER CB  HB2  sing N N 292 
SER CB  HB3  sing N N 293 
SER OG  HG   sing N N 294 
SER OXT HXT  sing N N 295 
THR N   CA   sing N N 296 
THR N   H    sing N N 297 
THR N   H2   sing N N 298 
THR CA  C    sing N N 299 
THR CA  CB   sing N N 300 
THR CA  HA   sing N N 301 
THR C   O    doub N N 302 
THR C   OXT  sing N N 303 
THR CB  OG1  sing N N 304 
THR CB  CG2  sing N N 305 
THR CB  HB   sing N N 306 
THR OG1 HG1  sing N N 307 
THR CG2 HG21 sing N N 308 
THR CG2 HG22 sing N N 309 
THR CG2 HG23 sing N N 310 
THR OXT HXT  sing N N 311 
TYR N   CA   sing N N 312 
TYR N   H    sing N N 313 
TYR N   H2   sing N N 314 
TYR CA  C    sing N N 315 
TYR CA  CB   sing N N 316 
TYR CA  HA   sing N N 317 
TYR C   O    doub N N 318 
TYR C   OXT  sing N N 319 
TYR CB  CG   sing N N 320 
TYR CB  HB2  sing N N 321 
TYR CB  HB3  sing N N 322 
TYR CG  CD1  doub Y N 323 
TYR CG  CD2  sing Y N 324 
TYR CD1 CE1  sing Y N 325 
TYR CD1 HD1  sing N N 326 
TYR CD2 CE2  doub Y N 327 
TYR CD2 HD2  sing N N 328 
TYR CE1 CZ   doub Y N 329 
TYR CE1 HE1  sing N N 330 
TYR CE2 CZ   sing Y N 331 
TYR CE2 HE2  sing N N 332 
TYR CZ  OH   sing N N 333 
TYR OH  HH   sing N N 334 
TYR OXT HXT  sing N N 335 
VAL N   CA   sing N N 336 
VAL N   H    sing N N 337 
VAL N   H2   sing N N 338 
VAL CA  C    sing N N 339 
VAL CA  CB   sing N N 340 
VAL CA  HA   sing N N 341 
VAL C   O    doub N N 342 
VAL C   OXT  sing N N 343 
VAL CB  CG1  sing N N 344 
VAL CB  CG2  sing N N 345 
VAL CB  HB   sing N N 346 
VAL CG1 HG11 sing N N 347 
VAL CG1 HG12 sing N N 348 
VAL CG1 HG13 sing N N 349 
VAL CG2 HG21 sing N N 350 
VAL CG2 HG22 sing N N 351 
VAL CG2 HG23 sing N N 352 
VAL OXT HXT  sing N N 353 
# 
_atom_sites.entry_id                    2Q82 
_atom_sites.fract_transf_matrix[1][1]   0.01245277 
_atom_sites.fract_transf_matrix[1][2]   0.00576075 
_atom_sites.fract_transf_matrix[1][3]   -0.00675640 
_atom_sites.fract_transf_matrix[2][1]   0.01369099 
_atom_sites.fract_transf_matrix[2][2]   -0.00149316 
_atom_sites.fract_transf_matrix[2][3]   0.00665084 
_atom_sites.fract_transf_matrix[3][1]   0.00299743 
_atom_sites.fract_transf_matrix[3][2]   -0.01861860 
_atom_sites.fract_transf_matrix[3][3]   -0.01035032 
_atom_sites.fract_transf_vector[1]      0.796348 
_atom_sites.fract_transf_vector[2]      0.568802 
_atom_sites.fract_transf_vector[3]      0.170347 
# 
loop_
_atom_type.symbol 
C  
N  
O  
SE 
# 
loop_
_atom_site.group_PDB 
_atom_site.id 
_atom_site.type_symbol 
_atom_site.label_atom_id 
_atom_site.label_alt_id 
_atom_site.label_comp_id 
_atom_site.label_asym_id 
_atom_site.label_entity_id 
_atom_site.label_seq_id 
_atom_site.pdbx_PDB_ins_code 
_atom_site.Cartn_x 
_atom_site.Cartn_y 
_atom_site.Cartn_z 
_atom_site.occupancy 
_atom_site.B_iso_or_equiv 
_atom_site.pdbx_formal_charge 
_atom_site.auth_seq_id 
_atom_site.auth_comp_id 
_atom_site.auth_asym_id 
_atom_site.auth_atom_id 
_atom_site.pdbx_PDB_model_num 
ATOM   1    N  N   . GLU A 1 14  ? -10.587 -16.159 3.326   1.00 70.69  ? 14   GLU A N   1 
ATOM   2    C  CA  . GLU A 1 14  ? -10.652 -16.416 4.775   1.00 66.45  ? 14   GLU A CA  1 
ATOM   3    C  C   . GLU A 1 14  ? -9.303  -15.598 5.150   1.00 61.23  ? 14   GLU A C   1 
ATOM   4    O  O   . GLU A 1 14  ? -8.502  -15.152 4.304   1.00 60.31  ? 14   GLU A O   1 
ATOM   5    C  CB  . GLU A 1 14  ? -10.494 -17.760 5.263   1.00 68.07  ? 14   GLU A CB  1 
ATOM   6    C  CG  . GLU A 1 14  ? -9.175  -18.405 5.043   1.00 71.94  ? 14   GLU A CG  1 
ATOM   7    C  CD  . GLU A 1 14  ? -9.222  -19.807 5.558   1.00 74.08  ? 14   GLU A CD  1 
ATOM   8    O  OE1 . GLU A 1 14  ? -10.301 -20.213 6.035   1.00 74.52  ? 14   GLU A OE1 1 
ATOM   9    O  OE2 . GLU A 1 14  ? -8.202  -20.520 5.491   1.00 74.69  ? 14   GLU A OE2 1 
ATOM   10   N  N   . LEU A 1 15  ? -9.105  -15.522 6.455   1.00 57.67  ? 15   LEU A N   1 
ATOM   11   C  CA  . LEU A 1 15  ? -8.129  -14.636 6.992   1.00 51.47  ? 15   LEU A CA  1 
ATOM   12   C  C   . LEU A 1 15  ? -6.723  -14.941 6.748   1.00 51.60  ? 15   LEU A C   1 
ATOM   13   O  O   . LEU A 1 15  ? -5.910  -14.039 6.578   1.00 48.61  ? 15   LEU A O   1 
ATOM   14   C  CB  . LEU A 1 15  ? -8.448  -14.539 8.499   1.00 45.60  ? 15   LEU A CB  1 
ATOM   15   C  CG  . LEU A 1 15  ? -7.421  -13.717 9.282   1.00 42.27  ? 15   LEU A CG  1 
ATOM   16   C  CD1 . LEU A 1 15  ? -7.544  -12.279 8.911   1.00 38.54  ? 15   LEU A CD1 1 
ATOM   17   C  CD2 . LEU A 1 15  ? -7.589  -13.925 10.730  1.00 39.87  ? 15   LEU A CD2 1 
ATOM   18   N  N   . GLN A 1 16  ? -6.429  -16.230 6.692   1.00 52.84  ? 16   GLN A N   1 
ATOM   19   C  CA  . GLN A 1 16  ? -5.043  -16.649 6.535   1.00 56.72  ? 16   GLN A CA  1 
ATOM   20   C  C   . GLN A 1 16  ? -4.581  -16.338 5.186   1.00 54.78  ? 16   GLN A C   1 
ATOM   21   O  O   . GLN A 1 16  ? -3.494  -15.882 4.957   1.00 52.80  ? 16   GLN A O   1 
ATOM   22   C  CB  . GLN A 1 16  ? -4.889  -18.142 6.802   1.00 62.88  ? 16   GLN A CB  1 
ATOM   23   C  CG  . GLN A 1 16  ? -5.094  -18.538 8.228   1.00 75.33  ? 16   GLN A CG  1 
ATOM   24   C  CD  . GLN A 1 16  ? -4.138  -17.866 9.158   1.00 81.68  ? 16   GLN A CD  1 
ATOM   25   O  OE1 . GLN A 1 16  ? -4.558  -17.147 10.058  1.00 85.70  ? 16   GLN A OE1 1 
ATOM   26   N  NE2 . GLN A 1 16  ? -2.848  -18.095 8.968   1.00 85.86  ? 16   GLN A NE2 1 
ATOM   27   N  N   . ASN A 1 17  ? -5.459  -16.581 4.210   1.00 53.98  ? 17   ASN A N   1 
ATOM   28   C  CA  . ASN A 1 17  ? -5.060  -16.274 2.888   1.00 54.66  ? 17   ASN A CA  1 
ATOM   29   C  C   . ASN A 1 17  ? -4.910  -14.783 2.725   1.00 51.32  ? 17   ASN A C   1 
ATOM   30   O  O   . ASN A 1 17  ? -4.062  -14.333 1.962   1.00 51.48  ? 17   ASN A O   1 
ATOM   31   C  CB  . ASN A 1 17  ? -6.099  -16.817 1.970   1.00 60.97  ? 17   ASN A CB  1 
ATOM   32   C  CG  . ASN A 1 17  ? -6.184  -18.305 2.065   1.00 66.83  ? 17   ASN A CG  1 
ATOM   33   O  OD1 . ASN A 1 17  ? -7.234  -18.893 1.858   1.00 70.56  ? 17   ASN A OD1 1 
ATOM   34   N  ND2 . ASN A 1 17  ? -5.054  -18.938 2.378   1.00 69.87  ? 17   ASN A ND2 1 
ATOM   35   N  N   . ARG A 1 18  ? -5.729  -14.010 3.427   1.00 46.54  ? 18   ARG A N   1 
ATOM   36   C  CA  . ARG A 1 18  ? -5.618  -12.573 3.294   1.00 40.55  ? 18   ARG A CA  1 
ATOM   37   C  C   . ARG A 1 18  ? -4.293  -12.106 3.815   1.00 37.64  ? 18   ARG A C   1 
ATOM   38   O  O   . ARG A 1 18  ? -3.597  -11.334 3.158   1.00 36.85  ? 18   ARG A O   1 
ATOM   39   C  CB  . ARG A 1 18  ? -6.735  -11.858 4.029   1.00 39.48  ? 18   ARG A CB  1 
ATOM   40   C  CG  . ARG A 1 18  ? -8.015  -12.014 3.282   1.00 41.28  ? 18   ARG A CG  1 
ATOM   41   C  CD  . ARG A 1 18  ? -9.103  -11.066 3.712   1.00 40.21  ? 18   ARG A CD  1 
ATOM   42   N  NE  . ARG A 1 18  ? -9.342  -10.969 5.149   1.00 42.20  ? 18   ARG A NE  1 
ATOM   43   C  CZ  . ARG A 1 18  ? -10.195 -11.719 5.846   1.00 43.20  ? 18   ARG A CZ  1 
ATOM   44   N  NH1 . ARG A 1 18  ? -10.910 -12.671 5.259   1.00 42.96  ? 18   ARG A NH1 1 
ATOM   45   N  NH2 . ARG A 1 18  ? -10.397 -11.455 7.131   1.00 42.14  ? 18   ARG A NH2 1 
ATOM   46   N  N   . LEU A 1 19  ? -3.933  -12.579 4.996   1.00 34.92  ? 19   LEU A N   1 
ATOM   47   C  CA  . LEU A 1 19  ? -2.679  -12.177 5.592   1.00 35.63  ? 19   LEU A CA  1 
ATOM   48   C  C   . LEU A 1 19  ? -1.487  -12.634 4.795   1.00 37.20  ? 19   LEU A C   1 
ATOM   49   O  O   . LEU A 1 19  ? -0.455  -11.966 4.774   1.00 35.63  ? 19   LEU A O   1 
ATOM   50   C  CB  . LEU A 1 19  ? -2.561  -12.757 6.979   1.00 34.73  ? 19   LEU A CB  1 
ATOM   51   C  CG  . LEU A 1 19  ? -3.594  -12.208 7.940   1.00 34.98  ? 19   LEU A CG  1 
ATOM   52   C  CD1 . LEU A 1 19  ? -3.768  -13.182 9.072   1.00 35.08  ? 19   LEU A CD1 1 
ATOM   53   C  CD2 . LEU A 1 19  ? -3.157  -10.848 8.448   1.00 34.23  ? 19   LEU A CD2 1 
ATOM   54   N  N   . ALA A 1 20  ? -1.621  -13.778 4.137   1.00 38.82  ? 20   ALA A N   1 
ATOM   55   C  CA  . ALA A 1 20  ? -0.528  -14.324 3.348   1.00 42.19  ? 20   ALA A CA  1 
ATOM   56   C  C   . ALA A 1 20  ? -0.195  -13.381 2.206   1.00 45.05  ? 20   ALA A C   1 
ATOM   57   O  O   . ALA A 1 20  ? 0.966   -13.176 1.877   1.00 47.71  ? 20   ALA A O   1 
ATOM   58   C  CB  . ALA A 1 20  ? -0.885  -15.697 2.819   1.00 41.10  ? 20   ALA A CB  1 
ATOM   59   N  N   . GLN A 1 21  ? -1.224  -12.793 1.610   1.00 49.14  ? 21   GLN A N   1 
ATOM   60   C  CA  . GLN A 1 21  ? -1.012  -11.886 0.498   1.00 51.39  ? 21   GLN A CA  1 
ATOM   61   C  C   . GLN A 1 21  ? -0.553  -10.488 0.900   1.00 46.61  ? 21   GLN A C   1 
ATOM   62   O  O   . GLN A 1 21  ? 0.273   -9.895  0.218   1.00 41.62  ? 21   GLN A O   1 
ATOM   63   C  CB  . GLN A 1 21  ? -2.226  -11.842 -0.427  1.00 60.50  ? 21   GLN A CB  1 
ATOM   64   C  CG  . GLN A 1 21  ? -3.433  -11.154 0.148   1.00 76.99  ? 21   GLN A CG  1 
ATOM   65   C  CD  . GLN A 1 21  ? -4.516  -10.944 -0.886  1.00 86.17  ? 21   GLN A CD  1 
ATOM   66   O  OE1 . GLN A 1 21  ? -4.612  -9.878  -1.495  1.00 92.02  ? 21   GLN A OE1 1 
ATOM   67   N  NE2 . GLN A 1 21  ? -5.341  -11.962 -1.092  1.00 91.76  ? 21   GLN A NE2 1 
ATOM   68   N  N   . TYR A 1 22  ? -1.069  -9.965  2.011   1.00 41.69  ? 22   TYR A N   1 
ATOM   69   C  CA  . TYR A 1 22  ? -0.480  -8.773  2.617   1.00 39.39  ? 22   TYR A CA  1 
ATOM   70   C  C   . TYR A 1 22  ? 1.016   -8.982  2.756   1.00 41.38  ? 22   TYR A C   1 
ATOM   71   O  O   . TYR A 1 22  ? 1.816   -8.152  2.343   1.00 41.32  ? 22   TYR A O   1 
ATOM   72   C  CB  . TYR A 1 22  ? -1.051  -8.507  4.012   1.00 35.04  ? 22   TYR A CB  1 
ATOM   73   C  CG  . TYR A 1 22  ? -2.541  -8.294  4.080   1.00 31.53  ? 22   TYR A CG  1 
ATOM   74   C  CD1 . TYR A 1 22  ? -3.274  -7.972  2.952   1.00 29.93  ? 22   TYR A CD1 1 
ATOM   75   C  CD2 . TYR A 1 22  ? -3.215  -8.414  5.285   1.00 30.61  ? 22   TYR A CD2 1 
ATOM   76   C  CE1 . TYR A 1 22  ? -4.634  -7.780  3.023   1.00 28.08  ? 22   TYR A CE1 1 
ATOM   77   C  CE2 . TYR A 1 22  ? -4.565  -8.223  5.364   1.00 26.83  ? 22   TYR A CE2 1 
ATOM   78   C  CZ  . TYR A 1 22  ? -5.275  -7.909  4.234   1.00 28.66  ? 22   TYR A CZ  1 
ATOM   79   O  OH  . TYR A 1 22  ? -6.628  -7.722  4.323   1.00 30.23  ? 22   TYR A OH  1 
ATOM   80   N  N   . GLU A 1 23  ? 1.375   -10.101 3.370   1.00 44.95  ? 23   GLU A N   1 
ATOM   81   C  CA  . GLU A 1 23  ? 2.769   -10.398 3.699   1.00 50.12  ? 23   GLU A CA  1 
ATOM   82   C  C   . GLU A 1 23  ? 3.775   -10.308 2.555   1.00 46.60  ? 23   GLU A C   1 
ATOM   83   O  O   . GLU A 1 23  ? 4.941   -9.984  2.759   1.00 43.22  ? 23   GLU A O   1 
ATOM   84   C  CB  . GLU A 1 23  ? 2.901   -11.799 4.248   1.00 60.39  ? 23   GLU A CB  1 
ATOM   85   C  CG  . GLU A 1 23  ? 2.401   -12.055 5.640   1.00 81.56  ? 23   GLU A CG  1 
ATOM   86   C  CD  . GLU A 1 23  ? 2.355   -13.541 5.911   1.00 92.93  ? 23   GLU A CD  1 
ATOM   87   O  OE1 . GLU A 1 23  ? 3.022   -14.282 5.154   1.00 100.11 ? 23   GLU A OE1 1 
ATOM   88   O  OE2 . GLU A 1 23  ? 1.670   -13.967 6.862   1.00 100.14 ? 23   GLU A OE2 1 
ATOM   89   N  N   . THR A 1 24  ? 3.317   -10.684 1.378   1.00 44.41  ? 24   THR A N   1 
ATOM   90   C  CA  . THR A 1 24  ? 4.178   -10.687 0.215   1.00 46.48  ? 24   THR A CA  1 
ATOM   91   C  C   . THR A 1 24  ? 3.863   -9.615  -0.821  1.00 43.52  ? 24   THR A C   1 
ATOM   92   O  O   . THR A 1 24  ? 4.213   -9.761  -1.999  1.00 41.40  ? 24   THR A O   1 
ATOM   93   C  CB  . THR A 1 24  ? 4.103   -12.010 -0.530  1.00 50.92  ? 24   THR A CB  1 
ATOM   94   O  OG1 . THR A 1 24  ? 2.734   -12.259 -0.853  1.00 55.94  ? 24   THR A OG1 1 
ATOM   95   C  CG2 . THR A 1 24  ? 4.594   -13.130 0.301   1.00 55.19  ? 24   THR A CG2 1 
ATOM   96   N  N   . SER A 1 25  ? 3.164   -8.557  -0.421  1.00 38.39  ? 25   SER A N   1 
ATOM   97   C  CA  . SER A 1 25  ? 2.860   -7.493  -1.361  1.00 35.09  ? 25   SER A CA  1 
ATOM   98   C  C   . SER A 1 25  ? 3.315   -6.154  -0.829  1.00 32.27  ? 25   SER A C   1 
ATOM   99   O  O   . SER A 1 25  ? 3.561   -5.977  0.359   1.00 32.84  ? 25   SER A O   1 
ATOM   100  C  CB  . SER A 1 25  ? 1.372   -7.370  -1.642  1.00 35.65  ? 25   SER A CB  1 
ATOM   101  O  OG  . SER A 1 25  ? 0.776   -8.608  -1.951  1.00 32.64  ? 25   SER A OG  1 
ATOM   102  N  N   . LEU A 1 26  ? 3.390   -5.199  -1.734  1.00 29.43  ? 26   LEU A N   1 
ATOM   103  C  CA  . LEU A 1 26  ? 3.771   -3.862  -1.361  1.00 26.76  ? 26   LEU A CA  1 
ATOM   104  C  C   . LEU A 1 26  ? 2.519   -3.008  -1.349  1.00 26.60  ? 26   LEU A C   1 
ATOM   105  O  O   . LEU A 1 26  ? 1.812   -2.948  -2.351  1.00 25.22  ? 26   LEU A O   1 
ATOM   106  C  CB  . LEU A 1 26  ? 4.755   -3.297  -2.374  1.00 25.10  ? 26   LEU A CB  1 
ATOM   107  C  CG  . LEU A 1 26  ? 4.981   -1.797  -2.199  1.00 24.86  ? 26   LEU A CG  1 
ATOM   108  C  CD1 . LEU A 1 26  ? 5.730   -1.534  -0.918  1.00 24.68  ? 26   LEU A CD1 1 
ATOM   109  C  CD2 . LEU A 1 26  ? 5.745   -1.249  -3.368  1.00 27.23  ? 26   LEU A CD2 1 
HETATM 110  N  N   . MSE A 1 27  ? 2.201   -2.366  -0.224  1.00 27.25  ? 27   MSE A N   1 
HETATM 111  C  CA  . MSE A 1 27  ? 1.025   -1.512  -0.278  1.00 31.21  ? 27   MSE A CA  1 
HETATM 112  C  C   . MSE A 1 27  ? 1.450   -0.194  -0.830  1.00 26.81  ? 27   MSE A C   1 
HETATM 113  O  O   . MSE A 1 27  ? 2.504   0.345   -0.509  1.00 23.54  ? 27   MSE A O   1 
HETATM 114  C  CB  . MSE A 1 27  ? 0.379   -1.146  1.044   1.00 39.62  ? 27   MSE A CB  1 
HETATM 115  C  CG  . MSE A 1 27  ? 0.492   -2.067  2.169   1.00 56.39  ? 27   MSE A CG  1 
HETATM 116  SE SE  . MSE A 1 27  ? -0.804  -3.417  2.031   1.00 69.87  ? 27   MSE A SE  1 
HETATM 117  C  CE  . MSE A 1 27  ? 0.487   -4.554  1.251   1.00 73.56  ? 27   MSE A CE  1 
ATOM   118  N  N   . VAL A 1 28  ? 0.521   0.347   -1.596  1.00 24.50  ? 28   VAL A N   1 
ATOM   119  C  CA  . VAL A 1 28  ? 0.692   1.586   -2.275  1.00 23.38  ? 28   VAL A CA  1 
ATOM   120  C  C   . VAL A 1 28  ? -0.415  2.551   -1.933  1.00 24.41  ? 28   VAL A C   1 
ATOM   121  O  O   . VAL A 1 28  ? -1.593  2.257   -2.101  1.00 22.65  ? 28   VAL A O   1 
ATOM   122  C  CB  . VAL A 1 28  ? 0.719   1.309   -3.741  1.00 23.21  ? 28   VAL A CB  1 
ATOM   123  C  CG1 . VAL A 1 28  ? 0.443   2.543   -4.503  1.00 25.80  ? 28   VAL A CG1 1 
ATOM   124  C  CG2 . VAL A 1 28  ? 2.054   0.728   -4.095  1.00 21.06  ? 28   VAL A CG2 1 
HETATM 125  N  N   . MSE A 1 29  ? -0.017  3.733   -1.492  1.00 23.19  ? 29   MSE A N   1 
HETATM 126  C  CA  . MSE A 1 29  ? -0.984  4.726   -1.076  1.00 24.79  ? 29   MSE A CA  1 
HETATM 127  C  C   . MSE A 1 29  ? -0.928  6.066   -1.816  1.00 24.35  ? 29   MSE A C   1 
HETATM 128  O  O   . MSE A 1 29  ? 0.092   6.748   -1.789  1.00 21.03  ? 29   MSE A O   1 
HETATM 129  C  CB  . MSE A 1 29  ? -0.801  4.952   0.426   1.00 27.23  ? 29   MSE A CB  1 
HETATM 130  C  CG  . MSE A 1 29  ? -1.573  6.102   1.002   1.00 35.78  ? 29   MSE A CG  1 
HETATM 131  SE SE  . MSE A 1 29  ? -0.945  6.606   2.791   1.00 38.18  ? 29   MSE A SE  1 
HETATM 132  C  CE  . MSE A 1 29  ? -2.257  8.024   3.077   1.00 45.19  ? 29   MSE A CE  1 
ATOM   133  N  N   . SER A 1 30  ? -2.037  6.433   -2.464  1.00 22.08  ? 30   SER A N   1 
ATOM   134  C  CA  . SER A 1 30  ? -2.133  7.702   -3.173  1.00 23.71  ? 30   SER A CA  1 
ATOM   135  C  C   . SER A 1 30  ? -2.308  8.799   -2.140  1.00 26.32  ? 30   SER A C   1 
ATOM   136  O  O   . SER A 1 30  ? -3.302  8.816   -1.406  1.00 25.81  ? 30   SER A O   1 
ATOM   137  C  CB  . SER A 1 30  ? -3.321  7.726   -4.112  1.00 22.52  ? 30   SER A CB  1 
ATOM   138  O  OG  . SER A 1 30  ? -3.445  9.009   -4.703  1.00 24.28  ? 30   SER A OG  1 
ATOM   139  N  N   . HIS A 1 31  ? -1.368  9.736   -2.109  1.00 27.28  ? 31   HIS A N   1 
ATOM   140  C  CA  . HIS A 1 31  ? -1.425  10.774  -1.101  1.00 29.64  ? 31   HIS A CA  1 
ATOM   141  C  C   . HIS A 1 31  ? -0.395  11.888  -1.276  1.00 30.31  ? 31   HIS A C   1 
ATOM   142  O  O   . HIS A 1 31  ? 0.781   11.624  -1.510  1.00 30.58  ? 31   HIS A O   1 
ATOM   143  C  CB  . HIS A 1 31  ? -1.227  10.101  0.253   1.00 28.16  ? 31   HIS A CB  1 
ATOM   144  C  CG  . HIS A 1 31  ? -1.117  11.043  1.402   1.00 31.21  ? 31   HIS A CG  1 
ATOM   145  N  ND1 . HIS A 1 31  ? -2.218  11.679  1.956   1.00 31.29  ? 31   HIS A ND1 1 
ATOM   146  C  CD2 . HIS A 1 31  ? -0.059  11.441  2.135   1.00 30.91  ? 31   HIS A CD2 1 
ATOM   147  C  CE1 . HIS A 1 31  ? -1.831  12.414  2.972   1.00 33.16  ? 31   HIS A CE1 1 
ATOM   148  N  NE2 . HIS A 1 31  ? -0.517  12.294  3.108   1.00 33.19  ? 31   HIS A NE2 1 
ATOM   149  N  N   . ASN A 1 32  ? -0.862  13.129  -1.162  1.00 30.76  ? 32   ASN A N   1 
ATOM   150  C  CA  . ASN A 1 32  ? -0.004  14.310  -1.249  1.00 32.57  ? 32   ASN A CA  1 
ATOM   151  C  C   . ASN A 1 32  ? 0.006   14.903  0.134   1.00 34.09  ? 32   ASN A C   1 
ATOM   152  O  O   . ASN A 1 32  ? -1.043  15.000  0.760   1.00 34.63  ? 32   ASN A O   1 
ATOM   153  C  CB  . ASN A 1 32  ? -0.584  15.368  -2.177  1.00 29.59  ? 32   ASN A CB  1 
ATOM   154  C  CG  . ASN A 1 32  ? -0.420  15.021  -3.619  1.00 29.19  ? 32   ASN A CG  1 
ATOM   155  O  OD1 . ASN A 1 32  ? 0.678   14.701  -4.062  1.00 32.23  ? 32   ASN A OD1 1 
ATOM   156  N  ND2 . ASN A 1 32  ? -1.504  15.091  -4.371  1.00 27.51  ? 32   ASN A ND2 1 
ATOM   157  N  N   . GLY A 1 33  ? 1.163   15.326  0.615   1.00 35.88  ? 33   GLY A N   1 
ATOM   158  C  CA  . GLY A 1 33  ? 1.193   15.903  1.942   1.00 38.10  ? 33   GLY A CA  1 
ATOM   159  C  C   . GLY A 1 33  ? 2.080   15.093  2.845   1.00 38.84  ? 33   GLY A C   1 
ATOM   160  O  O   . GLY A 1 33  ? 2.774   14.197  2.382   1.00 38.91  ? 33   GLY A O   1 
ATOM   161  N  N   . ASP A 1 34  ? 2.069   15.397  4.136   1.00 40.66  ? 34   ASP A N   1 
ATOM   162  C  CA  . ASP A 1 34  ? 2.918   14.658  5.062   1.00 41.56  ? 34   ASP A CA  1 
ATOM   163  C  C   . ASP A 1 34  ? 2.443   13.231  5.147   1.00 39.43  ? 34   ASP A C   1 
ATOM   164  O  O   . ASP A 1 34  ? 1.254   12.952  5.090   1.00 37.27  ? 34   ASP A O   1 
ATOM   165  C  CB  . ASP A 1 34  ? 2.863   15.237  6.468   1.00 48.17  ? 34   ASP A CB  1 
ATOM   166  C  CG  . ASP A 1 34  ? 3.069   16.720  6.493   1.00 55.04  ? 34   ASP A CG  1 
ATOM   167  O  OD1 . ASP A 1 34  ? 4.188   17.176  6.185   1.00 57.46  ? 34   ASP A OD1 1 
ATOM   168  O  OD2 . ASP A 1 34  ? 2.095   17.427  6.823   1.00 60.00  ? 34   ASP A OD2 1 
ATOM   169  N  N   . VAL A 1 35  ? 3.395   12.326  5.326   1.00 37.40  ? 35   VAL A N   1 
ATOM   170  C  CA  . VAL A 1 35  ? 3.048   10.924  5.420   1.00 39.10  ? 35   VAL A CA  1 
ATOM   171  C  C   . VAL A 1 35  ? 2.517   10.558  6.774   1.00 39.23  ? 35   VAL A C   1 
ATOM   172  O  O   . VAL A 1 35  ? 2.939   11.082  7.798   1.00 38.98  ? 35   VAL A O   1 
ATOM   173  C  CB  . VAL A 1 35  ? 4.237   10.050  5.167   1.00 38.82  ? 35   VAL A CB  1 
ATOM   174  C  CG1 . VAL A 1 35  ? 4.772   10.304  3.819   1.00 39.90  ? 35   VAL A CG1 1 
ATOM   175  C  CG2 . VAL A 1 35  ? 5.258   10.325  6.165   1.00 40.32  ? 35   VAL A CG2 1 
ATOM   176  N  N   . PRO A 1 36  ? 1.598   9.614   6.813   1.00 40.33  ? 36   PRO A N   1 
ATOM   177  C  CA  . PRO A 1 36  ? 0.961   9.121   8.034   1.00 39.07  ? 36   PRO A CA  1 
ATOM   178  C  C   . PRO A 1 36  ? 1.765   8.140   8.795   1.00 40.86  ? 36   PRO A C   1 
ATOM   179  O  O   . PRO A 1 36  ? 2.753   7.651   8.293   1.00 37.93  ? 36   PRO A O   1 
ATOM   180  C  CB  . PRO A 1 36  ? -0.294  8.443   7.523   1.00 40.11  ? 36   PRO A CB  1 
ATOM   181  C  CG  . PRO A 1 36  ? 0.016   8.096   6.137   1.00 39.46  ? 36   PRO A CG  1 
ATOM   182  C  CD  . PRO A 1 36  ? 0.862   9.188   5.615   1.00 38.21  ? 36   PRO A CD  1 
ATOM   183  N  N   . VAL A 1 37  ? 1.343   7.860   10.020  1.00 41.68  ? 37   VAL A N   1 
ATOM   184  C  CA  . VAL A 1 37  ? 1.986   6.819   10.794  1.00 43.78  ? 37   VAL A CA  1 
ATOM   185  C  C   . VAL A 1 37  ? 0.936   5.716   10.693  1.00 41.83  ? 37   VAL A C   1 
ATOM   186  O  O   . VAL A 1 37  ? -0.266  5.975   10.764  1.00 43.53  ? 37   VAL A O   1 
ATOM   187  C  CB  . VAL A 1 37  ? 2.194   7.178   12.272  1.00 45.78  ? 37   VAL A CB  1 
ATOM   188  C  CG1 . VAL A 1 37  ? 2.769   5.984   13.007  1.00 46.55  ? 37   VAL A CG1 1 
ATOM   189  C  CG2 . VAL A 1 37  ? 3.147   8.348   12.389  1.00 47.96  ? 37   VAL A CG2 1 
ATOM   190  N  N   . ILE A 1 38  ? 1.392   4.494   10.485  1.00 39.49  ? 38   ILE A N   1 
ATOM   191  C  CA  . ILE A 1 38  ? 0.484   3.376   10.348  1.00 36.33  ? 38   ILE A CA  1 
ATOM   192  C  C   . ILE A 1 38  ? 1.071   2.265   11.160  1.00 35.48  ? 38   ILE A C   1 
ATOM   193  O  O   . ILE A 1 38  ? 2.186   1.821   10.920  1.00 35.87  ? 38   ILE A O   1 
ATOM   194  C  CB  . ILE A 1 38  ? 0.352   2.944   8.878   1.00 35.06  ? 38   ILE A CB  1 
ATOM   195  C  CG1 . ILE A 1 38  ? -0.238  4.097   8.068   1.00 32.92  ? 38   ILE A CG1 1 
ATOM   196  C  CG2 . ILE A 1 38  ? -0.587  1.769   8.756   1.00 33.10  ? 38   ILE A CG2 1 
ATOM   197  C  CD1 . ILE A 1 38  ? -0.033  3.987   6.563   1.00 31.86  ? 38   ILE A CD1 1 
ATOM   198  N  N   . THR A 1 39  ? 0.303   1.824   12.136  1.00 36.71  ? 39   THR A N   1 
ATOM   199  C  CA  . THR A 1 39  ? 0.748   0.781   13.019  1.00 37.49  ? 39   THR A CA  1 
ATOM   200  C  C   . THR A 1 39  ? 1.318   -0.462  12.351  1.00 37.65  ? 39   THR A C   1 
ATOM   201  O  O   . THR A 1 39  ? 0.685   -1.075  11.492  1.00 36.72  ? 39   THR A O   1 
ATOM   202  C  CB  . THR A 1 39  ? -0.387  0.367   13.942  1.00 40.48  ? 39   THR A CB  1 
ATOM   203  O  OG1 . THR A 1 39  ? -0.722  1.467   14.793  1.00 40.83  ? 39   THR A OG1 1 
ATOM   204  C  CG2 . THR A 1 39  ? 0.022   -0.825  14.769  1.00 41.92  ? 39   THR A CG2 1 
ATOM   205  N  N   . GLY A 1 40  ? 2.524   -0.832  12.762  1.00 35.98  ? 40   GLY A N   1 
ATOM   206  C  CA  . GLY A 1 40  ? 3.145   -2.018  12.218  1.00 35.54  ? 40   GLY A CA  1 
ATOM   207  C  C   . GLY A 1 40  ? 3.649   -1.919  10.793  1.00 35.41  ? 40   GLY A C   1 
ATOM   208  O  O   . GLY A 1 40  ? 4.060   -2.920  10.215  1.00 34.56  ? 40   GLY A O   1 
ATOM   209  N  N   . PHE A 1 41  ? 3.615   -0.726  10.214  1.00 34.22  ? 41   PHE A N   1 
ATOM   210  C  CA  . PHE A 1 41  ? 4.088   -0.560  8.846   1.00 33.77  ? 41   PHE A CA  1 
ATOM   211  C  C   . PHE A 1 41  ? 5.147   0.490   8.693   1.00 36.03  ? 41   PHE A C   1 
ATOM   212  O  O   . PHE A 1 41  ? 5.075   1.536   9.325   1.00 35.22  ? 41   PHE A O   1 
ATOM   213  C  CB  . PHE A 1 41  ? 2.959   -0.161  7.912   1.00 28.80  ? 41   PHE A CB  1 
ATOM   214  C  CG  . PHE A 1 41  ? 2.134   -1.293  7.494   1.00 28.87  ? 41   PHE A CG  1 
ATOM   215  C  CD1 . PHE A 1 41  ? 1.131   -1.774  8.327   1.00 28.83  ? 41   PHE A CD1 1 
ATOM   216  C  CD2 . PHE A 1 41  ? 2.387   -1.931  6.293   1.00 27.81  ? 41   PHE A CD2 1 
ATOM   217  C  CE1 . PHE A 1 41  ? 0.403   -2.894  7.973   1.00 28.58  ? 41   PHE A CE1 1 
ATOM   218  C  CE2 . PHE A 1 41  ? 1.672   -3.050  5.922   1.00 27.14  ? 41   PHE A CE2 1 
ATOM   219  C  CZ  . PHE A 1 41  ? 0.670   -3.539  6.759   1.00 28.04  ? 41   PHE A CZ  1 
ATOM   220  N  N   . ASN A 1 42  ? 6.126   0.229   7.838   1.00 38.37  ? 42   ASN A N   1 
ATOM   221  C  CA  . ASN A 1 42  ? 7.122   1.249   7.575   1.00 41.07  ? 42   ASN A CA  1 
ATOM   222  C  C   . ASN A 1 42  ? 6.437   2.078   6.510   1.00 39.08  ? 42   ASN A C   1 
ATOM   223  O  O   . ASN A 1 42  ? 5.936   1.540   5.531   1.00 40.80  ? 42   ASN A O   1 
ATOM   224  C  CB  . ASN A 1 42  ? 8.401   0.655   7.020   1.00 45.43  ? 42   ASN A CB  1 
ATOM   225  C  CG  . ASN A 1 42  ? 9.069   -0.261  7.998   1.00 50.23  ? 42   ASN A CG  1 
ATOM   226  O  OD1 . ASN A 1 42  ? 9.217   0.072   9.169   1.00 49.57  ? 42   ASN A OD1 1 
ATOM   227  N  ND2 . ASN A 1 42  ? 9.480   -1.426  7.526   1.00 52.62  ? 42   ASN A ND2 1 
ATOM   228  N  N   . VAL A 1 43  ? 6.402   3.383   6.705   1.00 36.39  ? 43   VAL A N   1 
ATOM   229  C  CA  . VAL A 1 43  ? 5.729   4.248   5.764   1.00 34.88  ? 43   VAL A CA  1 
ATOM   230  C  C   . VAL A 1 43  ? 6.717   5.174   5.095   1.00 37.04  ? 43   VAL A C   1 
ATOM   231  O  O   . VAL A 1 43  ? 7.588   5.734   5.752   1.00 35.07  ? 43   VAL A O   1 
ATOM   232  C  CB  . VAL A 1 43  ? 4.659   5.042   6.474   1.00 32.55  ? 43   VAL A CB  1 
ATOM   233  C  CG1 . VAL A 1 43  ? 4.053   6.062   5.542   1.00 30.94  ? 43   VAL A CG1 1 
ATOM   234  C  CG2 . VAL A 1 43  ? 3.602   4.087   6.982   1.00 29.68  ? 43   VAL A CG2 1 
HETATM 235  N  N   . MSE A 1 44  ? 6.579   5.378   3.796   1.00 38.63  ? 44   MSE A N   1 
HETATM 236  C  CA  . MSE A 1 44  ? 7.585   6.187   3.170   1.00 43.90  ? 44   MSE A CA  1 
HETATM 237  C  C   . MSE A 1 44  ? 7.210   6.754   1.818   1.00 36.68  ? 44   MSE A C   1 
HETATM 238  O  O   . MSE A 1 44  ? 6.752   6.028   0.941   1.00 30.94  ? 44   MSE A O   1 
HETATM 239  C  CB  . MSE A 1 44  ? 8.826   5.322   3.051   1.00 59.63  ? 44   MSE A CB  1 
HETATM 240  C  CG  . MSE A 1 44  ? 10.030  6.015   2.540   1.00 86.24  ? 44   MSE A CG  1 
HETATM 241  SE SE  . MSE A 1 44  ? 11.246  6.809   3.854   1.00 104.96 ? 44   MSE A SE  1 
HETATM 242  C  CE  . MSE A 1 44  ? 10.360  6.597   5.579   1.00 115.81 ? 44   MSE A CE  1 
ATOM   243  N  N   . ARG A 1 45  ? 7.409   8.055   1.645   1.00 28.99  ? 45   ARG A N   1 
ATOM   244  C  CA  . ARG A 1 45  ? 7.094   8.647   0.364   1.00 27.83  ? 45   ARG A CA  1 
ATOM   245  C  C   . ARG A 1 45  ? 8.177   8.248   -0.645  1.00 26.50  ? 45   ARG A C   1 
ATOM   246  O  O   . ARG A 1 45  ? 9.371   8.303   -0.347  1.00 25.70  ? 45   ARG A O   1 
ATOM   247  C  CB  . ARG A 1 45  ? 7.014   10.167  0.456   1.00 26.97  ? 45   ARG A CB  1 
ATOM   248  C  CG  . ARG A 1 45  ? 6.692   10.809  -0.877  1.00 28.25  ? 45   ARG A CG  1 
ATOM   249  C  CD  . ARG A 1 45  ? 6.370   12.272  -0.741  1.00 29.48  ? 45   ARG A CD  1 
ATOM   250  N  NE  . ARG A 1 45  ? 5.125   12.512  -0.021  1.00 28.09  ? 45   ARG A NE  1 
ATOM   251  C  CZ  . ARG A 1 45  ? 3.911   12.240  -0.492  1.00 28.91  ? 45   ARG A CZ  1 
ATOM   252  N  NH1 . ARG A 1 45  ? 3.754   11.706  -1.693  1.00 28.89  ? 45   ARG A NH1 1 
ATOM   253  N  NH2 . ARG A 1 45  ? 2.842   12.523  0.233   1.00 27.28  ? 45   ARG A NH2 1 
ATOM   254  N  N   . VAL A 1 46  ? 7.754   7.830   -1.831  1.00 24.22  ? 46   VAL A N   1 
ATOM   255  C  CA  . VAL A 1 46  ? 8.697   7.424   -2.861  1.00 23.74  ? 46   VAL A CA  1 
ATOM   256  C  C   . VAL A 1 46  ? 8.256   7.863   -4.238  1.00 24.01  ? 46   VAL A C   1 
ATOM   257  O  O   . VAL A 1 46  ? 7.095   8.183   -4.462  1.00 24.44  ? 46   VAL A O   1 
ATOM   258  C  CB  . VAL A 1 46  ? 8.876   5.896   -2.946  1.00 23.48  ? 46   VAL A CB  1 
ATOM   259  C  CG1 . VAL A 1 46  ? 9.319   5.338   -1.622  1.00 25.36  ? 46   VAL A CG1 1 
ATOM   260  C  CG2 . VAL A 1 46  ? 7.570   5.242   -3.399  1.00 22.81  ? 46   VAL A CG2 1 
ATOM   261  N  N   . THR A 1 47  ? 9.205   7.858   -5.169  1.00 23.78  ? 47   THR A N   1 
ATOM   262  C  CA  . THR A 1 47  ? 8.897   8.203   -6.543  1.00 26.16  ? 47   THR A CA  1 
ATOM   263  C  C   . THR A 1 47  ? 9.570   7.213   -7.475  1.00 23.84  ? 47   THR A C   1 
ATOM   264  O  O   . THR A 1 47  ? 9.395   7.300   -8.675  1.00 25.98  ? 47   THR A O   1 
ATOM   265  C  CB  . THR A 1 47  ? 9.395   9.604   -6.961  1.00 28.03  ? 47   THR A CB  1 
ATOM   266  O  OG1 . THR A 1 47  ? 10.824  9.648   -6.882  1.00 30.66  ? 47   THR A OG1 1 
ATOM   267  C  CG2 . THR A 1 47  ? 8.781   10.679  -6.088  1.00 31.38  ? 47   THR A CG2 1 
ATOM   268  N  N   . THR A 1 48  ? 10.352  6.288   -6.938  1.00 24.11  ? 48   THR A N   1 
ATOM   269  C  CA  . THR A 1 48  ? 10.997  5.310   -7.811  1.00 26.65  ? 48   THR A CA  1 
ATOM   270  C  C   . THR A 1 48  ? 10.837  3.915   -7.247  1.00 29.32  ? 48   THR A C   1 
ATOM   271  O  O   . THR A 1 48  ? 10.588  3.747   -6.059  1.00 23.94  ? 48   THR A O   1 
ATOM   272  C  CB  . THR A 1 48  ? 12.495  5.547   -7.966  1.00 25.02  ? 48   THR A CB  1 
ATOM   273  O  OG1 . THR A 1 48  ? 13.159  5.130   -6.771  1.00 24.98  ? 48   THR A OG1 1 
ATOM   274  C  CG2 . THR A 1 48  ? 12.781  7.008   -8.237  1.00 24.30  ? 48   THR A CG2 1 
HETATM 275  N  N   . MSE A 1 49  ? 11.014  2.911   -8.093  1.00 36.15  ? 49   MSE A N   1 
HETATM 276  C  CA  . MSE A 1 49  ? 10.850  1.552   -7.591  1.00 43.98  ? 49   MSE A CA  1 
HETATM 277  C  C   . MSE A 1 49  ? 11.946  1.116   -6.632  1.00 42.20  ? 49   MSE A C   1 
HETATM 278  O  O   . MSE A 1 49  ? 11.688  0.354   -5.703  1.00 37.25  ? 49   MSE A O   1 
HETATM 279  C  CB  . MSE A 1 49  ? 10.721  0.552   -8.750  1.00 49.73  ? 49   MSE A CB  1 
HETATM 280  C  CG  . MSE A 1 49  ? 10.580  -0.906  -8.271  1.00 66.38  ? 49   MSE A CG  1 
HETATM 281  SE SE  . MSE A 1 49  ? 8.886   -1.376  -7.344  1.00 74.83  ? 49   MSE A SE  1 
HETATM 282  C  CE  . MSE A 1 49  ? 8.404   -2.811  -8.452  1.00 75.52  ? 49   MSE A CE  1 
ATOM   283  N  N   . LEU A 1 50  ? 13.160  1.607   -6.846  1.00 38.96  ? 50   LEU A N   1 
ATOM   284  C  CA  . LEU A 1 50  ? 14.250  1.259   -5.952  1.00 36.32  ? 50   LEU A CA  1 
ATOM   285  C  C   . LEU A 1 50  ? 13.916  1.746   -4.590  1.00 32.11  ? 50   LEU A C   1 
ATOM   286  O  O   . LEU A 1 50  ? 14.125  1.059   -3.602  1.00 33.54  ? 50   LEU A O   1 
ATOM   287  C  CB  . LEU A 1 50  ? 15.525  1.910   -6.410  1.00 38.38  ? 50   LEU A CB  1 
ATOM   288  C  CG  . LEU A 1 50  ? 16.600  1.564   -5.412  1.00 41.80  ? 50   LEU A CG  1 
ATOM   289  C  CD1 . LEU A 1 50  ? 16.885  0.120   -5.327  1.00 43.38  ? 50   LEU A CD1 1 
ATOM   290  C  CD2 . LEU A 1 50  ? 17.770  2.267   -5.851  1.00 44.88  ? 50   LEU A CD2 1 
ATOM   291  N  N   . ASP A 1 51  ? 13.397  2.968   -4.478  1.00 30.31  ? 51   ASP A N   1 
ATOM   292  C  CA  . ASP A 1 51  ? 13.035  3.413   -3.159  1.00 30.67  ? 51   ASP A CA  1 
ATOM   293  C  C   . ASP A 1 51  ? 11.876  2.633   -2.605  1.00 30.10  ? 51   ASP A C   1 
ATOM   294  O  O   . ASP A 1 51  ? 11.854  2.380   -1.408  1.00 29.49  ? 51   ASP A O   1 
ATOM   295  C  CB  . ASP A 1 51  ? 12.740  4.880   -3.191  1.00 31.44  ? 51   ASP A CB  1 
ATOM   296  C  CG  . ASP A 1 51  ? 14.001  5.660   -3.394  1.00 34.44  ? 51   ASP A CG  1 
ATOM   297  O  OD1 . ASP A 1 51  ? 15.061  5.273   -2.889  1.00 36.52  ? 51   ASP A OD1 1 
ATOM   298  O  OD2 . ASP A 1 51  ? 13.976  6.683   -4.066  1.00 36.17  ? 51   ASP A OD2 1 
ATOM   299  N  N   . ALA A 1 52  ? 10.917  2.280   -3.451  1.00 30.78  ? 52   ALA A N   1 
ATOM   300  C  CA  . ALA A 1 52  ? 9.792   1.458   -3.031  1.00 33.32  ? 52   ALA A CA  1 
ATOM   301  C  C   . ALA A 1 52  ? 10.283  0.089   -2.611  1.00 35.83  ? 52   ALA A C   1 
ATOM   302  O  O   . ALA A 1 52  ? 9.950   -0.396  -1.537  1.00 37.02  ? 52   ALA A O   1 
ATOM   303  C  CB  . ALA A 1 52  ? 8.783   1.335   -4.148  1.00 31.15  ? 52   ALA A CB  1 
ATOM   304  N  N   . LEU A 1 53  ? 11.088  -0.527  -3.468  1.00 40.27  ? 53   LEU A N   1 
ATOM   305  C  CA  . LEU A 1 53  ? 11.604  -1.860  -3.208  1.00 45.54  ? 53   LEU A CA  1 
ATOM   306  C  C   . LEU A 1 53  ? 12.564  -1.819  -2.035  1.00 48.62  ? 53   LEU A C   1 
ATOM   307  O  O   . LEU A 1 53  ? 13.144  -2.831  -1.669  1.00 50.14  ? 53   LEU A O   1 
ATOM   308  C  CB  . LEU A 1 53  ? 12.310  -2.413  -4.443  1.00 45.42  ? 53   LEU A CB  1 
ATOM   309  C  CG  . LEU A 1 53  ? 11.456  -3.163  -5.464  1.00 46.63  ? 53   LEU A CG  1 
ATOM   310  C  CD1 . LEU A 1 53  ? 11.001  -4.495  -4.905  1.00 48.04  ? 53   LEU A CD1 1 
ATOM   311  C  CD2 . LEU A 1 53  ? 10.271  -2.340  -5.912  1.00 46.09  ? 53   LEU A CD2 1 
ATOM   312  N  N   . LYS A 1 54  ? 12.719  -0.638  -1.449  1.00 52.81  ? 54   LYS A N   1 
ATOM   313  C  CA  . LYS A 1 54  ? 13.713  -0.415  -0.408  1.00 54.77  ? 54   LYS A CA  1 
ATOM   314  C  C   . LYS A 1 54  ? 13.082  -0.359  0.977   1.00 55.52  ? 54   LYS A C   1 
ATOM   315  O  O   . LYS A 1 54  ? 13.772  -0.503  1.983   1.00 54.71  ? 54   LYS A O   1 
ATOM   316  C  CB  . LYS A 1 54  ? 14.475  0.884   -0.672  1.00 57.91  ? 54   LYS A CB  1 
ATOM   317  C  CG  . LYS A 1 54  ? 15.981  0.761   -0.592  1.00 62.59  ? 54   LYS A CG  1 
ATOM   318  C  CD  . LYS A 1 54  ? 16.652  2.073   -0.965  1.00 66.00  ? 54   LYS A CD  1 
ATOM   319  C  CE  . LYS A 1 54  ? 18.160  1.917   -1.093  1.00 68.90  ? 54   LYS A CE  1 
ATOM   320  N  NZ  . LYS A 1 54  ? 18.562  1.204   -2.339  1.00 69.79  ? 54   LYS A NZ  1 
ATOM   321  N  N   . VAL A 1 55  ? 11.773  -0.136  1.036   1.00 57.10  ? 55   VAL A N   1 
ATOM   322  C  CA  . VAL A 1 55  ? 11.127  0.135   2.314   1.00 58.38  ? 55   VAL A CA  1 
ATOM   323  C  C   . VAL A 1 55  ? 10.764  -1.083  3.108   1.00 55.51  ? 55   VAL A C   1 
ATOM   324  O  O   . VAL A 1 55  ? 11.056  -2.197  2.683   1.00 53.95  ? 55   VAL A O   1 
ATOM   325  C  CB  . VAL A 1 55  ? 9.834   0.972   2.080   1.00 59.77  ? 55   VAL A CB  1 
ATOM   326  C  CG1 . VAL A 1 55  ? 9.233   1.328   3.378   1.00 64.49  ? 55   VAL A CG1 1 
ATOM   327  C  CG2 . VAL A 1 55  ? 10.138  2.216   1.331   1.00 63.74  ? 55   VAL A CG2 1 
ATOM   328  N  N   . PRO A 1 58  ? 6.948   -5.150  6.469   1.00 53.12  ? 58   PRO A N   1 
ATOM   329  C  CA  . PRO A 1 58  ? 5.740   -4.517  5.913   1.00 49.77  ? 58   PRO A CA  1 
ATOM   330  C  C   . PRO A 1 58  ? 5.868   -3.053  5.636   1.00 44.47  ? 58   PRO A C   1 
ATOM   331  O  O   . PRO A 1 58  ? 6.207   -2.272  6.520   1.00 41.27  ? 58   PRO A O   1 
ATOM   332  C  CB  . PRO A 1 58  ? 4.683   -4.819  6.940   1.00 52.52  ? 58   PRO A CB  1 
ATOM   333  C  CG  . PRO A 1 58  ? 5.420   -5.118  8.100   1.00 55.84  ? 58   PRO A CG  1 
ATOM   334  C  CD  . PRO A 1 58  ? 6.521   -5.957  7.608   1.00 55.64  ? 58   PRO A CD  1 
ATOM   335  N  N   . ALA A 1 59  ? 5.482   -2.668  4.434   1.00 38.42  ? 59   ALA A N   1 
ATOM   336  C  CA  . ALA A 1 59  ? 5.661   -1.301  4.031   1.00 34.56  ? 59   ALA A CA  1 
ATOM   337  C  C   . ALA A 1 59  ? 4.529   -0.693  3.297   1.00 31.98  ? 59   ALA A C   1 
ATOM   338  O  O   . ALA A 1 59  ? 3.771   -1.397  2.644   1.00 31.29  ? 59   ALA A O   1 
ATOM   339  C  CB  . ALA A 1 59  ? 6.837   -1.295  3.098   1.00 34.75  ? 59   ALA A CB  1 
ATOM   340  N  N   . VAL A 1 60  ? 4.412   0.624   3.416   1.00 28.21  ? 60   VAL A N   1 
ATOM   341  C  CA  . VAL A 1 60  ? 3.410   1.373   2.672   1.00 25.79  ? 60   VAL A CA  1 
ATOM   342  C  C   . VAL A 1 60  ? 4.217   2.421   1.909   1.00 26.47  ? 60   VAL A C   1 
ATOM   343  O  O   . VAL A 1 60  ? 4.885   3.258   2.506   1.00 27.30  ? 60   VAL A O   1 
ATOM   344  C  CB  . VAL A 1 60  ? 2.399   2.094   3.555   1.00 23.74  ? 60   VAL A CB  1 
ATOM   345  C  CG1 . VAL A 1 60  ? 1.508   2.983   2.693   1.00 23.67  ? 60   VAL A CG1 1 
ATOM   346  C  CG2 . VAL A 1 60  ? 1.550   1.076   4.293   1.00 24.17  ? 60   VAL A CG2 1 
ATOM   347  N  N   . ALA A 1 61  ? 4.190   2.332   0.584   1.00 23.65  ? 61   ALA A N   1 
ATOM   348  C  CA  . ALA A 1 61  ? 4.881   3.295   -0.248  1.00 23.90  ? 61   ALA A CA  1 
ATOM   349  C  C   . ALA A 1 61  ? 3.840   4.353   -0.568  1.00 24.58  ? 61   ALA A C   1 
ATOM   350  O  O   . ALA A 1 61  ? 2.761   4.039   -1.069  1.00 23.97  ? 61   ALA A O   1 
ATOM   351  C  CB  . ALA A 1 61  ? 5.375   2.648   -1.524  1.00 23.38  ? 61   ALA A CB  1 
ATOM   352  N  N   . VAL A 1 62  ? 4.178   5.603   -0.265  1.00 22.00  ? 62   VAL A N   1 
ATOM   353  C  CA  . VAL A 1 62  ? 3.288   6.725   -0.485  1.00 19.73  ? 62   VAL A CA  1 
ATOM   354  C  C   . VAL A 1 62  ? 3.626   7.453   -1.768  1.00 23.28  ? 62   VAL A C   1 
ATOM   355  O  O   . VAL A 1 62  ? 4.743   7.942   -1.945  1.00 22.63  ? 62   VAL A O   1 
ATOM   356  C  CB  . VAL A 1 62  ? 3.364   7.711   0.681   1.00 21.56  ? 62   VAL A CB  1 
ATOM   357  C  CG1 . VAL A 1 62  ? 2.316   8.802   0.515   1.00 22.27  ? 62   VAL A CG1 1 
ATOM   358  C  CG2 . VAL A 1 62  ? 3.167   6.970   1.988   1.00 20.98  ? 62   VAL A CG2 1 
ATOM   359  N  N   . LEU A 1 63  ? 2.636   7.530   -2.646  1.00 20.79  ? 63   LEU A N   1 
ATOM   360  C  CA  . LEU A 1 63  ? 2.802   8.188   -3.917  1.00 23.12  ? 63   LEU A CA  1 
ATOM   361  C  C   . LEU A 1 63  ? 1.939   9.401   -4.103  1.00 24.87  ? 63   LEU A C   1 
ATOM   362  O  O   . LEU A 1 63  ? 0.730   9.346   -3.933  1.00 24.64  ? 63   LEU A O   1 
ATOM   363  C  CB  . LEU A 1 63  ? 2.463   7.200   -5.048  1.00 23.06  ? 63   LEU A CB  1 
ATOM   364  C  CG  . LEU A 1 63  ? 3.581   6.216   -5.420  1.00 25.52  ? 63   LEU A CG  1 
ATOM   365  C  CD1 . LEU A 1 63  ? 3.876   5.344   -4.301  1.00 26.21  ? 63   LEU A CD1 1 
ATOM   366  C  CD2 . LEU A 1 63  ? 3.186   5.394   -6.583  1.00 26.44  ? 63   LEU A CD2 1 
ATOM   367  N  N   . GLY A 1 64  ? 2.574   10.512  -4.436  1.00 27.53  ? 64   GLY A N   1 
ATOM   368  C  CA  . GLY A 1 64  ? 1.833   11.731  -4.713  1.00 27.35  ? 64   GLY A CA  1 
ATOM   369  C  C   . GLY A 1 64  ? 2.084   12.155  -6.151  1.00 30.90  ? 64   GLY A C   1 
ATOM   370  O  O   . GLY A 1 64  ? 2.628   11.412  -6.971  1.00 28.50  ? 64   GLY A O   1 
ATOM   371  N  N   . ASP A 1 65  ? 1.685   13.375  -6.465  1.00 29.60  ? 65   ASP A N   1 
ATOM   372  C  CA  . ASP A 1 65  ? 1.854   13.903  -7.798  1.00 33.77  ? 65   ASP A CA  1 
ATOM   373  C  C   . ASP A 1 65  ? 3.246   13.777  -8.324  1.00 32.39  ? 65   ASP A C   1 
ATOM   374  O  O   . ASP A 1 65  ? 3.429   13.647  -9.520  1.00 33.34  ? 65   ASP A O   1 
ATOM   375  C  CB  . ASP A 1 65  ? 1.477   15.362  -7.794  1.00 38.03  ? 65   ASP A CB  1 
ATOM   376  C  CG  . ASP A 1 65  ? -0.001  15.550  -7.818  1.00 44.29  ? 65   ASP A CG  1 
ATOM   377  O  OD1 . ASP A 1 65  ? -0.746  14.803  -7.186  1.00 46.34  ? 65   ASP A OD1 1 
ATOM   378  O  OD2 . ASP A 1 65  ? -0.460  16.475  -8.474  1.00 50.18  ? 65   ASP A OD2 1 
ATOM   379  N  N   . ASP A 1 66  ? 4.244   13.812  -7.453  1.00 30.57  ? 66   ASP A N   1 
ATOM   380  C  CA  . ASP A 1 66  ? 5.604   13.730  -7.931  1.00 31.69  ? 66   ASP A CA  1 
ATOM   381  C  C   . ASP A 1 66  ? 6.006   12.323  -8.340  1.00 30.47  ? 66   ASP A C   1 
ATOM   382  O  O   . ASP A 1 66  ? 7.108   12.113  -8.825  1.00 30.76  ? 66   ASP A O   1 
ATOM   383  C  CB  . ASP A 1 66  ? 6.556   14.305  -6.878  1.00 34.29  ? 66   ASP A CB  1 
ATOM   384  C  CG  . ASP A 1 66  ? 6.565   13.513  -5.582  1.00 36.39  ? 66   ASP A CG  1 
ATOM   385  O  OD1 . ASP A 1 66  ? 5.569   12.825  -5.280  1.00 35.88  ? 66   ASP A OD1 1 
ATOM   386  O  OD2 . ASP A 1 66  ? 7.578   13.608  -4.865  1.00 38.19  ? 66   ASP A OD2 1 
ATOM   387  N  N   . ALA A 1 67  ? 5.101   11.363  -8.173  1.00 27.33  ? 67   ALA A N   1 
ATOM   388  C  CA  . ALA A 1 67  ? 5.397   9.975   -8.532  1.00 26.62  ? 67   ALA A CA  1 
ATOM   389  C  C   . ALA A 1 67  ? 4.600   9.533   -9.746  1.00 25.90  ? 67   ALA A C   1 
ATOM   390  O  O   . ALA A 1 67  ? 4.265   8.358   -9.900  1.00 25.70  ? 67   ALA A O   1 
ATOM   391  C  CB  . ALA A 1 67  ? 5.107   9.061   -7.363  1.00 25.54  ? 67   ALA A CB  1 
ATOM   392  N  N   . GLN A 1 68  ? 4.309   10.505  -10.595 1.00 24.07  ? 68   GLN A N   1 
ATOM   393  C  CA  . GLN A 1 68  ? 3.571   10.303  -11.820 1.00 25.20  ? 68   GLN A CA  1 
ATOM   394  C  C   . GLN A 1 68  ? 4.059   9.083   -12.597 1.00 24.64  ? 68   GLN A C   1 
ATOM   395  O  O   . GLN A 1 68  ? 3.268   8.215   -12.963 1.00 24.81  ? 68   GLN A O   1 
ATOM   396  C  CB  . GLN A 1 68  ? 3.705   11.559  -12.677 1.00 25.10  ? 68   GLN A CB  1 
ATOM   397  C  CG  . GLN A 1 68  ? 3.121   11.449  -14.053 1.00 27.98  ? 68   GLN A CG  1 
ATOM   398  C  CD  . GLN A 1 68  ? 3.407   12.669  -14.908 1.00 30.88  ? 68   GLN A CD  1 
ATOM   399  O  OE1 . GLN A 1 68  ? 3.162   12.659  -16.111 1.00 29.73  ? 68   GLN A OE1 1 
ATOM   400  N  NE2 . GLN A 1 68  ? 3.925   13.730  -14.290 1.00 28.00  ? 68   GLN A NE2 1 
ATOM   401  N  N   . ASP A 1 69  ? 5.363   8.989   -12.828 1.00 22.49  ? 69   ASP A N   1 
ATOM   402  C  CA  . ASP A 1 69  ? 5.862   7.868   -13.605 1.00 22.22  ? 69   ASP A CA  1 
ATOM   403  C  C   . ASP A 1 69  ? 5.787   6.515   -12.915 1.00 22.30  ? 69   ASP A C   1 
ATOM   404  O  O   . ASP A 1 69  ? 5.482   5.505   -13.545 1.00 19.32  ? 69   ASP A O   1 
ATOM   405  C  CB  . ASP A 1 69  ? 7.288   8.129   -14.075 1.00 21.92  ? 69   ASP A CB  1 
ATOM   406  C  CG  . ASP A 1 69  ? 7.373   9.298   -15.034 1.00 25.82  ? 69   ASP A CG  1 
ATOM   407  O  OD1 . ASP A 1 69  ? 6.444   9.464   -15.849 1.00 23.50  ? 69   ASP A OD1 1 
ATOM   408  O  OD2 . ASP A 1 69  ? 8.368   10.041  -14.968 1.00 28.98  ? 69   ASP A OD2 1 
ATOM   409  N  N   . LEU A 1 70  ? 6.067   6.489   -11.626 1.00 19.50  ? 70   LEU A N   1 
ATOM   410  C  CA  . LEU A 1 70  ? 6.022   5.238   -10.916 1.00 20.80  ? 70   LEU A CA  1 
ATOM   411  C  C   . LEU A 1 70  ? 4.575   4.738   -10.832 1.00 21.73  ? 70   LEU A C   1 
ATOM   412  O  O   . LEU A 1 70  ? 4.320   3.551   -10.959 1.00 20.07  ? 70   LEU A O   1 
ATOM   413  C  CB  . LEU A 1 70  ? 6.597   5.408   -9.525  1.00 19.70  ? 70   LEU A CB  1 
ATOM   414  C  CG  . LEU A 1 70  ? 6.560   4.168   -8.662  1.00 21.31  ? 70   LEU A CG  1 
ATOM   415  C  CD1 . LEU A 1 70  ? 7.356   3.034   -9.297  1.00 23.23  ? 70   LEU A CD1 1 
ATOM   416  C  CD2 . LEU A 1 70  ? 7.133   4.525   -7.323  1.00 22.12  ? 70   LEU A CD2 1 
ATOM   417  N  N   . ALA A 1 71  ? 3.645   5.659   -10.611 1.00 17.73  ? 71   ALA A N   1 
ATOM   418  C  CA  . ALA A 1 71  ? 2.240   5.305   -10.513 1.00 20.58  ? 71   ALA A CA  1 
ATOM   419  C  C   . ALA A 1 71  ? 1.803   4.690   -11.833 1.00 22.39  ? 71   ALA A C   1 
ATOM   420  O  O   . ALA A 1 71  ? 1.063   3.720   -11.873 1.00 17.96  ? 71   ALA A O   1 
ATOM   421  C  CB  . ALA A 1 71  ? 1.404   6.532   -10.220 1.00 20.92  ? 71   ALA A CB  1 
ATOM   422  N  N   . TYR A 1 72  ? 2.262   5.291   -12.920 1.00 16.22  ? 72   TYR A N   1 
ATOM   423  C  CA  . TYR A 1 72  ? 1.901   4.794   -14.214 1.00 21.60  ? 72   TYR A CA  1 
ATOM   424  C  C   . TYR A 1 72  ? 2.368   3.343   -14.372 1.00 20.58  ? 72   TYR A C   1 
ATOM   425  O  O   . TYR A 1 72  ? 1.621   2.479   -14.836 1.00 19.22  ? 72   TYR A O   1 
ATOM   426  C  CB  . TYR A 1 72  ? 2.536   5.650   -15.284 1.00 20.78  ? 72   TYR A CB  1 
ATOM   427  C  CG  . TYR A 1 72  ? 2.226   5.102   -16.623 1.00 23.40  ? 72   TYR A CG  1 
ATOM   428  C  CD1 . TYR A 1 72  ? 1.022   5.399   -17.246 1.00 26.74  ? 72   TYR A CD1 1 
ATOM   429  C  CD2 . TYR A 1 72  ? 3.101   4.219   -17.236 1.00 24.84  ? 72   TYR A CD2 1 
ATOM   430  C  CE1 . TYR A 1 72  ? 0.698   4.830   -18.451 1.00 27.53  ? 72   TYR A CE1 1 
ATOM   431  C  CE2 . TYR A 1 72  ? 2.791   3.642   -18.438 1.00 25.22  ? 72   TYR A CE2 1 
ATOM   432  C  CZ  . TYR A 1 72  ? 1.588   3.951   -19.043 1.00 25.37  ? 72   TYR A CZ  1 
ATOM   433  O  OH  . TYR A 1 72  ? 1.284   3.404   -20.253 1.00 32.32  ? 72   TYR A OH  1 
ATOM   434  N  N   . VAL A 1 73  ? 3.607   3.088   -13.978 1.00 19.59  ? 73   VAL A N   1 
ATOM   435  C  CA  . VAL A 1 73  ? 4.146   1.744   -14.090 1.00 19.90  ? 73   VAL A CA  1 
ATOM   436  C  C   . VAL A 1 73  ? 3.319   0.727   -13.289 1.00 20.78  ? 73   VAL A C   1 
ATOM   437  O  O   . VAL A 1 73  ? 2.947   -0.324  -13.801 1.00 18.75  ? 73   VAL A O   1 
ATOM   438  C  CB  . VAL A 1 73  ? 5.590   1.712   -13.628 1.00 22.40  ? 73   VAL A CB  1 
ATOM   439  C  CG1 . VAL A 1 73  ? 6.086   0.291   -13.579 1.00 19.68  ? 73   VAL A CG1 1 
ATOM   440  C  CG2 . VAL A 1 73  ? 6.438   2.535   -14.583 1.00 21.50  ? 73   VAL A CG2 1 
ATOM   441  N  N   . PHE A 1 74  ? 3.039   1.046   -12.030 1.00 20.37  ? 74   PHE A N   1 
ATOM   442  C  CA  . PHE A 1 74  ? 2.243   0.151   -11.195 1.00 20.35  ? 74   PHE A CA  1 
ATOM   443  C  C   . PHE A 1 74  ? 0.877   -0.114  -11.826 1.00 21.75  ? 74   PHE A C   1 
ATOM   444  O  O   . PHE A 1 74  ? 0.358   -1.231  -11.782 1.00 20.69  ? 74   PHE A O   1 
ATOM   445  C  CB  . PHE A 1 74  ? 1.992   0.766   -9.819  1.00 22.35  ? 74   PHE A CB  1 
ATOM   446  C  CG  . PHE A 1 74  ? 3.202   0.823   -8.930  1.00 24.62  ? 74   PHE A CG  1 
ATOM   447  C  CD1 . PHE A 1 74  ? 4.320   0.026   -9.168  1.00 25.37  ? 74   PHE A CD1 1 
ATOM   448  C  CD2 . PHE A 1 74  ? 3.176   1.618   -7.787  1.00 24.66  ? 74   PHE A CD2 1 
ATOM   449  C  CE1 . PHE A 1 74  ? 5.405   0.033   -8.278  1.00 26.83  ? 74   PHE A CE1 1 
ATOM   450  C  CE2 . PHE A 1 74  ? 4.242   1.635   -6.898  1.00 25.06  ? 74   PHE A CE2 1 
ATOM   451  C  CZ  . PHE A 1 74  ? 5.361   0.829   -7.137  1.00 24.65  ? 74   PHE A CZ  1 
ATOM   452  N  N   . GLY A 1 75  ? 0.293   0.928   -12.403 1.00 19.17  ? 75   GLY A N   1 
ATOM   453  C  CA  . GLY A 1 75  ? -1.031  0.795   -12.969 1.00 21.81  ? 75   GLY A CA  1 
ATOM   454  C  C   . GLY A 1 75  ? -1.150  0.221   -14.361 1.00 23.79  ? 75   GLY A C   1 
ATOM   455  O  O   . GLY A 1 75  ? -2.157  -0.411  -14.694 1.00 24.15  ? 75   GLY A O   1 
ATOM   456  N  N   . ALA A 1 76  ? -0.119  0.418   -15.168 1.00 21.71  ? 76   ALA A N   1 
ATOM   457  C  CA  . ALA A 1 76  ? -0.138  -0.042  -16.542 1.00 22.89  ? 76   ALA A CA  1 
ATOM   458  C  C   . ALA A 1 76  ? 0.869   -1.124  -16.890 1.00 22.92  ? 76   ALA A C   1 
ATOM   459  O  O   . ALA A 1 76  ? 0.686   -1.828  -17.872 1.00 22.99  ? 76   ALA A O   1 
ATOM   460  C  CB  . ALA A 1 76  ? 0.043   1.145   -17.478 1.00 21.29  ? 76   ALA A CB  1 
ATOM   461  N  N   . ARG A 1 77  ? 1.940   -1.255  -16.118 1.00 22.49  ? 77   ARG A N   1 
ATOM   462  C  CA  . ARG A 1 77  ? 2.929   -2.278  -16.425 1.00 25.23  ? 77   ARG A CA  1 
ATOM   463  C  C   . ARG A 1 77  ? 3.255   -3.091  -15.184 1.00 25.73  ? 77   ARG A C   1 
ATOM   464  O  O   . ARG A 1 77  ? 4.405   -3.228  -14.770 1.00 23.11  ? 77   ARG A O   1 
ATOM   465  C  CB  . ARG A 1 77  ? 4.199   -1.638  -16.994 1.00 23.74  ? 77   ARG A CB  1 
ATOM   466  C  CG  . ARG A 1 77  ? 3.979   -0.873  -18.305 1.00 24.18  ? 77   ARG A CG  1 
ATOM   467  C  CD  . ARG A 1 77  ? 3.876   -1.782  -19.532 1.00 23.39  ? 77   ARG A CD  1 
ATOM   468  N  NE  . ARG A 1 77  ? 3.712   -0.979  -20.746 1.00 24.84  ? 77   ARG A NE  1 
ATOM   469  C  CZ  . ARG A 1 77  ? 3.922   -1.414  -21.983 1.00 22.61  ? 77   ARG A CZ  1 
ATOM   470  N  NH1 . ARG A 1 77  ? 4.315   -2.659  -22.205 1.00 21.82  ? 77   ARG A NH1 1 
ATOM   471  N  NH2 . ARG A 1 77  ? 3.733   -0.596  -23.010 1.00 24.22  ? 77   ARG A NH2 1 
ATOM   472  N  N   . PRO A 1 78  ? 2.221   -3.673  -14.573 1.00 26.93  ? 78   PRO A N   1 
ATOM   473  C  CA  . PRO A 1 78  ? 2.358   -4.479  -13.369 1.00 30.75  ? 78   PRO A CA  1 
ATOM   474  C  C   . PRO A 1 78  ? 3.400   -5.557  -13.433 1.00 31.60  ? 78   PRO A C   1 
ATOM   475  O  O   . PRO A 1 78  ? 4.097   -5.792  -12.464 1.00 32.56  ? 78   PRO A O   1 
ATOM   476  C  CB  . PRO A 1 78  ? 0.968   -5.052  -13.160 1.00 28.01  ? 78   PRO A CB  1 
ATOM   477  C  CG  . PRO A 1 78  ? 0.363   -5.020  -14.427 1.00 29.67  ? 78   PRO A CG  1 
ATOM   478  C  CD  . PRO A 1 78  ? 0.874   -3.824  -15.145 1.00 26.81  ? 78   PRO A CD  1 
ATOM   479  N  N   . LEU A 1 79  ? 3.519   -6.246  -14.560 1.00 34.26  ? 79   LEU A N   1 
ATOM   480  C  CA  . LEU A 1 79  ? 4.485   -7.323  -14.668 1.00 37.20  ? 79   LEU A CA  1 
ATOM   481  C  C   . LEU A 1 79  ? 5.953   -6.899  -14.642 1.00 36.36  ? 79   LEU A C   1 
ATOM   482  O  O   . LEU A 1 79  ? 6.831   -7.744  -14.527 1.00 37.84  ? 79   LEU A O   1 
ATOM   483  C  CB  . LEU A 1 79  ? 4.205   -8.102  -15.946 1.00 41.46  ? 79   LEU A CB  1 
ATOM   484  C  CG  . LEU A 1 79  ? 2.768   -8.597  -16.104 1.00 45.28  ? 79   LEU A CG  1 
ATOM   485  C  CD1 . LEU A 1 79  ? 2.645   -9.267  -17.435 1.00 46.02  ? 79   LEU A CD1 1 
ATOM   486  C  CD2 . LEU A 1 79  ? 2.386   -9.553  -14.993 1.00 45.76  ? 79   LEU A CD2 1 
ATOM   487  N  N   . ALA A 1 80  ? 6.225   -5.602  -14.745 1.00 31.34  ? 80   ALA A N   1 
ATOM   488  C  CA  . ALA A 1 80  ? 7.604   -5.129  -14.746 1.00 27.78  ? 80   ALA A CA  1 
ATOM   489  C  C   . ALA A 1 80  ? 8.107   -4.897  -13.345 1.00 26.87  ? 80   ALA A C   1 
ATOM   490  O  O   . ALA A 1 80  ? 9.299   -4.706  -13.116 1.00 24.34  ? 80   ALA A O   1 
ATOM   491  C  CB  . ALA A 1 80  ? 7.708   -3.839  -15.526 1.00 23.65  ? 80   ALA A CB  1 
ATOM   492  N  N   . VAL A 1 81  ? 7.175   -4.894  -12.404 1.00 27.60  ? 81   VAL A N   1 
ATOM   493  C  CA  . VAL A 1 81  ? 7.512   -4.618  -11.028 1.00 29.70  ? 81   VAL A CA  1 
ATOM   494  C  C   . VAL A 1 81  ? 8.227   -5.767  -10.331 1.00 29.79  ? 81   VAL A C   1 
ATOM   495  O  O   . VAL A 1 81  ? 9.323   -5.592  -9.815  1.00 27.56  ? 81   VAL A O   1 
ATOM   496  C  CB  . VAL A 1 81  ? 6.244   -4.255  -10.258 1.00 31.10  ? 81   VAL A CB  1 
ATOM   497  C  CG1 . VAL A 1 81  ? 6.532   -3.990  -8.847  1.00 34.40  ? 81   VAL A CG1 1 
ATOM   498  C  CG2 . VAL A 1 81  ? 5.588   -3.043  -10.898 1.00 35.33  ? 81   VAL A CG2 1 
ATOM   499  N  N   . GLY A 1 82  ? 7.593   -6.932  -10.297 1.00 31.76  ? 82   GLY A N   1 
ATOM   500  C  CA  . GLY A 1 82  ? 8.221   -8.074  -9.662  1.00 33.48  ? 82   GLY A CA  1 
ATOM   501  C  C   . GLY A 1 82  ? 7.683   -8.361  -8.282  1.00 35.58  ? 82   GLY A C   1 
ATOM   502  O  O   . GLY A 1 82  ? 8.155   -9.259  -7.586  1.00 33.79  ? 82   GLY A O   1 
ATOM   503  N  N   . VAL A 1 83  ? 6.692   -7.582  -7.879  1.00 36.50  ? 83   VAL A N   1 
ATOM   504  C  CA  . VAL A 1 83  ? 6.081   -7.763  -6.580  1.00 37.29  ? 83   VAL A CA  1 
ATOM   505  C  C   . VAL A 1 83  ? 4.635   -7.327  -6.688  1.00 36.69  ? 83   VAL A C   1 
ATOM   506  O  O   . VAL A 1 83  ? 4.310   -6.415  -7.438  1.00 36.54  ? 83   VAL A O   1 
ATOM   507  C  CB  . VAL A 1 83  ? 6.804   -6.944  -5.507  1.00 38.90  ? 83   VAL A CB  1 
ATOM   508  C  CG1 . VAL A 1 83  ? 6.749   -5.483  -5.844  1.00 41.92  ? 83   VAL A CG1 1 
ATOM   509  C  CG2 . VAL A 1 83  ? 6.174   -7.185  -4.165  1.00 42.00  ? 83   VAL A CG2 1 
ATOM   510  N  N   . ASN A 1 84  ? 3.765   -8.003  -5.949  1.00 35.35  ? 84   ASN A N   1 
ATOM   511  C  CA  . ASN A 1 84  ? 2.359   -7.679  -5.972  1.00 35.55  ? 84   ASN A CA  1 
ATOM   512  C  C   . ASN A 1 84  ? 2.125   -6.315  -5.344  1.00 30.57  ? 84   ASN A C   1 
ATOM   513  O  O   . ASN A 1 84  ? 2.694   -5.997  -4.330  1.00 29.97  ? 84   ASN A O   1 
ATOM   514  C  CB  . ASN A 1 84  ? 1.552   -8.696  -5.187  1.00 40.64  ? 84   ASN A CB  1 
ATOM   515  C  CG  . ASN A 1 84  ? 0.091   -8.618  -5.515  1.00 49.15  ? 84   ASN A CG  1 
ATOM   516  O  OD1 . ASN A 1 84  ? -0.768  -8.653  -4.631  1.00 55.67  ? 84   ASN A OD1 1 
ATOM   517  N  ND2 . ASN A 1 84  ? -0.206  -8.506  -6.799  1.00 52.87  ? 84   ASN A ND2 1 
ATOM   518  N  N   . ILE A 1 85  ? 1.247   -5.537  -5.972  1.00 29.66  ? 85   ILE A N   1 
ATOM   519  C  CA  . ILE A 1 85  ? 0.935   -4.214  -5.476  1.00 29.06  ? 85   ILE A CA  1 
ATOM   520  C  C   . ILE A 1 85  ? -0.498  -4.189  -5.025  1.00 29.27  ? 85   ILE A C   1 
ATOM   521  O  O   . ILE A 1 85  ? -1.396  -4.652  -5.704  1.00 26.31  ? 85   ILE A O   1 
ATOM   522  C  CB  . ILE A 1 85  ? 1.079   -3.181  -6.575  1.00 31.69  ? 85   ILE A CB  1 
ATOM   523  C  CG1 . ILE A 1 85  ? 2.518   -3.163  -7.056  1.00 34.68  ? 85   ILE A CG1 1 
ATOM   524  C  CG2 . ILE A 1 85  ? 0.627   -1.819  -6.092  1.00 32.57  ? 85   ILE A CG2 1 
ATOM   525  C  CD1 . ILE A 1 85  ? 2.774   -4.133  -8.074  1.00 42.47  ? 85   ILE A CD1 1 
ATOM   526  N  N   . ILE A 1 86  ? -0.704  -3.616  -3.842  1.00 25.09  ? 86   ILE A N   1 
ATOM   527  C  CA  . ILE A 1 86  ? -2.029  -3.518  -3.305  1.00 25.82  ? 86   ILE A CA  1 
ATOM   528  C  C   . ILE A 1 86  ? -2.294  -2.043  -3.098  1.00 24.47  ? 86   ILE A C   1 
ATOM   529  O  O   . ILE A 1 86  ? -1.572  -1.383  -2.349  1.00 23.16  ? 86   ILE A O   1 
ATOM   530  C  CB  . ILE A 1 86  ? -2.110  -4.220  -1.956  1.00 27.45  ? 86   ILE A CB  1 
ATOM   531  C  CG1 . ILE A 1 86  ? -2.041  -5.738  -2.139  1.00 30.55  ? 86   ILE A CG1 1 
ATOM   532  C  CG2 . ILE A 1 86  ? -3.364  -3.807  -1.258  1.00 29.84  ? 86   ILE A CG2 1 
ATOM   533  C  CD1 . ILE A 1 86  ? -1.760  -6.519  -0.860  1.00 33.17  ? 86   ILE A CD1 1 
ATOM   534  N  N   . ARG A 1 87  ? -3.329  -1.524  -3.741  1.00 20.78  ? 87   ARG A N   1 
ATOM   535  C  CA  . ARG A 1 87  ? -3.656  -0.119  -3.601  1.00 23.18  ? 87   ARG A CA  1 
ATOM   536  C  C   . ARG A 1 87  ? -4.509  0.099   -2.362  1.00 24.89  ? 87   ARG A C   1 
ATOM   537  O  O   . ARG A 1 87  ? -5.585  -0.480  -2.240  1.00 22.30  ? 87   ARG A O   1 
ATOM   538  C  CB  . ARG A 1 87  ? -4.409  0.336   -4.826  1.00 24.91  ? 87   ARG A CB  1 
ATOM   539  C  CG  . ARG A 1 87  ? -4.890  1.742   -4.760  1.00 26.75  ? 87   ARG A CG  1 
ATOM   540  C  CD  . ARG A 1 87  ? -5.631  2.028   -6.028  1.00 31.13  ? 87   ARG A CD  1 
ATOM   541  N  NE  . ARG A 1 87  ? -6.312  3.303   -5.954  1.00 33.35  ? 87   ARG A NE  1 
ATOM   542  C  CZ  . ARG A 1 87  ? -7.250  3.690   -6.806  1.00 34.56  ? 87   ARG A CZ  1 
ATOM   543  N  NH1 . ARG A 1 87  ? -7.622  2.899   -7.800  1.00 33.95  ? 87   ARG A NH1 1 
ATOM   544  N  NH2 . ARG A 1 87  ? -7.826  4.871   -6.652  1.00 33.21  ? 87   ARG A NH2 1 
ATOM   545  N  N   . VAL A 1 88  ? -4.040  0.937   -1.444  1.00 22.27  ? 88   VAL A N   1 
ATOM   546  C  CA  . VAL A 1 88  ? -4.814  1.153   -0.235  1.00 23.10  ? 88   VAL A CA  1 
ATOM   547  C  C   . VAL A 1 88  ? -5.472  2.501   -0.075  1.00 22.82  ? 88   VAL A C   1 
ATOM   548  O  O   . VAL A 1 88  ? -4.945  3.546   -0.456  1.00 22.12  ? 88   VAL A O   1 
ATOM   549  C  CB  . VAL A 1 88  ? -3.995  0.884   1.033   1.00 21.67  ? 88   VAL A CB  1 
ATOM   550  C  CG1 . VAL A 1 88  ? -3.510  -0.539  1.029   1.00 24.73  ? 88   VAL A CG1 1 
ATOM   551  C  CG2 . VAL A 1 88  ? -2.834  1.855   1.133   1.00 20.73  ? 88   VAL A CG2 1 
ATOM   552  N  N   . VAL A 1 89  ? -6.647  2.441   0.525   1.00 22.37  ? 89   VAL A N   1 
ATOM   553  C  CA  . VAL A 1 89  ? -7.430  3.618   0.790   1.00 25.46  ? 89   VAL A CA  1 
ATOM   554  C  C   . VAL A 1 89  ? -7.944  3.598   2.216   1.00 25.20  ? 89   VAL A C   1 
ATOM   555  O  O   . VAL A 1 89  ? -7.731  2.651   2.960   1.00 25.48  ? 89   VAL A O   1 
ATOM   556  C  CB  . VAL A 1 89  ? -8.622  3.722   -0.160  1.00 26.02  ? 89   VAL A CB  1 
ATOM   557  C  CG1 . VAL A 1 89  ? -8.121  3.973   -1.571  1.00 26.69  ? 89   VAL A CG1 1 
ATOM   558  C  CG2 . VAL A 1 89  ? -9.463  2.451   -0.098  1.00 26.24  ? 89   VAL A CG2 1 
ATOM   559  N  N   . ASP A 1 90  ? -8.639  4.667   2.563   1.00 23.58  ? 90   ASP A N   1 
ATOM   560  C  CA  . ASP A 1 90  ? -9.225  4.838   3.871   1.00 26.09  ? 90   ASP A CA  1 
ATOM   561  C  C   . ASP A 1 90  ? -8.188  4.954   4.955   1.00 28.01  ? 90   ASP A C   1 
ATOM   562  O  O   . ASP A 1 90  ? -8.440  4.580   6.092   1.00 27.95  ? 90   ASP A O   1 
ATOM   563  C  CB  . ASP A 1 90  ? -10.172 3.691   4.209   1.00 27.06  ? 90   ASP A CB  1 
ATOM   564  C  CG  . ASP A 1 90  ? -11.388 3.661   3.314   1.00 29.65  ? 90   ASP A CG  1 
ATOM   565  O  OD1 . ASP A 1 90  ? -11.787 4.733   2.808   1.00 32.10  ? 90   ASP A OD1 1 
ATOM   566  O  OD2 . ASP A 1 90  ? -11.958 2.568   3.132   1.00 31.22  ? 90   ASP A OD2 1 
ATOM   567  N  N   . VAL A 1 91  ? -7.001  5.447   4.604   1.00 26.36  ? 91   VAL A N   1 
ATOM   568  C  CA  . VAL A 1 91  ? -5.974  5.638   5.611   1.00 28.67  ? 91   VAL A CA  1 
ATOM   569  C  C   . VAL A 1 91  ? -6.386  6.954   6.258   1.00 29.07  ? 91   VAL A C   1 
ATOM   570  O  O   . VAL A 1 91  ? -6.631  7.941   5.574   1.00 26.54  ? 91   VAL A O   1 
ATOM   571  C  CB  . VAL A 1 91  ? -4.590  5.763   4.998   1.00 28.74  ? 91   VAL A CB  1 
ATOM   572  C  CG1 . VAL A 1 91  ? -3.597  6.117   6.081   1.00 28.03  ? 91   VAL A CG1 1 
ATOM   573  C  CG2 . VAL A 1 91  ? -4.196  4.442   4.328   1.00 28.40  ? 91   VAL A CG2 1 
ATOM   574  N  N   . PRO A 1 92  ? -6.446  6.994   7.591   1.00 30.34  ? 92   PRO A N   1 
ATOM   575  C  CA  . PRO A 1 92  ? -6.841  8.250   8.228   1.00 31.90  ? 92   PRO A CA  1 
ATOM   576  C  C   . PRO A 1 92  ? -5.956  9.398   7.851   1.00 33.02  ? 92   PRO A C   1 
ATOM   577  O  O   . PRO A 1 92  ? -4.751  9.302   7.989   1.00 33.30  ? 92   PRO A O   1 
ATOM   578  C  CB  . PRO A 1 92  ? -6.778  7.930   9.719   1.00 31.72  ? 92   PRO A CB  1 
ATOM   579  C  CG  . PRO A 1 92  ? -6.817  6.507   9.804   1.00 32.19  ? 92   PRO A CG  1 
ATOM   580  C  CD  . PRO A 1 92  ? -6.211  5.933   8.581   1.00 31.39  ? 92   PRO A CD  1 
ATOM   581  N  N   . GLY A 1 93  ? -6.558  10.482  7.357   1.00 33.59  ? 93   GLY A N   1 
ATOM   582  C  CA  . GLY A 1 93  ? -5.785  11.652  6.976   1.00 34.97  ? 93   GLY A CA  1 
ATOM   583  C  C   . GLY A 1 93  ? -5.332  11.629  5.531   1.00 34.86  ? 93   GLY A C   1 
ATOM   584  O  O   . GLY A 1 93  ? -4.707  12.571  5.059   1.00 37.56  ? 93   GLY A O   1 
ATOM   585  N  N   . GLN A 1 94  ? -5.649  10.556  4.819   1.00 34.07  ? 94   GLN A N   1 
ATOM   586  C  CA  . GLN A 1 94  ? -5.248  10.438  3.424   1.00 32.52  ? 94   GLN A CA  1 
ATOM   587  C  C   . GLN A 1 94  ? -5.816  11.548  2.533   1.00 31.70  ? 94   GLN A C   1 
ATOM   588  O  O   . GLN A 1 94  ? -6.999  11.859  2.599   1.00 32.31  ? 94   GLN A O   1 
ATOM   589  C  CB  . GLN A 1 94  ? -5.668  9.069   2.895   1.00 30.98  ? 94   GLN A CB  1 
ATOM   590  C  CG  . GLN A 1 94  ? -5.251  8.779   1.467   1.00 29.36  ? 94   GLN A CG  1 
ATOM   591  C  CD  . GLN A 1 94  ? -5.495  7.326   1.095   1.00 31.83  ? 94   GLN A CD  1 
ATOM   592  O  OE1 . GLN A 1 94  ? -6.099  6.574   1.862   1.00 29.64  ? 94   GLN A OE1 1 
ATOM   593  N  NE2 . GLN A 1 94  ? -5.028  6.924   -0.078  1.00 28.85  ? 94   GLN A NE2 1 
ATOM   594  N  N   . GLN A 1 95  ? -4.949  12.144  1.711   1.00 32.98  ? 95   GLN A N   1 
ATOM   595  C  CA  . GLN A 1 95  ? -5.329  13.201  0.763   1.00 35.11  ? 95   GLN A CA  1 
ATOM   596  C  C   . GLN A 1 95  ? -4.848  12.738  -0.592  1.00 32.20  ? 95   GLN A C   1 
ATOM   597  O  O   . GLN A 1 95  ? -3.772  13.121  -1.048  1.00 28.94  ? 95   GLN A O   1 
ATOM   598  C  CB  . GLN A 1 95  ? -4.633  14.510  1.061   1.00 41.97  ? 95   GLN A CB  1 
ATOM   599  C  CG  . GLN A 1 95  ? -4.794  14.953  2.462   1.00 55.72  ? 95   GLN A CG  1 
ATOM   600  C  CD  . GLN A 1 95  ? -4.262  16.338  2.665   1.00 63.01  ? 95   GLN A CD  1 
ATOM   601  O  OE1 . GLN A 1 95  ? -3.050  16.567  2.637   1.00 66.65  ? 95   GLN A OE1 1 
ATOM   602  N  NE2 . GLN A 1 95  ? -5.167  17.287  2.855   1.00 67.79  ? 95   GLN A NE2 1 
ATOM   603  N  N   . PRO A 1 96  ? -5.652  11.909  -1.254  1.00 30.04  ? 96   PRO A N   1 
ATOM   604  C  CA  . PRO A 1 96  ? -5.353  11.351  -2.565  1.00 29.44  ? 96   PRO A CA  1 
ATOM   605  C  C   . PRO A 1 96  ? -4.961  12.299  -3.666  1.00 30.09  ? 96   PRO A C   1 
ATOM   606  O  O   . PRO A 1 96  ? -5.519  13.391  -3.823  1.00 27.90  ? 96   PRO A O   1 
ATOM   607  C  CB  . PRO A 1 96  ? -6.629  10.618  -2.942  1.00 29.21  ? 96   PRO A CB  1 
ATOM   608  C  CG  . PRO A 1 96  ? -7.243  10.284  -1.660  1.00 32.19  ? 96   PRO A CG  1 
ATOM   609  C  CD  . PRO A 1 96  ? -6.975  11.476  -0.791  1.00 30.04  ? 96   PRO A CD  1 
ATOM   610  N  N   . SER A 1 97  ? -4.013  11.821  -4.460  1.00 30.15  ? 97   SER A N   1 
ATOM   611  C  CA  . SER A 1 97  ? -3.544  12.538  -5.623  1.00 30.01  ? 97   SER A CA  1 
ATOM   612  C  C   . SER A 1 97  ? -4.413  12.030  -6.751  1.00 29.73  ? 97   SER A C   1 
ATOM   613  O  O   . SER A 1 97  ? -4.468  10.829  -7.009  1.00 27.11  ? 97   SER A O   1 
ATOM   614  C  CB  . SER A 1 97  ? -2.094  12.200  -5.931  1.00 32.13  ? 97   SER A CB  1 
ATOM   615  O  OG  . SER A 1 97  ? -1.839  12.379  -7.314  1.00 30.07  ? 97   SER A OG  1 
ATOM   616  N  N   . ALA A 1 98  ? -5.100  12.950  -7.413  1.00 27.51  ? 98   ALA A N   1 
ATOM   617  C  CA  . ALA A 1 98  ? -5.968  12.584  -8.514  1.00 28.30  ? 98   ALA A CA  1 
ATOM   618  C  C   . ALA A 1 98  ? -5.172  11.938  -9.639  1.00 27.06  ? 98   ALA A C   1 
ATOM   619  O  O   . ALA A 1 98  ? -5.664  11.048  -10.323 1.00 26.39  ? 98   ALA A O   1 
ATOM   620  C  CB  . ALA A 1 98  ? -6.683  13.806  -9.025  1.00 28.61  ? 98   ALA A CB  1 
ATOM   621  N  N   . LEU A 1 99  ? -3.944  12.399  -9.831  1.00 25.29  ? 99   LEU A N   1 
ATOM   622  C  CA  . LEU A 1 99  ? -3.095  11.859  -10.876 1.00 25.75  ? 99   LEU A CA  1 
ATOM   623  C  C   . LEU A 1 99  ? -2.757  10.407  -10.565 1.00 25.70  ? 99   LEU A C   1 
ATOM   624  O  O   . LEU A 1 99  ? -2.936  9.518   -11.401 1.00 23.51  ? 99   LEU A O   1 
ATOM   625  C  CB  . LEU A 1 99  ? -1.818  12.684  -10.989 1.00 26.39  ? 99   LEU A CB  1 
ATOM   626  C  CG  . LEU A 1 99  ? -0.758  12.151  -11.955 1.00 27.84  ? 99   LEU A CG  1 
ATOM   627  C  CD1 . LEU A 1 99  ? -1.317  12.096  -13.356 1.00 28.87  ? 99   LEU A CD1 1 
ATOM   628  C  CD2 . LEU A 1 99  ? 0.462   13.042  -11.917 1.00 27.33  ? 99   LEU A CD2 1 
ATOM   629  N  N   . VAL A 1 100 ? -2.270  10.162  -9.355  1.00 23.52  ? 100  VAL A N   1 
ATOM   630  C  CA  . VAL A 1 100 ? -1.922  8.804   -8.964  1.00 24.87  ? 100  VAL A CA  1 
ATOM   631  C  C   . VAL A 1 100 ? -3.155  7.905   -9.019  1.00 26.02  ? 100  VAL A C   1 
ATOM   632  O  O   . VAL A 1 100 ? -3.109  6.795   -9.548  1.00 23.85  ? 100  VAL A O   1 
ATOM   633  C  CB  . VAL A 1 100 ? -1.310  8.777   -7.554  1.00 26.18  ? 100  VAL A CB  1 
ATOM   634  C  CG1 . VAL A 1 100 ? -1.164  7.348   -7.060  1.00 24.43  ? 100  VAL A CG1 1 
ATOM   635  C  CG2 . VAL A 1 100 ? 0.053   9.450   -7.583  1.00 25.48  ? 100  VAL A CG2 1 
ATOM   636  N  N   . ASP A 1 101 ? -4.272  8.378   -8.479  1.00 25.65  ? 101  ASP A N   1 
ATOM   637  C  CA  . ASP A 1 101 ? -5.478  7.566   -8.501  1.00 25.51  ? 101  ASP A CA  1 
ATOM   638  C  C   . ASP A 1 101 ? -5.848  7.141   -9.916  1.00 25.01  ? 101  ASP A C   1 
ATOM   639  O  O   . ASP A 1 101 ? -6.269  6.015   -10.143 1.00 26.21  ? 101  ASP A O   1 
ATOM   640  C  CB  . ASP A 1 101 ? -6.657  8.328   -7.926  1.00 26.53  ? 101  ASP A CB  1 
ATOM   641  C  CG  . ASP A 1 101 ? -6.554  8.514   -6.433  1.00 27.85  ? 101  ASP A CG  1 
ATOM   642  O  OD1 . ASP A 1 101 ? -5.638  7.949   -5.803  1.00 25.07  ? 101  ASP A OD1 1 
ATOM   643  O  OD2 . ASP A 1 101 ? -7.415  9.231   -5.900  1.00 31.20  ? 101  ASP A OD2 1 
ATOM   644  N  N   . ALA A 1 102 ? -5.718  8.065   -10.860 1.00 23.34  ? 102  ALA A N   1 
ATOM   645  C  CA  . ALA A 1 102 ? -6.058  7.773   -12.237 1.00 24.67  ? 102  ALA A CA  1 
ATOM   646  C  C   . ALA A 1 102 ? -5.096  6.740   -12.797 1.00 25.52  ? 102  ALA A C   1 
ATOM   647  O  O   . ALA A 1 102 ? -5.495  5.786   -13.465 1.00 22.76  ? 102  ALA A O   1 
ATOM   648  C  CB  . ALA A 1 102 ? -5.992  9.036   -13.066 1.00 24.41  ? 102  ALA A CB  1 
ATOM   649  N  N   . GLU A 1 103 ? -3.821  6.957   -12.517 1.00 24.78  ? 103  GLU A N   1 
ATOM   650  C  CA  . GLU A 1 103 ? -2.772  6.075   -12.976 1.00 28.07  ? 103  GLU A CA  1 
ATOM   651  C  C   . GLU A 1 103 ? -2.943  4.664   -12.455 1.00 28.47  ? 103  GLU A C   1 
ATOM   652  O  O   . GLU A 1 103 ? -2.633  3.704   -13.145 1.00 28.24  ? 103  GLU A O   1 
ATOM   653  C  CB  . GLU A 1 103 ? -1.434  6.609   -12.519 1.00 29.61  ? 103  GLU A CB  1 
ATOM   654  C  CG  . GLU A 1 103 ? -1.165  7.968   -13.056 1.00 36.88  ? 103  GLU A CG  1 
ATOM   655  C  CD  . GLU A 1 103 ? -0.486  7.904   -14.383 1.00 42.39  ? 103  GLU A CD  1 
ATOM   656  O  OE1 . GLU A 1 103 ? -0.995  7.206   -15.285 1.00 45.28  ? 103  GLU A OE1 1 
ATOM   657  O  OE2 . GLU A 1 103 ? 0.569   8.551   -14.514 1.00 45.38  ? 103  GLU A OE2 1 
ATOM   658  N  N   . LEU A 1 104 ? -3.425  4.545   -11.223 1.00 27.24  ? 104  LEU A N   1 
ATOM   659  C  CA  . LEU A 1 104 ? -3.621  3.239   -10.614 1.00 28.72  ? 104  LEU A CA  1 
ATOM   660  C  C   . LEU A 1 104 ? -5.037  2.729   -10.768 1.00 32.93  ? 104  LEU A C   1 
ATOM   661  O  O   . LEU A 1 104 ? -5.434  1.807   -10.059 1.00 35.02  ? 104  LEU A O   1 
ATOM   662  C  CB  . LEU A 1 104 ? -3.341  3.300   -9.124  1.00 27.73  ? 104  LEU A CB  1 
ATOM   663  C  CG  . LEU A 1 104 ? -2.044  3.928   -8.633  1.00 25.38  ? 104  LEU A CG  1 
ATOM   664  C  CD1 . LEU A 1 104 ? -2.065  4.061   -7.137  1.00 24.82  ? 104  LEU A CD1 1 
ATOM   665  C  CD2 . LEU A 1 104 ? -0.890  3.077   -9.052  1.00 26.68  ? 104  LEU A CD2 1 
ATOM   666  N  N   . GLY A 1 105 ? -5.811  3.315   -11.668 1.00 31.63  ? 105  GLY A N   1 
ATOM   667  C  CA  . GLY A 1 105 ? -7.194  2.889   -11.803 1.00 33.81  ? 105  GLY A CA  1 
ATOM   668  C  C   . GLY A 1 105 ? -7.496  1.407   -11.973 1.00 34.85  ? 105  GLY A C   1 
ATOM   669  O  O   . GLY A 1 105 ? -8.553  0.934   -11.561 1.00 36.35  ? 105  GLY A O   1 
ATOM   670  N  N   . ALA A 1 106 ? -6.590  0.662   -12.583 1.00 33.19  ? 106  ALA A N   1 
ATOM   671  C  CA  . ALA A 1 106 ? -6.861  -0.747  -12.788 1.00 33.19  ? 106  ALA A CA  1 
ATOM   672  C  C   . ALA A 1 106 ? -6.669  -1.572  -11.525 1.00 33.96  ? 106  ALA A C   1 
ATOM   673  O  O   . ALA A 1 106 ? -6.984  -2.762  -11.503 1.00 33.70  ? 106  ALA A O   1 
ATOM   674  C  CB  . ALA A 1 106 ? -5.997  -1.288  -13.912 1.00 31.96  ? 106  ALA A CB  1 
ATOM   675  N  N   . LEU A 1 107 ? -6.150  -0.942  -10.475 1.00 33.69  ? 107  LEU A N   1 
ATOM   676  C  CA  . LEU A 1 107 ? -5.957  -1.644  -9.215  1.00 36.05  ? 107  LEU A CA  1 
ATOM   677  C  C   . LEU A 1 107 ? -7.141  -1.425  -8.322  1.00 36.63  ? 107  LEU A C   1 
ATOM   678  O  O   . LEU A 1 107 ? -7.614  -0.306  -8.148  1.00 34.13  ? 107  LEU A O   1 
ATOM   679  C  CB  . LEU A 1 107 ? -4.722  -1.163  -8.467  1.00 36.80  ? 107  LEU A CB  1 
ATOM   680  C  CG  . LEU A 1 107 ? -3.386  -1.634  -8.997  1.00 39.91  ? 107  LEU A CG  1 
ATOM   681  C  CD1 . LEU A 1 107 ? -3.321  -1.387  -10.487 1.00 42.51  ? 107  LEU A CD1 1 
ATOM   682  C  CD2 . LEU A 1 107 ? -2.275  -0.905  -8.281  1.00 41.41  ? 107  LEU A CD2 1 
ATOM   683  N  N   . HIS A 1 108 ? -7.590  -2.529  -7.756  1.00 40.32  ? 108  HIS A N   1 
ATOM   684  C  CA  . HIS A 1 108 ? -8.718  -2.572  -6.849  1.00 46.16  ? 108  HIS A CA  1 
ATOM   685  C  C   . HIS A 1 108 ? -8.332  -1.933  -5.513  1.00 43.29  ? 108  HIS A C   1 
ATOM   686  O  O   . HIS A 1 108 ? -7.343  -2.313  -4.898  1.00 39.88  ? 108  HIS A O   1 
ATOM   687  C  CB  . HIS A 1 108 ? -9.098  -4.035  -6.667  1.00 57.88  ? 108  HIS A CB  1 
ATOM   688  C  CG  . HIS A 1 108 ? -10.365 -4.258  -5.920  1.00 73.82  ? 108  HIS A CG  1 
ATOM   689  N  ND1 . HIS A 1 108 ? -11.046 -5.463  -5.970  1.00 80.99  ? 108  HIS A ND1 1 
ATOM   690  C  CD2 . HIS A 1 108 ? -11.072 -3.476  -5.070  1.00 80.72  ? 108  HIS A CD2 1 
ATOM   691  C  CE1 . HIS A 1 108 ? -12.102 -5.407  -5.193  1.00 85.05  ? 108  HIS A CE1 1 
ATOM   692  N  NE2 . HIS A 1 108 ? -12.144 -4.205  -4.630  1.00 85.01  ? 108  HIS A NE2 1 
ATOM   693  N  N   . GLU A 1 109 ? -9.122  -0.947  -5.093  1.00 39.80  ? 109  GLU A N   1 
ATOM   694  C  CA  . GLU A 1 109 ? -8.901  -0.234  -3.842  1.00 39.53  ? 109  GLU A CA  1 
ATOM   695  C  C   . GLU A 1 109 ? -9.157  -1.144  -2.660  1.00 37.80  ? 109  GLU A C   1 
ATOM   696  O  O   . GLU A 1 109 ? -10.212 -1.762  -2.567  1.00 38.40  ? 109  GLU A O   1 
ATOM   697  C  CB  . GLU A 1 109 ? -9.853  0.946   -3.717  1.00 45.00  ? 109  GLU A CB  1 
ATOM   698  C  CG  . GLU A 1 109 ? -9.733  1.973   -4.804  1.00 53.37  ? 109  GLU A CG  1 
ATOM   699  C  CD  . GLU A 1 109 ? -10.648 3.157   -4.581  1.00 58.79  ? 109  GLU A CD  1 
ATOM   700  O  OE1 . GLU A 1 109 ? -10.892 3.505   -3.406  1.00 62.99  ? 109  GLU A OE1 1 
ATOM   701  O  OE2 . GLU A 1 109 ? -11.107 3.746   -5.577  1.00 61.63  ? 109  GLU A OE2 1 
ATOM   702  N  N   . VAL A 1 110 ? -8.208  -1.208  -1.741  1.00 32.86  ? 110  VAL A N   1 
ATOM   703  C  CA  . VAL A 1 110 ? -8.387  -2.039  -0.580  1.00 30.51  ? 110  VAL A CA  1 
ATOM   704  C  C   . VAL A 1 110 ? -8.364  -1.142  0.638   1.00 27.36  ? 110  VAL A C   1 
ATOM   705  O  O   . VAL A 1 110 ? -7.541  -0.237  0.725   1.00 23.92  ? 110  VAL A O   1 
ATOM   706  C  CB  . VAL A 1 110 ? -7.290  -3.068  -0.503  1.00 31.39  ? 110  VAL A CB  1 
ATOM   707  C  CG1 . VAL A 1 110 ? -7.312  -3.756  0.835   1.00 34.30  ? 110  VAL A CG1 1 
ATOM   708  C  CG2 . VAL A 1 110 ? -7.474  -4.062  -1.628  1.00 34.94  ? 110  VAL A CG2 1 
ATOM   709  N  N   . SER A 1 111 ? -9.271  -1.379  1.574   1.00 26.22  ? 111  SER A N   1 
ATOM   710  C  CA  . SER A 1 111 ? -9.304  -0.530  2.748   1.00 23.98  ? 111  SER A CA  1 
ATOM   711  C  C   . SER A 1 111 ? -8.232  -0.879  3.758   1.00 25.28  ? 111  SER A C   1 
ATOM   712  O  O   . SER A 1 111 ? -8.122  -2.008  4.224   1.00 22.06  ? 111  SER A O   1 
ATOM   713  C  CB  . SER A 1 111 ? -10.674 -0.552  3.418   1.00 26.68  ? 111  SER A CB  1 
ATOM   714  O  OG  . SER A 1 111 ? -10.616 0.088   4.676   1.00 27.90  ? 111  SER A OG  1 
HETATM 715  N  N   . MSE A 1 112 ? -7.431  0.123   4.093   1.00 24.65  ? 112  MSE A N   1 
HETATM 716  C  CA  . MSE A 1 112 ? -6.361  -0.074  5.045   1.00 25.62  ? 112  MSE A CA  1 
HETATM 717  C  C   . MSE A 1 112 ? -6.906  -0.471  6.411   1.00 24.61  ? 112  MSE A C   1 
HETATM 718  O  O   . MSE A 1 112 ? -6.236  -1.138  7.182   1.00 23.46  ? 112  MSE A O   1 
HETATM 719  C  CB  . MSE A 1 112 ? -5.545  1.192   5.203   1.00 29.89  ? 112  MSE A CB  1 
HETATM 720  C  CG  . MSE A 1 112 ? -4.313  0.991   6.070   1.00 38.29  ? 112  MSE A CG  1 
HETATM 721  SE SE  . MSE A 1 112 ? -2.885  0.135   5.032   1.00 47.60  ? 112  MSE A SE  1 
HETATM 722  C  CE  . MSE A 1 112 ? -2.004  -1.020  6.349   1.00 46.22  ? 112  MSE A CE  1 
ATOM   723  N  N   . VAL A 1 113 ? -8.122  -0.037  6.706   1.00 22.49  ? 113  VAL A N   1 
ATOM   724  C  CA  . VAL A 1 113 ? -8.746  -0.363  7.980   1.00 25.68  ? 113  VAL A CA  1 
ATOM   725  C  C   . VAL A 1 113 ? -8.955  -1.885  8.075   1.00 26.30  ? 113  VAL A C   1 
ATOM   726  O  O   . VAL A 1 113 ? -8.722  -2.501  9.107   1.00 27.40  ? 113  VAL A O   1 
ATOM   727  C  CB  . VAL A 1 113 ? -10.071 0.352   8.118   1.00 24.88  ? 113  VAL A CB  1 
ATOM   728  C  CG1 . VAL A 1 113 ? -10.814 -0.151  9.345   1.00 27.24  ? 113  VAL A CG1 1 
ATOM   729  C  CG2 . VAL A 1 113 ? -9.826  1.846   8.219   1.00 26.98  ? 113  VAL A CG2 1 
ATOM   730  N  N   . ARG A 1 114 ? -9.407  -2.461  6.971   1.00 24.85  ? 114  ARG A N   1 
ATOM   731  C  CA  . ARG A 1 114 ? -9.618  -3.900  6.944   1.00 27.06  ? 114  ARG A CA  1 
ATOM   732  C  C   . ARG A 1 114 ? -8.286  -4.595  7.073   1.00 24.10  ? 114  ARG A C   1 
ATOM   733  O  O   . ARG A 1 114 ? -8.186  -5.572  7.808   1.00 21.76  ? 114  ARG A O   1 
ATOM   734  C  CB  . ARG A 1 114 ? -10.293 -4.274  5.628   1.00 29.75  ? 114  ARG A CB  1 
ATOM   735  C  CG  . ARG A 1 114 ? -10.219 -5.736  5.282   1.00 39.08  ? 114  ARG A CG  1 
ATOM   736  C  CD  . ARG A 1 114 ? -11.428 -6.502  5.676   1.00 47.09  ? 114  ARG A CD  1 
ATOM   737  N  NE  . ARG A 1 114 ? -11.904 -6.126  6.996   1.00 55.81  ? 114  ARG A NE  1 
ATOM   738  C  CZ  . ARG A 1 114 ? -11.861 -6.937  8.043   1.00 58.28  ? 114  ARG A CZ  1 
ATOM   739  N  NH1 . ARG A 1 114 ? -11.367 -8.155  7.909   1.00 59.71  ? 114  ARG A NH1 1 
ATOM   740  N  NH2 . ARG A 1 114 ? -12.335 -6.531  9.213   1.00 58.13  ? 114  ARG A NH2 1 
ATOM   741  N  N   . VAL A 1 115 ? -7.252  -4.105  6.400   1.00 21.91  ? 115  VAL A N   1 
ATOM   742  C  CA  . VAL A 1 115 ? -5.936  -4.709  6.495   1.00 20.30  ? 115  VAL A CA  1 
ATOM   743  C  C   . VAL A 1 115 ? -5.428  -4.707  7.937   1.00 21.62  ? 115  VAL A C   1 
ATOM   744  O  O   . VAL A 1 115 ? -4.978  -5.724  8.458   1.00 21.28  ? 115  VAL A O   1 
ATOM   745  C  CB  . VAL A 1 115 ? -4.931  -3.926  5.613   1.00 19.89  ? 115  VAL A CB  1 
ATOM   746  C  CG1 . VAL A 1 115 ? -3.513  -4.365  5.909   1.00 19.96  ? 115  VAL A CG1 1 
ATOM   747  C  CG2 . VAL A 1 115 ? -5.261  -4.141  4.148   1.00 18.66  ? 115  VAL A CG2 1 
ATOM   748  N  N   . LEU A 1 116 ? -5.506  -3.552  8.584   1.00 21.66  ? 116  LEU A N   1 
ATOM   749  C  CA  . LEU A 1 116 ? -5.043  -3.433  9.954   1.00 21.43  ? 116  LEU A CA  1 
ATOM   750  C  C   . LEU A 1 116 ? -5.841  -4.323  10.902  1.00 23.23  ? 116  LEU A C   1 
ATOM   751  O  O   . LEU A 1 116 ? -5.285  -4.917  11.819  1.00 21.27  ? 116  LEU A O   1 
ATOM   752  C  CB  . LEU A 1 116 ? -5.135  -1.980  10.399  1.00 23.77  ? 116  LEU A CB  1 
ATOM   753  C  CG  . LEU A 1 116 ? -4.125  -1.098  9.670   1.00 25.48  ? 116  LEU A CG  1 
ATOM   754  C  CD1 . LEU A 1 116 ? -4.423  0.354   9.946   1.00 28.28  ? 116  LEU A CD1 1 
ATOM   755  C  CD2 . LEU A 1 116 ? -2.712  -1.441  10.118  1.00 27.23  ? 116  LEU A CD2 1 
ATOM   756  N  N   . ASN A 1 117 ? -7.149  -4.389  10.672  1.00 22.84  ? 117  ASN A N   1 
ATOM   757  C  CA  . ASN A 1 117 ? -8.029  -5.212  11.481  1.00 22.45  ? 117  ASN A CA  1 
ATOM   758  C  C   . ASN A 1 117 ? -7.540  -6.651  11.450  1.00 24.71  ? 117  ASN A C   1 
ATOM   759  O  O   . ASN A 1 117 ? -7.376  -7.289  12.482  1.00 23.86  ? 117  ASN A O   1 
ATOM   760  C  CB  . ASN A 1 117 ? -9.446  -5.180  10.920  1.00 21.53  ? 117  ASN A CB  1 
ATOM   761  C  CG  . ASN A 1 117 ? -10.208 -3.933  11.310  1.00 21.41  ? 117  ASN A CG  1 
ATOM   762  O  OD1 . ASN A 1 117 ? -11.339 -3.740  10.871  1.00 26.16  ? 117  ASN A OD1 1 
ATOM   763  N  ND2 . ASN A 1 117 ? -9.609  -3.093  12.136  1.00 20.27  ? 117  ASN A ND2 1 
ATOM   764  N  N   . ASP A 1 118 ? -7.328  -7.159  10.246  1.00 23.80  ? 118  ASP A N   1 
ATOM   765  C  CA  . ASP A 1 118 ? -6.884  -8.532  10.074  1.00 26.02  ? 118  ASP A CA  1 
ATOM   766  C  C   . ASP A 1 118 ? -5.597  -8.831  10.808  1.00 25.85  ? 118  ASP A C   1 
ATOM   767  O  O   . ASP A 1 118 ? -5.475  -9.845  11.489  1.00 24.67  ? 118  ASP A O   1 
ATOM   768  C  CB  . ASP A 1 118 ? -6.698  -8.858  8.591   1.00 27.40  ? 118  ASP A CB  1 
ATOM   769  C  CG  . ASP A 1 118 ? -8.012  -8.931  7.848   1.00 30.88  ? 118  ASP A CG  1 
ATOM   770  O  OD1 . ASP A 1 118 ? -9.032  -9.283  8.481   1.00 30.65  ? 118  ASP A OD1 1 
ATOM   771  O  OD2 . ASP A 1 118 ? -8.022  -8.655  6.630   1.00 31.56  ? 118  ASP A OD2 1 
ATOM   772  N  N   . ILE A 1 119 ? -4.623  -7.948  10.663  1.00 24.83  ? 119  ILE A N   1 
ATOM   773  C  CA  . ILE A 1 119 ? -3.341  -8.155  11.308  1.00 25.56  ? 119  ILE A CA  1 
ATOM   774  C  C   . ILE A 1 119 ? -3.457  -8.090  12.822  1.00 25.18  ? 119  ILE A C   1 
ATOM   775  O  O   . ILE A 1 119 ? -2.826  -8.860  13.531  1.00 23.83  ? 119  ILE A O   1 
ATOM   776  C  CB  . ILE A 1 119 ? -2.326  -7.121  10.826  1.00 27.17  ? 119  ILE A CB  1 
ATOM   777  C  CG1 . ILE A 1 119 ? -2.075  -7.324  9.324   1.00 28.99  ? 119  ILE A CG1 1 
ATOM   778  C  CG2 . ILE A 1 119 ? -1.044  -7.251  11.618  1.00 25.64  ? 119  ILE A CG2 1 
ATOM   779  C  CD1 . ILE A 1 119 ? -1.355  -6.177  8.635   1.00 32.66  ? 119  ILE A CD1 1 
ATOM   780  N  N   . ALA A 1 120 ? -4.274  -7.167  13.312  1.00 23.32  ? 120  ALA A N   1 
ATOM   781  C  CA  . ALA A 1 120 ? -4.448  -7.025  14.746  1.00 25.18  ? 120  ALA A CA  1 
ATOM   782  C  C   . ALA A 1 120 ? -5.173  -8.246  15.286  1.00 24.20  ? 120  ALA A C   1 
ATOM   783  O  O   . ALA A 1 120 ? -4.812  -8.779  16.330  1.00 23.00  ? 120  ALA A O   1 
ATOM   784  C  CB  . ALA A 1 120 ? -5.242  -5.771  15.062  1.00 23.28  ? 120  ALA A CB  1 
ATOM   785  N  N   . ASP A 1 121 ? -6.201  -8.684  14.570  1.00 24.13  ? 121  ASP A N   1 
ATOM   786  C  CA  . ASP A 1 121 ? -6.972  -9.840  15.014  1.00 25.85  ? 121  ASP A CA  1 
ATOM   787  C  C   . ASP A 1 121 ? -6.107  -11.088 15.051  1.00 26.84  ? 121  ASP A C   1 
ATOM   788  O  O   . ASP A 1 121 ? -6.216  -11.903 15.963  1.00 25.80  ? 121  ASP A O   1 
ATOM   789  C  CB  . ASP A 1 121 ? -8.154  -10.107 14.090  1.00 24.51  ? 121  ASP A CB  1 
ATOM   790  C  CG  . ASP A 1 121 ? -9.235  -9.050  14.197  1.00 24.76  ? 121  ASP A CG  1 
ATOM   791  O  OD1 . ASP A 1 121 ? -9.232  -8.273  15.171  1.00 23.56  ? 121  ASP A OD1 1 
ATOM   792  O  OD2 . ASP A 1 121 ? -10.102 -9.014  13.301  1.00 23.90  ? 121  ASP A OD2 1 
ATOM   793  N  N   . GLU A 1 122 ? -5.242  -11.248 14.063  1.00 27.22  ? 122  GLU A N   1 
ATOM   794  C  CA  . GLU A 1 122 ? -4.415  -12.443 14.033  1.00 30.14  ? 122  GLU A CA  1 
ATOM   795  C  C   . GLU A 1 122 ? -3.395  -12.416 15.150  1.00 30.01  ? 122  GLU A C   1 
ATOM   796  O  O   . GLU A 1 122 ? -2.956  -13.455 15.642  1.00 28.88  ? 122  GLU A O   1 
ATOM   797  C  CB  . GLU A 1 122 ? -3.738  -12.566 12.675  1.00 32.42  ? 122  GLU A CB  1 
ATOM   798  C  CG  . GLU A 1 122 ? -2.778  -13.725 12.545  1.00 39.02  ? 122  GLU A CG  1 
ATOM   799  C  CD  . GLU A 1 122 ? -3.372  -15.086 12.922  1.00 42.78  ? 122  GLU A CD  1 
ATOM   800  O  OE1 . GLU A 1 122 ? -4.574  -15.337 12.672  1.00 43.83  ? 122  GLU A OE1 1 
ATOM   801  O  OE2 . GLU A 1 122 ? -2.604  -15.918 13.452  1.00 45.74  ? 122  GLU A OE2 1 
ATOM   802  N  N   . GLN A 1 123 ? -3.043  -11.214 15.571  1.00 30.48  ? 123  GLN A N   1 
ATOM   803  C  CA  . GLN A 1 123 ? -2.085  -11.057 16.632  1.00 32.20  ? 123  GLN A CA  1 
ATOM   804  C  C   . GLN A 1 123 ? -2.709  -11.488 17.972  1.00 29.31  ? 123  GLN A C   1 
ATOM   805  O  O   . GLN A 1 123 ? -2.023  -12.034 18.829  1.00 27.22  ? 123  GLN A O   1 
ATOM   806  C  CB  . GLN A 1 123 ? -1.601  -9.606  16.647  1.00 38.51  ? 123  GLN A CB  1 
ATOM   807  C  CG  . GLN A 1 123 ? -0.611  -9.280  17.731  1.00 49.56  ? 123  GLN A CG  1 
ATOM   808  C  CD  . GLN A 1 123 ? 0.473   -10.337 17.898  1.00 55.23  ? 123  GLN A CD  1 
ATOM   809  O  OE1 . GLN A 1 123 ? 0.845   -10.665 19.022  1.00 58.00  ? 123  GLN A OE1 1 
ATOM   810  N  NE2 . GLN A 1 123 ? 0.987   -10.866 16.788  1.00 57.41  ? 123  GLN A NE2 1 
ATOM   811  N  N   . LEU A 1 124 ? -4.011  -11.263 18.140  1.00 25.64  ? 124  LEU A N   1 
ATOM   812  C  CA  . LEU A 1 124 ? -4.710  -11.675 19.358  1.00 25.99  ? 124  LEU A CA  1 
ATOM   813  C  C   . LEU A 1 124 ? -4.675  -13.193 19.447  1.00 26.79  ? 124  LEU A C   1 
ATOM   814  O  O   . LEU A 1 124 ? -4.544  -13.780 20.512  1.00 26.84  ? 124  LEU A O   1 
ATOM   815  C  CB  . LEU A 1 124 ? -6.177  -11.262 19.321  1.00 25.28  ? 124  LEU A CB  1 
ATOM   816  C  CG  . LEU A 1 124 ? -6.524  -9.782  19.332  1.00 25.55  ? 124  LEU A CG  1 
ATOM   817  C  CD1 . LEU A 1 124 ? -8.035  -9.580  19.339  1.00 25.65  ? 124  LEU A CD1 1 
ATOM   818  C  CD2 . LEU A 1 124 ? -5.892  -9.155  20.547  1.00 26.65  ? 124  LEU A CD2 1 
ATOM   819  N  N   . VAL A 1 125 ? -4.826  -13.813 18.289  1.00 26.91  ? 125  VAL A N   1 
ATOM   820  C  CA  . VAL A 1 125 ? -4.836  -15.261 18.185  1.00 30.02  ? 125  VAL A CA  1 
ATOM   821  C  C   . VAL A 1 125 ? -3.493  -15.803 18.635  1.00 32.92  ? 125  VAL A C   1 
ATOM   822  O  O   . VAL A 1 125 ? -3.394  -16.766 19.400  1.00 33.57  ? 125  VAL A O   1 
ATOM   823  C  CB  . VAL A 1 125 ? -5.022  -15.668 16.757  1.00 28.33  ? 125  VAL A CB  1 
ATOM   824  C  CG1 . VAL A 1 125 ? -4.828  -17.159 16.610  1.00 31.33  ? 125  VAL A CG1 1 
ATOM   825  C  CG2 . VAL A 1 125 ? -6.383  -15.248 16.295  1.00 29.42  ? 125  VAL A CG2 1 
ATOM   826  N  N   . LYS A 1 126 ? -2.476  -15.172 18.080  1.00 35.91  ? 126  LYS A N   1 
ATOM   827  C  CA  . LYS A 1 126 ? -1.107  -15.541 18.369  1.00 38.75  ? 126  LYS A CA  1 
ATOM   828  C  C   . LYS A 1 126 ? -0.794  -15.309 19.803  1.00 35.58  ? 126  LYS A C   1 
ATOM   829  O  O   . LYS A 1 126 ? -0.089  -16.096 20.404  1.00 32.53  ? 126  LYS A O   1 
ATOM   830  C  CB  . LYS A 1 126 ? -0.124  -14.716 17.537  1.00 47.24  ? 126  LYS A CB  1 
ATOM   831  C  CG  . LYS A 1 126 ? -0.197  -15.065 16.070  1.00 62.13  ? 126  LYS A CG  1 
ATOM   832  C  CD  . LYS A 1 126 ? 1.059   -14.720 15.266  1.00 73.65  ? 126  LYS A CD  1 
ATOM   833  C  CE  . LYS A 1 126 ? 1.089   -15.537 13.961  1.00 79.18  ? 126  LYS A CE  1 
ATOM   834  N  NZ  . LYS A 1 126 ? 2.069   -15.023 12.976  1.00 82.57  ? 126  LYS A NZ  1 
ATOM   835  N  N   . ALA A 1 127 ? -1.297  -14.226 20.377  1.00 31.69  ? 127  ALA A N   1 
ATOM   836  C  CA  . ALA A 1 127 ? -1.012  -13.940 21.763  1.00 32.24  ? 127  ALA A CA  1 
ATOM   837  C  C   . ALA A 1 127 ? -1.762  -14.894 22.672  1.00 34.02  ? 127  ALA A C   1 
ATOM   838  O  O   . ALA A 1 127 ? -1.360  -15.124 23.806  1.00 32.84  ? 127  ALA A O   1 
ATOM   839  C  CB  . ALA A 1 127 ? -1.379  -12.518 22.081  1.00 30.39  ? 127  ALA A CB  1 
ATOM   840  N  N   . ASN A 1 128 ? -2.864  -15.441 22.180  1.00 39.76  ? 128  ASN A N   1 
ATOM   841  C  CA  . ASN A 1 128 ? -3.647  -16.346 22.996  1.00 48.49  ? 128  ASN A CA  1 
ATOM   842  C  C   . ASN A 1 128 ? -3.119  -17.771 22.995  1.00 55.53  ? 128  ASN A C   1 
ATOM   843  O  O   . ASN A 1 128 ? -3.608  -18.585 23.757  1.00 54.77  ? 128  ASN A O   1 
ATOM   844  C  CB  . ASN A 1 128 ? -5.109  -16.366 22.533  1.00 45.15  ? 128  ASN A CB  1 
ATOM   845  C  CG  . ASN A 1 128 ? -6.080  -16.689 23.667  1.00 47.33  ? 128  ASN A CG  1 
ATOM   846  O  OD1 . ASN A 1 128 ? -5.911  -16.212 24.788  1.00 48.18  ? 128  ASN A OD1 1 
ATOM   847  N  ND2 . ASN A 1 128 ? -7.113  -17.485 23.371  1.00 45.71  ? 128  ASN A ND2 1 
HETATM 848  N  N   . MSE A 1 129 ? -2.131  -18.112 22.171  1.00 61.53  ? 129  MSE A N   1 
HETATM 849  C  CA  . MSE A 1 129 ? -1.726  -19.512 22.213  1.00 71.03  ? 129  MSE A CA  1 
HETATM 850  C  C   . MSE A 1 129 ? -1.078  -19.999 23.496  1.00 70.50  ? 129  MSE A C   1 
HETATM 851  O  O   . MSE A 1 129 ? -1.499  -19.577 24.594  1.00 75.99  ? 129  MSE A O   1 
HETATM 852  O  OXT . MSE A 1 129 ? -0.176  -20.845 23.368  1.00 76.55  ? 129  MSE A OXT 1 
HETATM 853  C  CB  . MSE A 1 129 ? -0.839  -19.932 21.036  1.00 85.73  ? 129  MSE A CB  1 
HETATM 854  C  CG  . MSE A 1 129 ? -0.120  -18.886 20.234  1.00 94.40  ? 129  MSE A CG  1 
HETATM 855  SE SE  . MSE A 1 129 ? -0.266  -19.526 18.435  1.00 99.84  ? 129  MSE A SE  1 
HETATM 856  C  CE  . MSE A 1 129 ? -2.014  -20.289 18.723  1.00 104.95 ? 129  MSE A CE  1 
HETATM 857  O  O   . HOH B 2 .   ? -4.370  4.969   -2.753  1.00 26.41  ? 3001 HOH A O   1 
HETATM 858  O  O   . HOH B 2 .   ? 5.507   10.591  -3.859  1.00 24.62  ? 3002 HOH A O   1 
HETATM 859  O  O   . HOH B 2 .   ? -1.471  3.695   -15.650 1.00 24.51  ? 3003 HOH A O   1 
HETATM 860  O  O   . HOH B 2 .   ? -2.867  -3.889  12.927  1.00 25.37  ? 3004 HOH A O   1 
HETATM 861  O  O   . HOH B 2 .   ? 11.949  7.721   -4.269  1.00 36.16  ? 3005 HOH A O   1 
HETATM 862  O  O   . HOH B 2 .   ? 2.082   1.451   -21.582 1.00 34.81  ? 3006 HOH A O   1 
HETATM 863  O  O   . HOH B 2 .   ? 7.689   8.539   -10.450 1.00 24.85  ? 3007 HOH A O   1 
HETATM 864  O  O   . HOH B 2 .   ? 2.229   2.141   -24.344 1.00 29.12  ? 3008 HOH A O   1 
HETATM 865  O  O   . HOH B 2 .   ? 4.405   3.528   10.712  1.00 32.93  ? 3009 HOH A O   1 
HETATM 866  O  O   . HOH B 2 .   ? -4.016  -7.205  18.404  1.00 31.49  ? 3010 HOH A O   1 
HETATM 867  O  O   . HOH B 2 .   ? -0.273  -3.629  11.462  1.00 35.46  ? 3011 HOH A O   1 
HETATM 868  O  O   . HOH B 2 .   ? 2.400   -5.582  -17.023 1.00 31.67  ? 3012 HOH A O   1 
HETATM 869  O  O   . HOH B 2 .   ? -5.421  -13.450 23.134  1.00 41.58  ? 3013 HOH A O   1 
HETATM 870  O  O   . HOH B 2 .   ? -5.126  15.775  -6.337  1.00 38.49  ? 3014 HOH A O   1 
HETATM 871  O  O   . HOH B 2 .   ? -4.411  1.494   -14.096 1.00 38.15  ? 3015 HOH A O   1 
HETATM 872  O  O   . HOH B 2 .   ? 7.458   11.001  -12.011 1.00 35.18  ? 3016 HOH A O   1 
HETATM 873  O  O   . HOH B 2 .   ? -5.247  -3.213  -4.973  1.00 34.27  ? 3017 HOH A O   1 
HETATM 874  O  O   . HOH B 2 .   ? 6.059   14.078  2.108   1.00 40.40  ? 3018 HOH A O   1 
HETATM 875  O  O   . HOH B 2 .   ? -1.345  -3.880  -18.268 1.00 41.63  ? 3019 HOH A O   1 
HETATM 876  O  O   . HOH B 2 .   ? -8.020  -0.766  11.866  1.00 38.16  ? 3020 HOH A O   1 
HETATM 877  O  O   . HOH B 2 .   ? -6.848  6.237   -3.978  1.00 32.93  ? 3021 HOH A O   1 
HETATM 878  O  O   . HOH B 2 .   ? -9.023  8.271   4.277   1.00 36.52  ? 3022 HOH A O   1 
HETATM 879  O  O   . HOH B 2 .   ? 5.002   -8.176  -11.347 1.00 45.48  ? 3023 HOH A O   1 
HETATM 880  O  O   . HOH B 2 .   ? -7.956  -6.490  16.639  1.00 34.47  ? 3024 HOH A O   1 
HETATM 881  O  O   . HOH B 2 .   ? 8.882   9.675   3.513   1.00 38.92  ? 3025 HOH A O   1 
HETATM 882  O  O   . HOH B 2 .   ? -13.344 -0.678  5.567   1.00 47.06  ? 3026 HOH A O   1 
HETATM 883  O  O   . HOH B 2 .   ? -2.318  2.882   12.615  1.00 40.28  ? 3027 HOH A O   1 
HETATM 884  O  O   . HOH B 2 .   ? 3.275   -5.324  -9.852  1.00 41.46  ? 3028 HOH A O   1 
HETATM 885  O  O   . HOH B 2 .   ? 3.246   -4.833  3.027   1.00 43.59  ? 3029 HOH A O   1 
HETATM 886  O  O   . HOH B 2 .   ? -0.088  -8.985  21.120  1.00 44.04  ? 3030 HOH A O   1 
HETATM 887  O  O   . HOH B 2 .   ? -6.339  -6.081  18.939  1.00 52.49  ? 3031 HOH A O   1 
HETATM 888  O  O   . HOH B 2 .   ? -2.852  8.602   9.796   1.00 45.52  ? 3032 HOH A O   1 
HETATM 889  O  O   . HOH B 2 .   ? 12.748  4.215   0.831   1.00 41.24  ? 3033 HOH A O   1 
HETATM 890  O  O   . HOH B 2 .   ? 5.132   8.139   9.256   1.00 40.63  ? 3034 HOH A O   1 
HETATM 891  O  O   . HOH B 2 .   ? -10.604 5.372   7.456   1.00 41.85  ? 3035 HOH A O   1 
HETATM 892  O  O   . HOH B 2 .   ? 4.407   -10.466 -4.648  1.00 41.41  ? 3036 HOH A O   1 
HETATM 893  O  O   . HOH B 2 .   ? 6.185   13.595  5.136   1.00 50.01  ? 3038 HOH A O   1 
HETATM 894  O  O   . HOH B 2 .   ? 9.169   -11.572 -8.437  1.00 51.61  ? 3040 HOH A O   1 
HETATM 895  O  O   . HOH B 2 .   ? -7.522  4.930   -15.069 1.00 40.28  ? 3041 HOH A O   1 
HETATM 896  O  O   . HOH B 2 .   ? -3.184  15.362  -8.775  1.00 40.07  ? 3042 HOH A O   1 
HETATM 897  O  O   . HOH B 2 .   ? 6.293   -10.874 -12.239 1.00 49.82  ? 3043 HOH A O   1 
HETATM 898  O  O   . HOH B 2 .   ? 11.718  -1.217  5.813   1.00 53.80  ? 3044 HOH A O   1 
HETATM 899  O  O   . HOH B 2 .   ? 4.670   0.327   14.184  1.00 53.88  ? 3045 HOH A O   1 
HETATM 900  O  O   . HOH B 2 .   ? 9.464   12.411  -2.874  1.00 50.98  ? 3046 HOH A O   1 
HETATM 901  O  O   . HOH B 2 .   ? 3.388   15.065  -12.011 1.00 44.89  ? 3047 HOH A O   1 
HETATM 902  O  O   . HOH B 2 .   ? 0.945   3.606   14.963  1.00 51.22  ? 3048 HOH A O   1 
HETATM 903  O  O   . HOH B 2 .   ? 11.103  11.070  0.390   1.00 49.82  ? 3049 HOH A O   1 
HETATM 904  O  O   . HOH B 2 .   ? -7.346  14.852  6.927   1.00 50.01  ? 3050 HOH A O   1 
HETATM 905  O  O   . HOH B 2 .   ? -9.568  9.116   -3.969  1.00 41.19  ? 3051 HOH A O   1 
HETATM 906  O  O   . HOH B 2 .   ? 7.842   7.573   7.752   1.00 50.02  ? 3052 HOH A O   1 
HETATM 907  O  O   . HOH B 2 .   ? 3.808   18.066  2.819   1.00 47.91  ? 3053 HOH A O   1 
HETATM 908  O  O   . HOH B 2 .   ? -9.311  10.752  -7.825  1.00 43.59  ? 3054 HOH A O   1 
HETATM 909  O  O   . HOH B 2 .   ? 6.245   -14.062 -3.191  1.00 57.00  ? 3055 HOH A O   1 
HETATM 910  O  O   . HOH B 2 .   ? 3.447   15.397  -1.148  1.00 40.31  ? 3056 HOH A O   1 
HETATM 911  O  O   . HOH B 2 .   ? -10.507 2.576   -9.083  1.00 53.70  ? 3057 HOH A O   1 
HETATM 912  O  O   . HOH B 2 .   ? -13.932 -4.673  7.172   1.00 50.94  ? 3058 HOH A O   1 
HETATM 913  O  O   . HOH B 2 .   ? -4.829  -18.892 19.747  1.00 47.69  ? 3059 HOH A O   1 
HETATM 914  O  O   . HOH B 2 .   ? -5.665  -17.703 26.812  1.00 58.39  ? 3060 HOH A O   1 
HETATM 915  O  O   . HOH B 2 .   ? -0.633  9.630   10.934  1.00 55.55  ? 3061 HOH A O   1 
HETATM 916  O  O   . HOH B 2 .   ? -8.232  14.598  -0.363  1.00 56.91  ? 3062 HOH A O   1 
HETATM 917  O  O   . HOH B 2 .   ? -13.242 -0.272  -0.513  1.00 66.80  ? 3063 HOH A O   1 
HETATM 918  O  O   . HOH B 2 .   ? 6.031   15.350  -12.847 1.00 56.24  ? 3064 HOH A O   1 
HETATM 919  O  O   . HOH B 2 .   ? -10.446 6.708   -7.575  1.00 56.52  ? 3065 HOH A O   1 
HETATM 920  O  O   . HOH B 2 .   ? -3.195  -22.170 23.425  1.00 49.63  ? 3068 HOH A O   1 
HETATM 921  O  O   . HOH B 2 .   ? 8.015   4.323   8.844   1.00 45.92  ? 3069 HOH A O   1 
HETATM 922  O  O   . HOH B 2 .   ? -0.543  -10.487 12.528  1.00 46.03  ? 3070 HOH A O   1 
HETATM 923  O  O   . HOH B 2 .   ? 11.435  9.930   -9.768  1.00 38.43  ? 3071 HOH A O   1 
HETATM 924  O  O   . HOH B 2 .   ? -9.623  4.100   -13.709 1.00 49.25  ? 3074 HOH A O   1 
HETATM 925  O  O   . HOH B 2 .   ? 1.121   -15.369 24.525  1.00 49.37  ? 3076 HOH A O   1 
HETATM 926  O  O   . HOH B 2 .   ? -6.129  -5.518  -12.443 1.00 53.81  ? 3077 HOH A O   1 
HETATM 927  O  O   . HOH B 2 .   ? -11.755 5.902   -1.713  1.00 53.93  ? 3078 HOH A O   1 
HETATM 928  O  O   . HOH B 2 .   ? -8.415  -20.831 -0.535  1.00 57.59  ? 3080 HOH A O   1 
HETATM 929  O  O   . HOH B 2 .   ? 9.938   15.206  -5.565  1.00 57.97  ? 3082 HOH A O   1 
HETATM 930  O  O   . HOH B 2 .   ? -9.097  11.633  4.605   1.00 56.32  ? 3083 HOH A O   1 
HETATM 931  O  O   . HOH B 2 .   ? 9.036   -3.315  -0.719  1.00 50.43  ? 3085 HOH A O   1 
HETATM 932  O  O   . HOH B 2 .   ? -11.096 -16.822 8.679   1.00 47.39  ? 3086 HOH A O   1 
HETATM 933  O  O   . HOH B 2 .   ? -12.236 7.546   3.332   1.00 50.50  ? 3087 HOH A O   1 
HETATM 934  O  O   . HOH B 2 .   ? 4.989   -4.919  11.894  1.00 51.82  ? 3088 HOH A O   1 
HETATM 935  O  O   . HOH B 2 .   ? -7.425  -18.484 20.769  1.00 32.55  ? 3089 HOH A O   1 
HETATM 936  O  O   . HOH B 2 .   ? -2.652  -7.730  20.510  1.00 42.99  ? 3090 HOH A O   1 
HETATM 937  O  O   . HOH B 2 .   ? -9.647  1.766   -14.639 1.00 41.33  ? 3091 HOH A O   1 
HETATM 938  O  O   . HOH B 2 .   ? -4.076  -1.556  14.227  1.00 40.99  ? 3092 HOH A O   1 
HETATM 939  O  O   . HOH B 2 .   ? 7.195   -0.573  12.433  1.00 57.14  ? 3093 HOH A O   1 
HETATM 940  O  O   . HOH B 2 .   ? 9.555   -4.150  4.788   1.00 52.37  ? 3094 HOH A O   1 
HETATM 941  O  O   . HOH B 2 .   ? 6.218   5.608   10.006  1.00 46.98  ? 3095 HOH A O   1 
HETATM 942  O  O   . HOH B 2 .   ? -8.807  7.270   -2.400  1.00 58.33  ? 3096 HOH A O   1 
HETATM 943  O  O   . HOH B 2 .   ? 0.813   -3.674  -10.403 1.00 52.29  ? 3097 HOH A O   1 
HETATM 944  O  O   . HOH B 2 .   ? -4.297  1.358   13.542  1.00 49.66  ? 3098 HOH A O   1 
HETATM 945  O  O   . HOH B 2 .   ? -1.773  5.012   14.340  1.00 44.57  ? 3099 HOH A O   1 
HETATM 946  O  O   . HOH B 2 .   ? 9.656   -5.716  -1.653  1.00 55.08  ? 3100 HOH A O   1 
HETATM 947  O  O   . HOH B 2 .   ? 9.003   9.654   6.225   1.00 45.22  ? 3101 HOH A O   1 
HETATM 948  O  O   . HOH B 2 .   ? 2.733   -16.252 1.914   1.00 55.62  ? 3102 HOH A O   1 
HETATM 949  O  O   . HOH B 2 .   ? -10.785 5.440   9.920   1.00 43.39  ? 3103 HOH A O   1 
HETATM 950  O  O   . HOH B 2 .   ? 1.830   -9.828  11.138  1.00 48.28  ? 3104 HOH A O   1 
HETATM 951  O  O   . HOH B 2 .   ? 1.845   -4.791  10.306  1.00 62.11  ? 3105 HOH A O   1 
HETATM 952  O  O   . HOH B 2 .   ? 4.185   -12.872 -6.565  1.00 48.34  ? 3106 HOH A O   1 
HETATM 953  O  O   . HOH B 2 .   ? 4.829   12.652  8.684   1.00 65.41  ? 3107 HOH A O   1 
HETATM 954  O  O   . HOH B 2 .   ? -0.548  19.245  3.241   1.00 60.70  ? 3108 HOH A O   1 
HETATM 955  O  O   . HOH B 2 .   ? -16.927 -14.934 -1.284  1.00 68.78  ? 3109 HOH A O   1 
HETATM 956  O  O   . HOH B 2 .   ? -9.132  7.187   1.108   1.00 42.73  ? 3110 HOH A O   1 
HETATM 957  O  O   . HOH B 2 .   ? 12.245  -4.653  6.125   1.00 59.81  ? 3111 HOH A O   1 
HETATM 958  O  O   . HOH B 2 .   ? 5.468   20.262  7.175   1.00 50.42  ? 3112 HOH A O   1 
HETATM 959  O  O   . HOH B 2 .   ? -7.468  -18.492 8.263   1.00 69.59  ? 3113 HOH A O   1 
HETATM 960  O  O   . HOH B 2 .   ? -8.504  -7.080  2.171   1.00 54.61  ? 3114 HOH A O   1 
HETATM 961  O  O   . HOH B 2 .   ? -1.692  -16.535 10.134  1.00 51.31  ? 3115 HOH A O   1 
HETATM 962  O  O   . HOH B 2 .   ? 8.446   -4.009  8.970   1.00 63.61  ? 3116 HOH A O   1 
HETATM 963  O  O   . HOH B 2 .   ? -3.445  2.999   -17.662 1.00 51.35  ? 3117 HOH A O   1 
HETATM 964  O  O   . HOH B 2 .   ? -10.267 13.494  -7.359  1.00 53.45  ? 3118 HOH A O   1 
HETATM 965  O  O   . HOH B 2 .   ? -14.305 -5.422  4.436   1.00 61.77  ? 3119 HOH A O   1 
HETATM 966  O  O   . HOH B 2 .   ? -11.215 -3.555  1.640   1.00 43.45  ? 3120 HOH A O   1 
HETATM 967  O  O   . HOH B 2 .   ? -13.937 -15.001 -1.137  1.00 56.68  ? 3121 HOH A O   1 
HETATM 968  O  O   . HOH B 2 .   ? -4.531  -21.140 18.328  1.00 61.41  ? 3122 HOH A O   1 
HETATM 969  O  O   . HOH B 2 .   ? -9.258  5.354   -11.007 1.00 57.19  ? 3123 HOH A O   1 
HETATM 970  O  O   . HOH B 2 .   ? -14.935 0.600   7.133   1.00 51.21  ? 3124 HOH A O   1 
HETATM 971  O  O   . HOH B 2 .   ? 8.708   -13.194 -12.667 1.00 62.26  ? 3125 HOH A O   1 
HETATM 972  O  O   . HOH B 2 .   ? -1.277  -8.029  -9.207  1.00 55.63  ? 3126 HOH A O   1 
HETATM 973  O  O   . HOH B 2 .   ? -0.808  -16.112 7.091   1.00 51.05  ? 3127 HOH A O   1 
HETATM 974  O  O   . HOH B 2 .   ? -13.211 -3.137  3.517   1.00 55.36  ? 3128 HOH A O   1 
HETATM 975  O  O   . HOH B 2 .   ? -0.902  12.532  7.026   1.00 57.80  ? 3129 HOH A O   1 
HETATM 976  O  O   . HOH B 2 .   ? 6.086   16.870  3.723   1.00 69.13  ? 3130 HOH A O   1 
HETATM 977  O  O   . HOH B 2 .   ? -5.213  -21.173 22.497  1.00 62.45  ? 3131 HOH A O   1 
HETATM 978  O  O   . HOH B 2 .   ? -3.279  -25.518 22.513  1.00 55.20  ? 3132 HOH A O   1 
HETATM 979  O  O   . HOH B 2 .   ? 4.489   -5.979  14.187  1.00 63.49  ? 3133 HOH A O   1 
HETATM 980  O  O   . HOH B 2 .   ? -0.446  -12.472 10.717  1.00 62.61  ? 3134 HOH A O   1 
HETATM 981  O  O   . HOH B 2 .   ? -12.761 -10.133 4.285   1.00 72.84  ? 3135 HOH A O   1 
HETATM 982  O  O   . HOH B 2 .   ? 9.170   -2.416  11.127  1.00 74.87  ? 3136 HOH A O   1 
HETATM 983  O  O   . HOH B 2 .   ? -1.972  -5.347  17.477  1.00 52.31  ? 3137 HOH A O   1 
HETATM 984  O  O   . HOH B 2 .   ? 3.818   3.382   13.670  1.00 54.82  ? 3138 HOH A O   1 
HETATM 985  O  O   . HOH B 2 .   ? 3.599   -16.963 24.447  1.00 74.06  ? 3139 HOH A O   1 
HETATM 986  O  O   . HOH B 2 .   ? -11.748 -0.165  -6.991  1.00 52.22  ? 3140 HOH A O   1 
HETATM 987  O  O   . HOH B 2 .   ? 0.612   -9.234  7.316   1.00 59.51  ? 3141 HOH A O   1 
HETATM 988  O  O   . HOH B 2 .   ? -13.585 3.336   -0.059  1.00 69.14  ? 3142 HOH A O   1 
HETATM 989  O  O   . HOH B 2 .   ? 0.927   -10.307 -8.733  1.00 72.17  ? 3143 HOH A O   1 
HETATM 990  O  O   . HOH B 2 .   ? 2.568   17.943  -2.187  1.00 64.85  ? 3144 HOH A O   1 
HETATM 991  O  O   . HOH B 2 .   ? 3.991   -18.747 16.039  1.00 67.51  ? 3145 HOH A O   1 
HETATM 992  O  O   . HOH B 2 .   ? 20.380  -0.968  0.013   1.00 58.41  ? 3146 HOH A O   1 
HETATM 993  O  O   . HOH B 2 .   ? 5.319   -2.598  15.047  1.00 63.63  ? 3147 HOH A O   1 
HETATM 994  O  O   . HOH B 2 .   ? 16.580  -2.259  2.699   1.00 67.06  ? 3149 HOH A O   1 
HETATM 995  O  O   . HOH B 2 .   ? 1.944   20.214  1.198   1.00 52.18  ? 3150 HOH A O   1 
HETATM 996  O  O   . HOH B 2 .   ? -2.062  -2.928  -12.345 1.00 82.86  ? 3151 HOH A O   1 
HETATM 997  O  O   . HOH B 2 .   ? -3.710  17.612  -0.567  1.00 54.82  ? 3152 HOH A O   1 
HETATM 998  O  O   . HOH B 2 .   ? -4.464  15.939  -3.161  1.00 73.41  ? 3153 HOH A O   1 
HETATM 999  O  O   . HOH B 2 .   ? -3.296  -7.481  -5.529  1.00 53.98  ? 3154 HOH A O   1 
HETATM 1000 O  O   . HOH B 2 .   ? 12.632  -5.081  0.814   1.00 81.93  ? 3155 HOH A O   1 
HETATM 1001 O  O   . HOH B 2 .   ? -10.988 -22.058 -0.936  1.00 56.38  ? 3156 HOH A O   1 
HETATM 1002 O  O   . HOH B 2 .   ? -4.897  15.431  6.141   1.00 68.06  ? 3157 HOH A O   1 
HETATM 1003 O  O   . HOH B 2 .   ? -7.039  -13.140 -0.516  1.00 57.99  ? 3158 HOH A O   1 
HETATM 1004 O  O   . HOH B 2 .   ? -11.572 -5.426  -0.965  1.00 53.83  ? 3159 HOH A O   1 
HETATM 1005 O  O   . HOH B 2 .   ? 1.953   -7.554  8.979   1.00 50.02  ? 3160 HOH A O   1 
HETATM 1006 O  O   . HOH B 2 .   ? -10.832 -9.102  5.448   1.00 66.61  ? 3161 HOH A O   1 
HETATM 1007 O  O   . HOH B 2 .   ? 7.212   -6.562  3.039   1.00 59.60  ? 3162 HOH A O   1 
HETATM 1008 O  O   . HOH B 2 .   ? 0.800   -7.000  14.971  1.00 52.28  ? 3163 HOH A O   1 
HETATM 1009 O  O   . HOH B 2 .   ? -1.267  19.040  -1.065  1.00 57.50  ? 3164 HOH A O   1 
HETATM 1010 O  O   . HOH B 2 .   ? -17.010 -4.021  4.052   1.00 59.40  ? 3165 HOH A O   1 
HETATM 1011 O  O   . HOH B 2 .   ? -2.255  -20.468 7.502   1.00 47.73  ? 3166 HOH A O   1 
HETATM 1012 O  O   . HOH B 2 .   ? -0.439  2.012   -24.499 1.00 49.60  ? 3167 HOH A O   1 
HETATM 1013 O  O   . HOH B 2 .   ? -13.740 -21.626 0.946   1.00 60.48  ? 3168 HOH A O   1 
HETATM 1014 O  O   . HOH B 2 .   ? 4.517   17.277  -12.812 1.00 80.85  ? 3169 HOH A O   1 
HETATM 1015 O  O   . HOH B 2 .   ? -5.079  -21.449 15.723  1.00 68.56  ? 3170 HOH A O   1 
HETATM 1016 O  O   . HOH B 2 .   ? 3.332   20.927  10.074  1.00 63.66  ? 3171 HOH A O   1 
HETATM 1017 O  O   . HOH B 2 .   ? 0.726   -6.314  -9.012  1.00 65.97  ? 3172 HOH A O   1 
HETATM 1018 O  O   . HOH B 2 .   ? -12.709 -18.631 7.349   1.00 68.83  ? 3173 HOH A O   1 
HETATM 1019 O  O   . HOH B 2 .   ? 1.526   -3.609  15.250  1.00 63.70  ? 3174 HOH A O   1 
HETATM 1020 O  O   . HOH B 2 .   ? -12.850 -20.208 -1.363  1.00 65.04  ? 3175 HOH A O   1 
HETATM 1021 O  O   . HOH B 2 .   ? 9.271   13.584  2.128   1.00 59.75  ? 3176 HOH A O   1 
HETATM 1022 O  O   . HOH B 2 .   ? 1.006   -11.619 8.596   1.00 63.87  ? 3177 HOH A O   1 
HETATM 1023 O  O   . HOH B 2 .   ? 9.506   13.428  -9.311  1.00 49.08  ? 3178 HOH A O   1 
HETATM 1024 O  O   . HOH B 2 .   ? 15.820  13.651  -5.604  1.00 61.94  ? 3179 HOH A O   1 
HETATM 1025 O  O   . HOH B 2 .   ? -3.178  13.623  6.831   1.00 68.40  ? 3180 HOH A O   1 
HETATM 1026 O  O   . HOH B 2 .   ? -6.659  -17.952 11.674  1.00 66.91  ? 3181 HOH A O   1 
HETATM 1027 O  O   . HOH B 2 .   ? 9.680   -8.189  -2.934  1.00 65.87  ? 3182 HOH A O   1 
HETATM 1028 O  O   . HOH B 2 .   ? 2.082   -18.716 12.729  1.00 71.37  ? 3183 HOH A O   1 
HETATM 1029 O  O   . HOH B 2 .   ? 5.666   -8.606  14.586  1.00 69.66  ? 3184 HOH A O   1 
HETATM 1030 O  O   . HOH B 2 .   ? -2.917  17.979  -9.241  1.00 66.86  ? 3185 HOH A O   1 
HETATM 1031 O  O   . HOH B 2 .   ? -7.883  -14.027 -2.952  1.00 65.47  ? 3186 HOH A O   1 
HETATM 1032 O  O   . HOH B 2 .   ? -5.347  -6.620  -3.996  1.00 55.00  ? 3187 HOH A O   1 
HETATM 1033 O  O   . HOH B 2 .   ? -8.661  0.480   14.181  1.00 63.12  ? 3188 HOH A O   1 
HETATM 1034 O  O   . HOH B 2 .   ? 4.868   -13.501 -13.072 1.00 60.05  ? 3189 HOH A O   1 
HETATM 1035 O  O   . HOH B 2 .   ? -9.359  -8.970  -0.127  1.00 53.87  ? 3190 HOH A O   1 
HETATM 1036 O  O   . HOH B 2 .   ? 11.104  -0.644  11.359  1.00 65.70  ? 3191 HOH A O   1 
HETATM 1037 O  O   . HOH B 2 .   ? 4.936   -7.838  4.424   1.00 62.88  ? 3192 HOH A O   1 
HETATM 1038 O  O   . HOH B 2 .   ? 21.173  0.957   -4.403  1.00 56.57  ? 3193 HOH A O   1 
HETATM 1039 O  O   . HOH B 2 .   ? 4.796   16.841  -4.663  1.00 60.02  ? 3194 HOH A O   1 
HETATM 1040 O  O   . HOH B 2 .   ? -5.034  -10.062 -7.684  1.00 60.58  ? 3195 HOH A O   1 
HETATM 1041 O  O   . HOH B 2 .   ? 4.829   -15.023 3.251   1.00 70.80  ? 3196 HOH A O   1 
HETATM 1042 O  O   . HOH B 2 .   ? -11.465 -13.786 -2.757  1.00 61.88  ? 3197 HOH A O   1 
HETATM 1043 O  O   . HOH B 2 .   ? -2.451  -19.265 4.289   1.00 59.04  ? 3198 HOH A O   1 
HETATM 1044 O  O   . HOH B 2 .   ? -3.673  -20.620 10.190  1.00 63.91  ? 3199 HOH A O   1 
# 
